data_5A2G
#
_entry.id   5A2G
#
_cell.length_a   62.050
_cell.length_b   241.830
_cell.length_c   83.580
_cell.angle_alpha   90.00
_cell.angle_beta   90.00
_cell.angle_gamma   90.00
#
_symmetry.space_group_name_H-M   'P 1 21 1'
#
loop_
_entity.id
_entity.type
_entity.pdbx_description
1 polymer 'CARBOXYLIC ESTER HYDROLASE'
2 non-polymer 'PHOSPHATE ION'
3 water water
#
_entity_poly.entity_id   1
_entity_poly.type   'polypeptide(L)'
_entity_poly.pdbx_seq_one_letter_code
;MAKQFLYDNLPVVETKAGKLRGYQWEGTYIFKGIRYARANRFQLPEEVEPWEGVKEAASYGFVCPMLTRDHPQGELLVPH
RYWPQDEDCLSLNIWSQSLDRSAKKPVMFWIHGGAFSMGSSIEQKAYNGENMSRYGDVVVVTVNHRLNILGYLDLSPYGE
RYAGSANAGQADLVAALKWVRDNIEAFGGDPDNVTIFGQSGGGMKVSGLMQTPEADGLFHRAMIMSGVAGDVLPYSTGDS
RPLIQAMLKELGLAEQEAGRLETVPYYDLAAAYNRVSPAIARAGGYIGCTPRPDDFYKGEGPAVGFTDHAKTIPVMVGTV
FGEFAMMPLPFNKETISEAELDEILDKRFQGHGKELKTVFAEAYPGKSPVDLLTLDTIFRGPTKEFVRSLAAAGGSVYSY
LFALEFPYQNQKTAWHCSDIPFIFHNTELVPVTNIPEISDKLEKQMFDAVIHFVETGDPNHLGIPQWPVSTEDREATMIF
DRVCTVRFNFDDYLLELYKKALPNLTLANITQEDNQIQHALE
;
_entity_poly.pdbx_strand_id   A,B,C,D
#
# COMPACT_ATOMS: atom_id res chain seq x y z
N ALA A 2 -15.82 -8.87 49.79
CA ALA A 2 -17.28 -8.81 49.81
C ALA A 2 -17.79 -7.54 49.12
N LYS A 3 -18.31 -7.68 47.91
CA LYS A 3 -18.91 -6.55 47.20
C LYS A 3 -20.42 -6.78 47.04
N GLN A 4 -21.17 -5.69 47.03
CA GLN A 4 -22.64 -5.77 46.94
C GLN A 4 -23.10 -6.14 45.53
N PHE A 5 -23.88 -7.20 45.40
CA PHE A 5 -24.49 -7.58 44.13
C PHE A 5 -25.93 -8.05 44.31
N LEU A 6 -26.83 -7.54 43.49
CA LEU A 6 -28.21 -8.00 43.50
C LEU A 6 -28.71 -8.17 42.08
N TYR A 7 -29.62 -9.12 41.89
CA TYR A 7 -30.22 -9.38 40.59
C TYR A 7 -31.70 -9.73 40.69
N ASP A 8 -32.01 -10.82 41.39
CA ASP A 8 -33.35 -11.40 41.39
C ASP A 8 -34.49 -10.48 41.86
N ASN A 9 -34.35 -9.87 43.04
CA ASN A 9 -35.48 -9.13 43.58
C ASN A 9 -35.47 -7.64 43.20
N LEU A 10 -34.75 -7.33 42.12
CA LEU A 10 -34.68 -5.98 41.59
C LEU A 10 -35.93 -5.66 40.80
N PRO A 11 -36.33 -4.38 40.80
CA PRO A 11 -37.47 -3.96 39.99
C PRO A 11 -37.22 -4.08 38.49
N VAL A 12 -38.26 -4.51 37.78
CA VAL A 12 -38.25 -4.53 36.33
C VAL A 12 -38.43 -3.10 35.82
N VAL A 13 -37.72 -2.75 34.75
CA VAL A 13 -37.85 -1.42 34.20
C VAL A 13 -38.71 -1.44 32.94
N GLU A 14 -39.72 -0.57 32.90
CA GLU A 14 -40.61 -0.53 31.74
C GLU A 14 -40.22 0.54 30.74
N THR A 15 -39.74 0.13 29.57
CA THR A 15 -39.48 1.06 28.48
C THR A 15 -40.67 1.01 27.52
N LYS A 16 -40.73 1.96 26.60
CA LYS A 16 -41.86 2.04 25.67
C LYS A 16 -42.03 0.75 24.88
N ALA A 17 -40.90 0.16 24.50
CA ALA A 17 -40.91 -1.04 23.67
C ALA A 17 -41.01 -2.32 24.50
N GLY A 18 -40.70 -2.26 25.80
CA GLY A 18 -40.80 -3.45 26.63
C GLY A 18 -40.05 -3.39 27.95
N LYS A 19 -40.16 -4.48 28.71
CA LYS A 19 -39.59 -4.58 30.04
C LYS A 19 -38.16 -5.11 30.00
N LEU A 20 -37.31 -4.51 30.82
CA LEU A 20 -35.90 -4.88 30.92
C LEU A 20 -35.53 -5.17 32.36
N ARG A 21 -34.50 -5.98 32.58
CA ARG A 21 -33.89 -6.02 33.90
C ARG A 21 -32.37 -5.98 33.82
N GLY A 22 -31.76 -5.41 34.84
CA GLY A 22 -30.32 -5.24 34.89
C GLY A 22 -29.78 -5.87 36.15
N TYR A 23 -28.69 -5.31 36.67
CA TYR A 23 -28.22 -5.73 37.98
C TYR A 23 -27.86 -4.54 38.83
N GLN A 24 -27.51 -4.81 40.07
CA GLN A 24 -27.06 -3.78 40.98
C GLN A 24 -25.69 -4.18 41.49
N TRP A 25 -24.79 -3.20 41.55
CA TRP A 25 -23.41 -3.45 41.95
C TRP A 25 -22.94 -2.27 42.78
N GLU A 26 -22.52 -2.57 44.01
CA GLU A 26 -22.09 -1.55 44.96
C GLU A 26 -23.10 -0.40 45.00
N GLY A 27 -24.38 -0.76 45.01
CA GLY A 27 -25.45 0.22 45.12
C GLY A 27 -25.93 0.78 43.79
N THR A 28 -25.15 0.57 42.73
CA THR A 28 -25.44 1.18 41.43
C THR A 28 -26.22 0.24 40.51
N TYR A 29 -27.33 0.75 39.98
CA TYR A 29 -28.12 0.03 38.98
C TYR A 29 -27.43 0.13 37.62
N ILE A 30 -27.22 -1.02 36.99
CA ILE A 30 -26.43 -1.13 35.76
C ILE A 30 -27.19 -1.88 34.66
N PHE A 31 -27.29 -1.26 33.48
CA PHE A 31 -27.91 -1.85 32.31
C PHE A 31 -26.95 -1.73 31.14
N LYS A 32 -26.80 -2.80 30.36
CA LYS A 32 -25.89 -2.81 29.23
C LYS A 32 -26.53 -3.33 27.95
N GLY A 33 -26.12 -2.76 26.82
CA GLY A 33 -26.55 -3.27 25.53
C GLY A 33 -28.04 -3.13 25.28
N ILE A 34 -28.63 -2.08 25.84
CA ILE A 34 -30.00 -1.71 25.51
C ILE A 34 -30.06 -1.17 24.09
N ARG A 35 -30.72 -1.91 23.19
CA ARG A 35 -30.85 -1.47 21.80
C ARG A 35 -31.75 -0.23 21.76
N TYR A 36 -31.29 0.85 21.11
CA TYR A 36 -32.17 2.01 20.98
C TYR A 36 -32.72 2.16 19.57
N ALA A 37 -32.12 1.48 18.60
CA ALA A 37 -32.62 1.53 17.23
C ALA A 37 -32.05 0.40 16.37
N ARG A 38 -32.69 0.19 15.22
CA ARG A 38 -32.14 -0.67 14.18
C ARG A 38 -31.96 0.13 12.90
N ALA A 39 -30.99 -0.26 12.09
CA ALA A 39 -30.73 0.40 10.83
C ALA A 39 -30.18 -0.56 9.78
N ASN A 40 -30.82 -0.58 8.63
CA ASN A 40 -30.26 -1.23 7.46
C ASN A 40 -29.15 -0.36 6.87
N ARG A 41 -28.22 -0.98 6.16
CA ARG A 41 -27.02 -0.27 5.71
C ARG A 41 -27.36 0.95 4.83
N PHE A 42 -26.69 2.06 5.13
CA PHE A 42 -26.87 3.35 4.47
C PHE A 42 -28.28 3.93 4.60
N GLN A 43 -29.00 3.54 5.63
CA GLN A 43 -30.36 4.08 5.81
C GLN A 43 -30.63 4.54 7.23
N LEU A 44 -31.57 5.49 7.34
CA LEU A 44 -31.89 6.11 8.62
C LEU A 44 -32.38 5.08 9.64
N PRO A 45 -32.03 5.28 10.91
CA PRO A 45 -32.35 4.35 12.01
C PRO A 45 -33.84 4.36 12.33
N GLU A 46 -34.38 3.21 12.72
CA GLU A 46 -35.80 3.13 13.08
C GLU A 46 -35.93 2.62 14.51
N GLU A 47 -37.09 2.85 15.13
CA GLU A 47 -37.35 2.35 16.48
C GLU A 47 -37.22 0.84 16.53
N VAL A 48 -36.85 0.32 17.70
CA VAL A 48 -36.85 -1.13 17.91
C VAL A 48 -38.29 -1.64 18.00
N GLU A 49 -38.46 -2.95 17.79
CA GLU A 49 -39.78 -3.55 17.88
C GLU A 49 -40.15 -3.94 19.30
N PRO A 50 -41.42 -3.79 19.66
CA PRO A 50 -41.88 -4.18 21.00
C PRO A 50 -41.78 -5.69 21.23
N TRP A 51 -41.35 -6.09 22.43
CA TRP A 51 -41.28 -7.49 22.80
C TRP A 51 -42.19 -7.78 23.99
N GLU A 52 -42.41 -9.06 24.28
CA GLU A 52 -43.17 -9.43 25.48
C GLU A 52 -42.23 -10.05 26.48
N GLY A 53 -42.60 -9.97 27.76
CA GLY A 53 -41.78 -10.56 28.81
C GLY A 53 -40.63 -9.67 29.20
N VAL A 54 -39.78 -10.16 30.09
CA VAL A 54 -38.66 -9.38 30.60
C VAL A 54 -37.35 -9.80 29.96
N LYS A 55 -36.67 -8.84 29.34
CA LYS A 55 -35.38 -9.09 28.71
C LYS A 55 -34.24 -8.62 29.59
N GLU A 56 -33.21 -9.46 29.74
CA GLU A 56 -32.03 -9.07 30.50
C GLU A 56 -31.12 -8.15 29.70
N ALA A 57 -30.79 -7.00 30.27
CA ALA A 57 -29.84 -6.10 29.65
C ALA A 57 -28.61 -5.94 30.56
N ALA A 58 -27.73 -6.94 30.54
CA ALA A 58 -26.57 -6.97 31.43
C ALA A 58 -25.28 -7.29 30.68
N SER A 59 -25.34 -7.22 29.36
CA SER A 59 -24.19 -7.54 28.52
C SER A 59 -23.97 -6.44 27.50
N TYR A 60 -22.73 -5.97 27.38
CA TYR A 60 -22.39 -4.95 26.40
C TYR A 60 -22.78 -5.41 25.01
N GLY A 61 -23.41 -4.54 24.23
CA GLY A 61 -23.85 -4.92 22.90
C GLY A 61 -22.73 -4.85 21.89
N PHE A 62 -22.98 -5.39 20.70
CA PHE A 62 -22.04 -5.30 19.59
C PHE A 62 -21.61 -3.83 19.37
N VAL A 63 -20.34 -3.67 18.98
CA VAL A 63 -19.84 -2.36 18.61
C VAL A 63 -19.78 -2.28 17.08
N CYS A 64 -19.65 -1.07 16.55
CA CYS A 64 -19.69 -0.86 15.11
C CYS A 64 -18.46 -1.42 14.42
N PRO A 65 -18.64 -2.10 13.28
CA PRO A 65 -17.50 -2.59 12.48
C PRO A 65 -16.57 -1.46 12.05
N MET A 66 -15.27 -1.77 11.91
CA MET A 66 -14.30 -0.74 11.56
C MET A 66 -13.48 -1.10 10.32
N LEU A 67 -12.95 -0.07 9.66
CA LEU A 67 -12.18 -0.27 8.43
C LEU A 67 -10.81 -0.90 8.65
N THR A 68 -10.24 -0.69 9.84
CA THR A 68 -8.90 -1.17 10.13
C THR A 68 -8.83 -1.77 11.53
N ARG A 69 -7.76 -2.51 11.79
CA ARG A 69 -7.50 -3.11 13.08
C ARG A 69 -6.66 -2.18 13.95
N ASP A 70 -7.11 -1.97 15.18
CA ASP A 70 -6.40 -1.11 16.13
C ASP A 70 -5.07 -1.74 16.51
N HIS A 71 -4.11 -0.90 16.89
CA HIS A 71 -2.79 -1.36 17.28
C HIS A 71 -2.30 -0.66 18.56
N PRO A 72 -2.86 -1.05 19.72
CA PRO A 72 -2.63 -0.33 20.98
C PRO A 72 -1.23 -0.54 21.56
N GLN A 73 -0.43 0.51 21.61
CA GLN A 73 0.96 0.39 22.07
C GLN A 73 1.31 1.44 23.11
N GLY A 74 0.29 2.10 23.63
CA GLY A 74 0.46 3.13 24.64
C GLY A 74 -0.65 3.02 25.66
N GLU A 75 -0.87 1.81 26.15
CA GLU A 75 -2.00 1.55 27.04
C GLU A 75 -1.85 2.17 28.41
N LEU A 76 -0.65 2.60 28.77
CA LEU A 76 -0.47 3.30 30.04
C LEU A 76 -1.10 4.69 29.94
N LEU A 77 -1.00 5.30 28.76
CA LEU A 77 -1.56 6.64 28.52
C LEU A 77 -3.07 6.63 28.39
N VAL A 78 -3.59 5.63 27.68
CA VAL A 78 -5.03 5.45 27.44
C VAL A 78 -5.39 3.97 27.47
N PRO A 79 -5.88 3.47 28.61
CA PRO A 79 -6.29 2.06 28.68
C PRO A 79 -7.58 1.80 27.91
N HIS A 80 -7.50 0.88 26.95
CA HIS A 80 -8.60 0.56 26.03
C HIS A 80 -9.31 -0.77 26.31
N ARG A 81 -10.50 -0.89 25.73
CA ARG A 81 -11.28 -2.13 25.70
C ARG A 81 -11.84 -2.35 24.30
N TYR A 82 -11.99 -3.61 23.88
CA TYR A 82 -12.52 -3.90 22.57
C TYR A 82 -13.62 -4.95 22.67
N TRP A 83 -14.34 -5.16 21.56
CA TRP A 83 -15.59 -5.91 21.60
C TRP A 83 -15.94 -6.42 20.20
N PRO A 84 -16.68 -7.54 20.11
CA PRO A 84 -17.12 -8.06 18.81
C PRO A 84 -17.89 -7.04 17.98
N GLN A 85 -17.67 -7.01 16.68
CA GLN A 85 -18.27 -6.02 15.79
C GLN A 85 -19.46 -6.58 15.04
N ASP A 86 -20.51 -5.76 14.87
CA ASP A 86 -21.72 -6.14 14.13
C ASP A 86 -22.54 -4.91 13.78
N GLU A 87 -23.36 -5.00 12.74
CA GLU A 87 -24.09 -3.81 12.29
C GLU A 87 -25.35 -3.57 13.14
N ASP A 88 -25.66 -4.54 14.01
CA ASP A 88 -26.65 -4.34 15.06
C ASP A 88 -25.92 -3.76 16.28
N CYS A 89 -25.46 -2.51 16.12
CA CYS A 89 -24.59 -1.88 17.10
C CYS A 89 -25.22 -0.66 17.76
N LEU A 90 -26.52 -0.45 17.54
CA LEU A 90 -27.17 0.74 18.09
C LEU A 90 -27.73 0.49 19.48
N SER A 91 -26.84 0.47 20.47
CA SER A 91 -27.23 0.22 21.85
C SER A 91 -26.61 1.24 22.79
N LEU A 92 -27.06 1.21 24.04
CA LEU A 92 -26.53 2.13 25.04
C LEU A 92 -26.49 1.47 26.41
N ASN A 93 -25.67 2.01 27.30
CA ASN A 93 -25.48 1.46 28.64
C ASN A 93 -25.81 2.52 29.66
N ILE A 94 -26.35 2.11 30.80
CA ILE A 94 -26.85 3.07 31.77
C ILE A 94 -26.39 2.75 33.19
N TRP A 95 -25.93 3.77 33.91
CA TRP A 95 -25.61 3.66 35.34
C TRP A 95 -26.46 4.66 36.11
N SER A 96 -27.18 4.18 37.14
CA SER A 96 -28.06 5.05 37.91
C SER A 96 -28.09 4.70 39.40
N GLN A 97 -28.39 5.70 40.23
CA GLN A 97 -28.51 5.46 41.67
C GLN A 97 -29.94 5.10 42.08
N SER A 98 -30.91 5.33 41.20
CA SER A 98 -32.30 5.02 41.51
C SER A 98 -33.17 4.73 40.28
N LEU A 99 -34.09 3.79 40.41
CA LEU A 99 -35.03 3.53 39.33
C LEU A 99 -36.40 4.13 39.64
N ASP A 100 -36.43 5.05 40.61
CA ASP A 100 -37.65 5.75 40.96
C ASP A 100 -37.89 6.89 39.96
N ARG A 101 -39.06 6.90 39.35
CA ARG A 101 -39.34 7.85 38.28
C ARG A 101 -39.41 9.30 38.78
N SER A 102 -39.44 9.48 40.09
CA SER A 102 -39.48 10.82 40.68
C SER A 102 -38.07 11.36 40.99
N ALA A 103 -37.06 10.51 40.85
CA ALA A 103 -35.70 10.89 41.17
C ALA A 103 -35.21 12.02 40.29
N LYS A 104 -35.46 11.93 38.99
CA LYS A 104 -35.21 13.03 38.06
C LYS A 104 -33.79 13.61 38.15
N LYS A 105 -32.78 12.75 38.15
CA LYS A 105 -31.40 13.20 38.24
C LYS A 105 -30.87 13.63 36.87
N PRO A 106 -29.84 14.49 36.87
CA PRO A 106 -29.29 14.93 35.58
C PRO A 106 -28.80 13.74 34.77
N VAL A 107 -28.89 13.84 33.44
CA VAL A 107 -28.49 12.74 32.58
C VAL A 107 -27.25 13.13 31.81
N MET A 108 -26.20 12.31 31.94
CA MET A 108 -24.91 12.54 31.26
C MET A 108 -24.76 11.59 30.08
N PHE A 109 -24.83 12.14 28.87
CA PHE A 109 -24.90 11.35 27.65
C PHE A 109 -23.55 11.41 26.92
N TRP A 110 -22.77 10.33 27.05
CA TRP A 110 -21.39 10.30 26.57
C TRP A 110 -21.25 9.81 25.13
N ILE A 111 -20.61 10.62 24.30
CA ILE A 111 -20.33 10.27 22.92
C ILE A 111 -18.84 10.12 22.72
N HIS A 112 -18.41 8.87 22.51
CA HIS A 112 -16.99 8.53 22.41
C HIS A 112 -16.32 9.19 21.22
N GLY A 113 -15.00 9.34 21.34
CA GLY A 113 -14.17 9.77 20.23
C GLY A 113 -13.54 8.62 19.47
N GLY A 114 -12.61 8.94 18.57
CA GLY A 114 -12.01 7.97 17.70
C GLY A 114 -12.27 8.44 16.28
N ALA A 115 -11.95 9.72 16.03
CA ALA A 115 -12.42 10.42 14.86
C ALA A 115 -13.91 10.14 14.70
N PHE A 116 -14.33 9.80 13.49
CA PHE A 116 -15.71 9.36 13.25
C PHE A 116 -15.75 7.93 12.74
N SER A 117 -14.62 7.23 12.92
CA SER A 117 -14.42 5.90 12.32
C SER A 117 -14.18 4.75 13.30
N MET A 118 -13.74 5.05 14.52
CA MET A 118 -13.40 3.99 15.47
C MET A 118 -13.92 4.30 16.87
N GLY A 119 -13.78 3.34 17.79
CA GLY A 119 -14.20 3.54 19.16
C GLY A 119 -15.59 3.01 19.45
N SER A 120 -16.04 3.19 20.69
CA SER A 120 -17.34 2.68 21.13
C SER A 120 -17.65 3.20 22.51
N SER A 121 -18.83 2.86 23.02
CA SER A 121 -19.23 3.25 24.37
C SER A 121 -18.32 2.69 25.46
N ILE A 122 -17.53 1.66 25.15
CA ILE A 122 -16.70 1.05 26.17
C ILE A 122 -15.22 1.06 25.76
N GLU A 123 -14.91 1.75 24.68
CA GLU A 123 -13.57 1.63 24.10
C GLU A 123 -12.45 2.10 25.04
N GLN A 124 -12.77 2.97 26.00
CA GLN A 124 -11.80 3.30 27.04
C GLN A 124 -12.29 2.75 28.37
N LYS A 125 -11.39 2.20 29.18
CA LYS A 125 -11.77 1.68 30.49
C LYS A 125 -12.43 2.79 31.30
N ALA A 126 -11.98 4.02 31.04
CA ALA A 126 -12.42 5.17 31.81
C ALA A 126 -13.82 5.66 31.40
N TYR A 127 -14.42 5.04 30.38
CA TYR A 127 -15.81 5.34 29.99
C TYR A 127 -16.83 4.68 30.92
N ASN A 128 -16.37 3.83 31.83
CA ASN A 128 -17.29 3.17 32.76
C ASN A 128 -17.98 4.19 33.67
N GLY A 129 -19.32 4.11 33.75
CA GLY A 129 -20.12 5.13 34.41
C GLY A 129 -20.40 4.97 35.90
N GLU A 130 -19.88 3.93 36.53
CA GLU A 130 -20.20 3.65 37.94
C GLU A 130 -19.88 4.81 38.87
N ASN A 131 -18.62 5.23 38.87
CA ASN A 131 -18.16 6.30 39.74
C ASN A 131 -18.85 7.63 39.47
N MET A 132 -19.02 8.00 38.21
CA MET A 132 -19.70 9.25 37.91
C MET A 132 -21.12 9.22 38.47
N SER A 133 -21.81 8.11 38.25
CA SER A 133 -23.18 7.94 38.73
C SER A 133 -23.25 7.99 40.25
N ARG A 134 -22.31 7.31 40.90
CA ARG A 134 -22.30 7.22 42.36
C ARG A 134 -21.93 8.56 43.00
N TYR A 135 -20.79 9.10 42.60
CA TYR A 135 -20.25 10.28 43.26
C TYR A 135 -21.06 11.54 42.94
N GLY A 136 -21.70 11.57 41.77
CA GLY A 136 -22.48 12.74 41.36
C GLY A 136 -23.99 12.64 41.52
N ASP A 137 -24.48 11.43 41.76
CA ASP A 137 -25.91 11.10 41.74
C ASP A 137 -26.51 11.63 40.45
N VAL A 138 -25.99 11.14 39.34
CA VAL A 138 -26.53 11.44 38.03
C VAL A 138 -26.73 10.13 37.25
N VAL A 139 -27.53 10.16 36.19
CA VAL A 139 -27.70 8.98 35.34
C VAL A 139 -26.76 9.05 34.14
N VAL A 140 -25.90 8.04 34.01
CA VAL A 140 -24.87 8.03 32.98
C VAL A 140 -25.28 7.14 31.82
N VAL A 141 -25.38 7.71 30.63
CA VAL A 141 -25.67 6.93 29.44
C VAL A 141 -24.49 7.00 28.48
N THR A 142 -23.94 5.83 28.11
CA THR A 142 -22.87 5.76 27.12
C THR A 142 -23.37 5.00 25.90
N VAL A 143 -23.05 5.50 24.70
CA VAL A 143 -23.76 5.07 23.49
C VAL A 143 -22.85 4.63 22.36
N ASN A 144 -23.35 3.66 21.59
CA ASN A 144 -22.75 3.26 20.31
C ASN A 144 -23.54 3.86 19.17
N HIS A 145 -22.88 4.10 18.04
CA HIS A 145 -23.56 4.57 16.83
C HIS A 145 -22.69 4.23 15.62
N ARG A 146 -23.27 4.27 14.42
CA ARG A 146 -22.53 3.88 13.23
C ARG A 146 -21.37 4.81 12.92
N LEU A 147 -20.24 4.21 12.53
CA LEU A 147 -18.98 4.90 12.29
C LEU A 147 -18.48 4.69 10.88
N ASN A 148 -17.33 5.30 10.57
CA ASN A 148 -16.68 5.23 9.25
C ASN A 148 -17.69 5.22 8.08
N ILE A 149 -17.56 4.28 7.15
CA ILE A 149 -18.41 4.31 5.96
C ILE A 149 -19.83 3.82 6.23
N LEU A 150 -20.07 3.29 7.42
CA LEU A 150 -21.41 2.84 7.78
C LEU A 150 -22.26 4.00 8.26
N GLY A 151 -21.60 5.00 8.86
CA GLY A 151 -22.32 6.14 9.42
C GLY A 151 -22.11 7.45 8.69
N TYR A 152 -21.11 7.48 7.82
CA TYR A 152 -20.70 8.73 7.17
C TYR A 152 -20.30 8.48 5.72
N LEU A 153 -21.26 8.07 4.91
CA LEU A 153 -21.02 7.84 3.49
C LEU A 153 -22.26 8.22 2.69
N ASP A 154 -22.11 9.18 1.79
CA ASP A 154 -23.25 9.73 1.06
C ASP A 154 -23.65 8.86 -0.12
N LEU A 155 -24.73 8.10 0.05
CA LEU A 155 -25.24 7.27 -1.03
C LEU A 155 -26.52 7.85 -1.62
N SER A 156 -26.86 9.06 -1.19
CA SER A 156 -28.04 9.74 -1.71
C SER A 156 -27.99 10.00 -3.23
N PRO A 157 -26.79 10.07 -3.85
CA PRO A 157 -26.87 10.10 -5.32
C PRO A 157 -27.35 8.79 -5.96
N TYR A 158 -27.67 7.79 -5.14
CA TYR A 158 -28.11 6.50 -5.69
C TYR A 158 -29.51 6.15 -5.23
N GLY A 159 -30.23 7.15 -4.72
CA GLY A 159 -31.64 7.01 -4.42
C GLY A 159 -32.04 7.64 -3.11
N GLU A 160 -33.31 8.04 -3.02
CA GLU A 160 -33.81 8.64 -1.79
C GLU A 160 -33.93 7.60 -0.68
N ARG A 161 -33.77 6.33 -1.05
CA ARG A 161 -33.67 5.24 -0.09
C ARG A 161 -32.52 5.51 0.87
N TYR A 162 -31.46 6.13 0.34
CA TYR A 162 -30.25 6.40 1.10
C TYR A 162 -30.19 7.83 1.60
N ALA A 163 -31.35 8.50 1.65
CA ALA A 163 -31.44 9.87 2.18
C ALA A 163 -30.81 9.99 3.56
N GLY A 164 -29.85 10.90 3.69
CA GLY A 164 -29.26 11.17 4.99
C GLY A 164 -28.10 10.28 5.37
N SER A 165 -27.66 9.44 4.45
CA SER A 165 -26.59 8.49 4.73
C SER A 165 -25.24 9.18 4.99
N ALA A 166 -25.09 10.41 4.49
CA ALA A 166 -23.85 11.17 4.72
C ALA A 166 -23.62 11.41 6.21
N ASN A 167 -24.71 11.54 6.96
CA ASN A 167 -24.63 11.78 8.40
C ASN A 167 -25.41 10.78 9.23
N ALA A 168 -25.54 9.55 8.74
CA ALA A 168 -26.33 8.51 9.40
C ALA A 168 -25.90 8.35 10.85
N GLY A 169 -24.58 8.33 11.07
CA GLY A 169 -24.04 8.16 12.41
C GLY A 169 -24.55 9.24 13.35
N GLN A 170 -24.75 10.45 12.82
CA GLN A 170 -25.32 11.55 13.59
C GLN A 170 -26.81 11.35 13.79
N ALA A 171 -27.47 10.80 12.78
CA ALA A 171 -28.89 10.48 12.90
C ALA A 171 -29.11 9.41 13.98
N ASP A 172 -28.13 8.52 14.16
CA ASP A 172 -28.20 7.49 15.18
C ASP A 172 -28.21 8.11 16.57
N LEU A 173 -27.30 9.06 16.80
CA LEU A 173 -27.19 9.69 18.10
C LEU A 173 -28.50 10.42 18.42
N VAL A 174 -29.10 11.04 17.43
CA VAL A 174 -30.40 11.66 17.61
C VAL A 174 -31.42 10.59 17.99
N ALA A 175 -31.36 9.43 17.33
CA ALA A 175 -32.27 8.34 17.66
C ALA A 175 -32.11 7.92 19.13
N ALA A 176 -30.86 7.87 19.58
CA ALA A 176 -30.56 7.53 20.97
C ALA A 176 -31.10 8.58 21.91
N LEU A 177 -30.97 9.86 21.54
CA LEU A 177 -31.51 10.94 22.36
C LEU A 177 -33.03 10.86 22.43
N LYS A 178 -33.66 10.43 21.35
CA LYS A 178 -35.13 10.29 21.34
C LYS A 178 -35.54 9.14 22.27
N TRP A 179 -34.74 8.09 22.29
CA TRP A 179 -34.97 6.97 23.21
C TRP A 179 -34.87 7.45 24.66
N VAL A 180 -33.90 8.33 24.91
CA VAL A 180 -33.66 8.85 26.25
C VAL A 180 -34.85 9.68 26.71
N ARG A 181 -35.32 10.55 25.82
CA ARG A 181 -36.51 11.36 26.08
C ARG A 181 -37.71 10.52 26.50
N ASP A 182 -37.92 9.39 25.83
CA ASP A 182 -39.07 8.53 26.12
C ASP A 182 -38.88 7.65 27.36
N ASN A 183 -37.62 7.36 27.70
CA ASN A 183 -37.37 6.27 28.64
C ASN A 183 -36.49 6.54 29.85
N ILE A 184 -35.81 7.69 29.90
CA ILE A 184 -34.80 7.88 30.95
C ILE A 184 -35.45 8.07 32.32
N GLU A 185 -36.71 8.50 32.34
CA GLU A 185 -37.44 8.59 33.60
C GLU A 185 -37.48 7.23 34.31
N ALA A 186 -37.55 6.16 33.54
CA ALA A 186 -37.61 4.80 34.09
C ALA A 186 -36.27 4.38 34.71
N PHE A 187 -35.25 5.20 34.52
CA PHE A 187 -33.93 4.94 35.09
C PHE A 187 -33.53 6.06 36.06
N GLY A 188 -34.52 6.82 36.54
CA GLY A 188 -34.27 7.85 37.54
C GLY A 188 -33.66 9.12 36.99
N GLY A 189 -33.77 9.28 35.67
CA GLY A 189 -33.20 10.44 35.01
C GLY A 189 -34.20 11.50 34.60
N ASP A 190 -33.70 12.72 34.43
CA ASP A 190 -34.51 13.86 34.04
C ASP A 190 -34.40 14.13 32.55
N PRO A 191 -35.48 13.85 31.80
CA PRO A 191 -35.48 14.00 30.35
C PRO A 191 -35.35 15.45 29.94
N ASP A 192 -35.61 16.37 30.88
CA ASP A 192 -35.49 17.81 30.62
C ASP A 192 -34.11 18.35 31.02
N ASN A 193 -33.27 17.48 31.56
CA ASN A 193 -31.90 17.88 31.89
C ASN A 193 -30.88 16.87 31.38
N VAL A 194 -30.73 16.82 30.06
CA VAL A 194 -29.73 15.97 29.44
C VAL A 194 -28.53 16.78 28.97
N THR A 195 -27.34 16.37 29.40
CA THR A 195 -26.10 16.98 28.95
C THR A 195 -25.38 16.02 28.02
N ILE A 196 -25.12 16.42 26.79
CA ILE A 196 -24.28 15.61 25.92
C ILE A 196 -22.82 16.04 26.09
N PHE A 197 -21.94 15.08 26.30
CA PHE A 197 -20.52 15.39 26.39
C PHE A 197 -19.69 14.35 25.63
N GLY A 198 -18.54 14.77 25.13
CA GLY A 198 -17.73 13.91 24.27
C GLY A 198 -16.33 14.45 24.11
N GLN A 199 -15.39 13.60 23.74
CA GLN A 199 -14.00 14.01 23.65
C GLN A 199 -13.42 13.67 22.29
N SER A 200 -12.57 14.56 21.77
CA SER A 200 -11.96 14.42 20.45
C SER A 200 -13.03 14.33 19.37
N GLY A 201 -13.06 13.22 18.65
CA GLY A 201 -14.14 12.98 17.72
C GLY A 201 -15.49 13.11 18.40
N GLY A 202 -15.56 12.70 19.67
CA GLY A 202 -16.77 12.82 20.46
C GLY A 202 -17.20 14.27 20.64
N GLY A 203 -16.23 15.14 20.94
CA GLY A 203 -16.49 16.56 20.99
C GLY A 203 -17.00 17.11 19.68
N MET A 204 -16.49 16.59 18.56
CA MET A 204 -16.95 17.04 17.25
C MET A 204 -18.37 16.59 16.96
N LYS A 205 -18.71 15.38 17.43
CA LYS A 205 -20.06 14.89 17.26
C LYS A 205 -21.02 15.77 18.08
N VAL A 206 -20.58 16.18 19.27
CA VAL A 206 -21.39 17.02 20.14
C VAL A 206 -21.67 18.38 19.49
N SER A 207 -20.61 19.07 19.06
CA SER A 207 -20.74 20.39 18.43
C SER A 207 -21.58 20.29 17.17
N GLY A 208 -21.54 19.13 16.54
CA GLY A 208 -22.35 18.88 15.36
C GLY A 208 -23.83 18.81 15.69
N LEU A 209 -24.17 18.09 16.77
CA LEU A 209 -25.56 17.96 17.20
C LEU A 209 -26.16 19.32 17.59
N MET A 210 -25.32 20.24 18.09
CA MET A 210 -25.79 21.58 18.39
C MET A 210 -26.31 22.22 17.10
N GLN A 211 -25.66 21.89 16.00
CA GLN A 211 -26.00 22.49 14.71
C GLN A 211 -26.90 21.58 13.89
N THR A 212 -27.67 20.75 14.60
CA THR A 212 -28.54 19.79 13.94
C THR A 212 -29.97 20.00 14.43
N PRO A 213 -30.80 20.65 13.61
CA PRO A 213 -32.17 21.02 14.02
C PRO A 213 -33.04 19.87 14.53
N GLU A 214 -32.92 18.67 13.95
CA GLU A 214 -33.73 17.54 14.43
C GLU A 214 -33.48 17.23 15.91
N ALA A 215 -32.33 17.63 16.42
CA ALA A 215 -31.98 17.31 17.81
C ALA A 215 -32.34 18.41 18.81
N ASP A 216 -32.87 19.54 18.32
CA ASP A 216 -33.22 20.66 19.19
C ASP A 216 -34.17 20.23 20.30
N GLY A 217 -33.78 20.49 21.54
CA GLY A 217 -34.63 20.19 22.67
C GLY A 217 -34.40 18.81 23.25
N LEU A 218 -33.57 18.00 22.60
CA LEU A 218 -33.27 16.66 23.11
C LEU A 218 -32.15 16.67 24.12
N PHE A 219 -31.45 17.80 24.23
CA PHE A 219 -30.39 17.98 25.21
C PHE A 219 -30.35 19.46 25.57
N HIS A 220 -29.79 19.79 26.73
CA HIS A 220 -29.91 21.14 27.26
C HIS A 220 -28.58 21.77 27.66
N ARG A 221 -27.55 20.95 27.76
CA ARG A 221 -26.17 21.42 27.90
C ARG A 221 -25.26 20.59 27.00
N ALA A 222 -24.03 21.07 26.82
CA ALA A 222 -23.05 20.36 26.05
C ALA A 222 -21.67 20.56 26.66
N MET A 223 -20.83 19.55 26.53
CA MET A 223 -19.45 19.64 26.97
C MET A 223 -18.53 19.02 25.93
N ILE A 224 -17.56 19.82 25.51
CA ILE A 224 -16.66 19.45 24.41
C ILE A 224 -15.21 19.43 24.89
N MET A 225 -14.62 18.23 24.91
CA MET A 225 -13.25 18.04 25.41
C MET A 225 -12.29 17.74 24.28
N SER A 226 -11.28 18.60 24.09
CA SER A 226 -10.32 18.45 23.00
C SER A 226 -11.02 18.09 21.69
N GLY A 227 -12.06 18.85 21.35
CA GLY A 227 -12.98 18.46 20.28
C GLY A 227 -13.23 19.55 19.24
N VAL A 228 -12.30 20.48 19.13
CA VAL A 228 -12.30 21.49 18.08
C VAL A 228 -10.88 21.61 17.57
N ALA A 229 -10.65 21.32 16.29
CA ALA A 229 -9.27 21.28 15.80
C ALA A 229 -9.05 21.95 14.45
N GLY A 230 -10.11 22.46 13.83
CA GLY A 230 -9.99 23.14 12.56
C GLY A 230 -9.41 22.28 11.44
N ASP A 231 -8.63 22.90 10.56
CA ASP A 231 -8.23 22.27 9.30
C ASP A 231 -7.19 21.16 9.42
N VAL A 232 -7.04 20.59 10.61
CA VAL A 232 -6.11 19.49 10.80
C VAL A 232 -6.84 18.16 10.85
N LEU A 233 -8.15 18.21 11.10
CA LEU A 233 -9.02 17.08 10.81
C LEU A 233 -10.15 17.58 9.92
N PRO A 234 -9.84 17.86 8.64
CA PRO A 234 -10.82 18.46 7.74
C PRO A 234 -11.99 17.51 7.51
N TYR A 235 -13.20 18.05 7.45
CA TYR A 235 -14.34 17.22 7.10
C TYR A 235 -14.32 16.98 5.60
N SER A 236 -14.80 15.82 5.16
CA SER A 236 -14.76 15.47 3.75
C SER A 236 -15.98 16.02 3.03
N THR A 237 -15.76 16.84 2.01
CA THR A 237 -16.87 17.39 1.24
C THR A 237 -16.75 17.02 -0.22
N GLY A 238 -17.81 17.28 -0.99
CA GLY A 238 -17.78 17.05 -2.42
C GLY A 238 -18.68 15.94 -2.92
N ASP A 239 -18.61 15.69 -4.23
CA ASP A 239 -19.41 14.68 -4.90
C ASP A 239 -18.97 13.28 -4.49
N SER A 240 -19.92 12.45 -4.06
CA SER A 240 -19.59 11.11 -3.60
C SER A 240 -19.51 10.07 -4.71
N ARG A 241 -20.00 10.41 -5.90
CA ARG A 241 -20.09 9.43 -6.99
C ARG A 241 -18.73 8.84 -7.40
N PRO A 242 -17.69 9.69 -7.56
CA PRO A 242 -16.39 9.11 -7.91
C PRO A 242 -15.91 8.00 -6.95
N LEU A 243 -16.10 8.20 -5.64
CA LEU A 243 -15.76 7.18 -4.66
C LEU A 243 -16.62 5.93 -4.83
N ILE A 244 -17.94 6.12 -4.90
CA ILE A 244 -18.85 4.96 -5.00
C ILE A 244 -18.60 4.21 -6.30
N GLN A 245 -18.44 4.96 -7.40
CA GLN A 245 -18.15 4.34 -8.68
C GLN A 245 -16.86 3.51 -8.63
N ALA A 246 -15.86 4.03 -7.91
CA ALA A 246 -14.60 3.31 -7.74
C ALA A 246 -14.81 2.02 -6.93
N MET A 247 -15.67 2.11 -5.92
CA MET A 247 -15.92 0.95 -5.05
C MET A 247 -16.70 -0.13 -5.78
N LEU A 248 -17.68 0.28 -6.58
CA LEU A 248 -18.47 -0.67 -7.36
C LEU A 248 -17.58 -1.46 -8.32
N LYS A 249 -16.63 -0.78 -8.95
CA LYS A 249 -15.70 -1.41 -9.87
C LYS A 249 -14.81 -2.44 -9.16
N GLU A 250 -14.26 -2.03 -8.03
CA GLU A 250 -13.40 -2.90 -7.23
C GLU A 250 -14.17 -4.14 -6.76
N LEU A 251 -15.46 -3.97 -6.46
CA LEU A 251 -16.30 -5.07 -6.03
C LEU A 251 -16.92 -5.85 -7.19
N GLY A 252 -16.58 -5.45 -8.41
CA GLY A 252 -17.09 -6.11 -9.59
C GLY A 252 -18.58 -5.88 -9.83
N LEU A 253 -19.07 -4.73 -9.38
CA LEU A 253 -20.48 -4.37 -9.55
C LEU A 253 -20.67 -3.31 -10.64
N ALA A 254 -21.76 -3.42 -11.38
CA ALA A 254 -22.10 -2.43 -12.40
C ALA A 254 -22.78 -1.23 -11.74
N GLU A 255 -22.76 -0.08 -12.41
CA GLU A 255 -23.26 1.15 -11.79
C GLU A 255 -24.74 1.08 -11.44
N GLN A 256 -25.52 0.27 -12.17
CA GLN A 256 -26.92 0.13 -11.84
C GLN A 256 -27.15 -0.90 -10.73
N GLU A 257 -26.07 -1.48 -10.22
CA GLU A 257 -26.17 -2.44 -9.12
C GLU A 257 -25.74 -1.83 -7.79
N ALA A 258 -25.95 -0.54 -7.62
CA ALA A 258 -25.55 0.14 -6.40
C ALA A 258 -26.28 -0.40 -5.18
N GLY A 259 -27.51 -0.90 -5.39
CA GLY A 259 -28.28 -1.52 -4.33
C GLY A 259 -27.58 -2.68 -3.66
N ARG A 260 -26.72 -3.36 -4.41
CA ARG A 260 -25.99 -4.51 -3.88
C ARG A 260 -25.02 -4.13 -2.75
N LEU A 261 -24.64 -2.85 -2.70
CA LEU A 261 -23.71 -2.36 -1.68
C LEU A 261 -24.28 -2.50 -0.26
N GLU A 262 -25.59 -2.64 -0.14
CA GLU A 262 -26.23 -2.83 1.16
C GLU A 262 -25.83 -4.13 1.82
N THR A 263 -25.61 -5.15 1.02
CA THR A 263 -25.52 -6.51 1.55
C THR A 263 -24.19 -7.18 1.26
N VAL A 264 -23.30 -6.48 0.57
CA VAL A 264 -21.92 -6.93 0.42
C VAL A 264 -21.33 -7.10 1.82
N PRO A 265 -20.63 -8.23 2.06
CA PRO A 265 -19.99 -8.46 3.36
C PRO A 265 -19.10 -7.29 3.75
N TYR A 266 -19.16 -6.87 5.02
CA TYR A 266 -18.46 -5.67 5.43
C TYR A 266 -16.96 -5.74 5.13
N TYR A 267 -16.35 -6.90 5.38
CA TYR A 267 -14.93 -7.07 5.11
C TYR A 267 -14.58 -6.63 3.68
N ASP A 268 -15.37 -7.09 2.72
CA ASP A 268 -15.14 -6.74 1.32
C ASP A 268 -15.40 -5.26 1.04
N LEU A 269 -16.47 -4.74 1.61
CA LEU A 269 -16.83 -3.33 1.47
C LEU A 269 -15.70 -2.44 1.98
N ALA A 270 -15.19 -2.78 3.17
CA ALA A 270 -14.11 -2.02 3.77
C ALA A 270 -12.83 -2.17 2.97
N ALA A 271 -12.56 -3.38 2.47
CA ALA A 271 -11.36 -3.61 1.67
C ALA A 271 -11.39 -2.74 0.43
N ALA A 272 -12.52 -2.76 -0.26
CA ALA A 272 -12.73 -1.94 -1.46
C ALA A 272 -12.57 -0.45 -1.18
N TYR A 273 -13.09 0.01 -0.04
CA TYR A 273 -12.95 1.41 0.34
C TYR A 273 -11.47 1.72 0.60
N ASN A 274 -10.82 0.85 1.38
CA ASN A 274 -9.44 1.05 1.77
C ASN A 274 -8.48 1.15 0.59
N ARG A 275 -8.75 0.40 -0.46
CA ARG A 275 -7.86 0.40 -1.60
C ARG A 275 -8.09 1.59 -2.53
N VAL A 276 -9.34 1.97 -2.75
CA VAL A 276 -9.64 2.98 -3.76
C VAL A 276 -9.73 4.41 -3.23
N SER A 277 -10.09 4.59 -1.95
CA SER A 277 -10.25 5.94 -1.42
C SER A 277 -8.99 6.82 -1.44
N PRO A 278 -7.79 6.27 -1.17
CA PRO A 278 -6.64 7.19 -1.18
C PRO A 278 -6.37 7.89 -2.53
N ALA A 279 -6.62 7.21 -3.65
CA ALA A 279 -6.47 7.86 -4.96
C ALA A 279 -7.50 8.97 -5.13
N ILE A 280 -8.70 8.75 -4.58
CA ILE A 280 -9.75 9.75 -4.59
C ILE A 280 -9.33 10.95 -3.74
N ALA A 281 -8.75 10.68 -2.57
CA ALA A 281 -8.32 11.72 -1.66
C ALA A 281 -7.23 12.57 -2.31
N ARG A 282 -6.29 11.90 -2.96
CA ARG A 282 -5.21 12.57 -3.66
C ARG A 282 -5.75 13.46 -4.78
N ALA A 283 -6.95 13.16 -5.24
CA ALA A 283 -7.58 13.96 -6.29
C ALA A 283 -8.45 15.06 -5.69
N GLY A 284 -8.36 15.24 -4.36
CA GLY A 284 -9.12 16.26 -3.66
C GLY A 284 -10.58 15.91 -3.43
N GLY A 285 -10.97 14.69 -3.74
CA GLY A 285 -12.36 14.29 -3.71
C GLY A 285 -12.88 13.75 -2.38
N TYR A 286 -14.21 13.69 -2.28
CA TYR A 286 -14.91 13.18 -1.11
C TYR A 286 -14.60 11.71 -0.81
N ILE A 287 -14.35 11.39 0.45
CA ILE A 287 -14.16 10.00 0.86
C ILE A 287 -14.95 9.66 2.12
N GLY A 288 -15.75 10.60 2.61
CA GLY A 288 -16.61 10.35 3.74
C GLY A 288 -15.90 10.18 5.08
N CYS A 289 -16.53 9.45 5.99
CA CYS A 289 -15.98 9.15 7.31
C CYS A 289 -15.83 10.40 8.17
N THR A 290 -16.52 11.47 7.78
CA THR A 290 -16.72 12.66 8.60
C THR A 290 -18.12 13.19 8.32
N PRO A 291 -18.67 14.04 9.22
CA PRO A 291 -19.94 14.67 8.87
C PRO A 291 -19.80 15.57 7.64
N ARG A 292 -20.94 15.94 7.07
CA ARG A 292 -20.96 16.71 5.83
C ARG A 292 -22.19 17.61 5.80
N PRO A 293 -21.98 18.92 5.86
CA PRO A 293 -23.09 19.88 5.90
C PRO A 293 -24.16 19.62 4.83
N ASP A 294 -25.42 19.66 5.25
CA ASP A 294 -26.56 19.56 4.35
C ASP A 294 -27.77 20.16 5.08
N ASP A 295 -28.98 19.72 4.74
CA ASP A 295 -30.18 20.28 5.38
C ASP A 295 -30.29 19.77 6.82
N PHE A 296 -29.75 18.58 7.04
CA PHE A 296 -29.78 17.92 8.34
C PHE A 296 -28.78 18.51 9.34
N TYR A 297 -27.54 18.68 8.88
CA TYR A 297 -26.47 19.24 9.71
C TYR A 297 -25.96 20.52 9.07
N LYS A 298 -26.11 21.64 9.78
CA LYS A 298 -25.84 22.96 9.18
C LYS A 298 -24.37 23.22 8.90
N GLY A 299 -23.48 22.55 9.63
CA GLY A 299 -22.07 22.88 9.62
C GLY A 299 -21.68 23.45 10.97
N GLU A 300 -20.39 23.75 11.16
CA GLU A 300 -19.96 24.23 12.47
C GLU A 300 -20.26 25.72 12.70
N GLY A 301 -20.68 26.05 13.91
CA GLY A 301 -21.01 27.40 14.30
C GLY A 301 -20.04 28.49 13.88
N PRO A 302 -18.77 28.39 14.27
CA PRO A 302 -17.77 29.42 13.93
C PRO A 302 -17.61 29.67 12.43
N ALA A 303 -18.01 28.70 11.62
CA ALA A 303 -17.82 28.81 10.18
C ALA A 303 -19.08 29.28 9.46
N VAL A 304 -20.23 28.76 9.87
CA VAL A 304 -21.47 29.04 9.16
C VAL A 304 -22.49 29.80 10.01
N GLY A 305 -22.15 30.05 11.27
CA GLY A 305 -23.07 30.69 12.19
C GLY A 305 -23.81 29.66 13.02
N PHE A 306 -23.82 29.85 14.34
CA PHE A 306 -24.62 28.98 15.20
C PHE A 306 -26.10 29.16 14.91
N THR A 307 -26.84 28.06 14.92
CA THR A 307 -28.30 28.16 14.82
C THR A 307 -28.84 28.90 16.04
N ASP A 308 -30.07 29.39 15.92
CA ASP A 308 -30.69 30.10 17.04
C ASP A 308 -30.78 29.21 18.28
N HIS A 309 -31.10 27.94 18.09
CA HIS A 309 -31.23 27.04 19.22
C HIS A 309 -29.88 26.80 19.89
N ALA A 310 -28.84 26.60 19.08
CA ALA A 310 -27.50 26.29 19.59
C ALA A 310 -26.98 27.39 20.53
N LYS A 311 -27.39 28.62 20.24
CA LYS A 311 -27.06 29.76 21.10
C LYS A 311 -27.61 29.58 22.52
N THR A 312 -28.66 28.78 22.65
CA THR A 312 -29.33 28.60 23.94
C THR A 312 -28.75 27.42 24.73
N ILE A 313 -27.78 26.73 24.14
CA ILE A 313 -27.15 25.60 24.82
C ILE A 313 -25.87 26.03 25.54
N PRO A 314 -25.90 26.08 26.88
CA PRO A 314 -24.66 26.39 27.62
C PRO A 314 -23.65 25.30 27.36
N VAL A 315 -22.38 25.68 27.24
CA VAL A 315 -21.32 24.77 26.84
C VAL A 315 -20.12 24.89 27.78
N MET A 316 -19.56 23.75 28.17
CA MET A 316 -18.21 23.76 28.76
C MET A 316 -17.25 23.14 27.76
N VAL A 317 -16.11 23.79 27.54
CA VAL A 317 -15.17 23.32 26.55
C VAL A 317 -13.77 23.23 27.18
N GLY A 318 -12.97 22.26 26.74
CA GLY A 318 -11.63 22.11 27.28
C GLY A 318 -10.62 21.64 26.25
N THR A 319 -9.35 21.83 26.58
CA THR A 319 -8.22 21.15 25.91
C THR A 319 -7.20 20.78 26.98
N VAL A 320 -6.19 20.01 26.60
CA VAL A 320 -5.11 19.71 27.53
C VAL A 320 -3.82 20.30 26.99
N PHE A 321 -2.83 20.48 27.88
CA PHE A 321 -1.62 21.23 27.53
C PHE A 321 -0.83 20.65 26.35
N GLY A 322 -0.62 19.33 26.35
CA GLY A 322 0.27 18.73 25.36
C GLY A 322 -0.40 17.65 24.54
N GLU A 323 -1.56 18.00 23.97
CA GLU A 323 -2.44 17.08 23.26
C GLU A 323 -1.74 15.96 22.46
N PHE A 324 -1.17 16.29 21.30
CA PHE A 324 -0.62 15.24 20.42
C PHE A 324 0.85 14.89 20.67
N ALA A 325 1.40 15.34 21.80
CA ALA A 325 2.76 14.95 22.16
C ALA A 325 2.76 13.59 22.87
N MET A 326 2.33 12.56 22.14
CA MET A 326 2.19 11.22 22.71
C MET A 326 3.53 10.50 22.86
N MET A 327 4.44 10.74 21.92
CA MET A 327 5.73 10.07 21.94
C MET A 327 6.60 10.53 23.12
N PRO A 328 7.63 9.73 23.46
CA PRO A 328 8.56 10.18 24.51
C PRO A 328 9.37 11.40 24.09
N LEU A 329 9.50 12.36 25.00
CA LEU A 329 10.49 13.42 24.85
C LEU A 329 11.87 12.76 24.75
N PRO A 330 12.70 13.21 23.78
CA PRO A 330 14.02 12.63 23.50
C PRO A 330 15.10 12.91 24.57
N PHE A 331 14.69 13.45 25.71
CA PHE A 331 15.61 13.67 26.81
C PHE A 331 14.85 13.64 28.13
N ASN A 332 15.60 13.64 29.24
CA ASN A 332 15.01 13.66 30.56
C ASN A 332 14.67 15.10 30.97
N LYS A 333 13.39 15.43 30.92
CA LYS A 333 12.89 16.77 31.24
C LYS A 333 13.36 17.26 32.61
N GLU A 334 13.51 16.33 33.56
CA GLU A 334 13.88 16.69 34.93
C GLU A 334 15.38 16.91 35.13
N THR A 335 16.20 16.55 34.14
CA THR A 335 17.64 16.72 34.29
C THR A 335 18.33 17.56 33.21
N ILE A 336 17.64 17.82 32.10
CA ILE A 336 18.28 18.58 31.02
C ILE A 336 18.71 19.94 31.54
N SER A 337 19.83 20.44 31.05
CA SER A 337 20.34 21.73 31.49
C SER A 337 19.71 22.87 30.68
N GLU A 338 19.65 24.05 31.27
CA GLU A 338 19.11 25.21 30.57
C GLU A 338 19.89 25.50 29.30
N ALA A 339 21.18 25.20 29.29
CA ALA A 339 22.00 25.44 28.12
C ALA A 339 21.57 24.55 26.97
N GLU A 340 21.35 23.27 27.26
CA GLU A 340 20.89 22.34 26.23
C GLU A 340 19.52 22.74 25.70
N LEU A 341 18.64 23.11 26.62
CA LEU A 341 17.28 23.49 26.25
C LEU A 341 17.31 24.71 25.33
N ASP A 342 18.16 25.68 25.66
CA ASP A 342 18.25 26.90 24.87
C ASP A 342 18.66 26.63 23.43
N GLU A 343 19.56 25.67 23.22
CA GLU A 343 19.99 25.28 21.88
C GLU A 343 18.83 24.64 21.11
N ILE A 344 18.13 23.73 21.78
CA ILE A 344 16.97 23.08 21.20
C ILE A 344 15.91 24.09 20.77
N LEU A 345 15.58 25.03 21.66
CA LEU A 345 14.60 26.08 21.36
C LEU A 345 15.05 26.95 20.19
N ASP A 346 16.30 27.39 20.24
CA ASP A 346 16.89 28.26 19.24
C ASP A 346 16.85 27.62 17.86
N LYS A 347 17.02 26.30 17.82
CA LYS A 347 17.01 25.58 16.55
C LYS A 347 15.58 25.37 16.06
N ARG A 348 14.67 25.07 16.98
CA ARG A 348 13.30 24.75 16.60
C ARG A 348 12.48 25.98 16.24
N PHE A 349 12.76 27.09 16.89
CA PHE A 349 11.93 28.29 16.74
C PHE A 349 12.66 29.47 16.12
N GLN A 350 13.64 29.16 15.29
CA GLN A 350 14.34 30.15 14.47
C GLN A 350 14.92 31.31 15.29
N GLY A 351 15.55 30.99 16.41
CA GLY A 351 16.26 31.97 17.20
C GLY A 351 15.43 32.77 18.18
N HIS A 352 14.16 32.38 18.35
CA HIS A 352 13.25 33.12 19.24
C HIS A 352 13.08 32.44 20.60
N GLY A 353 14.03 31.58 20.95
CA GLY A 353 13.97 30.87 22.21
C GLY A 353 13.89 31.77 23.42
N LYS A 354 14.71 32.82 23.43
CA LYS A 354 14.76 33.72 24.59
C LYS A 354 13.41 34.43 24.82
N GLU A 355 12.82 34.98 23.77
CA GLU A 355 11.52 35.65 23.91
C GLU A 355 10.43 34.64 24.27
N LEU A 356 10.48 33.46 23.64
CA LEU A 356 9.50 32.42 23.90
C LEU A 356 9.51 31.98 25.35
N LYS A 357 10.69 31.93 25.97
CA LYS A 357 10.76 31.57 27.39
C LYS A 357 10.11 32.65 28.26
N THR A 358 10.43 33.91 28.01
CA THR A 358 9.85 35.01 28.78
C THR A 358 8.33 35.04 28.67
N VAL A 359 7.83 34.90 27.44
CA VAL A 359 6.39 34.89 27.23
C VAL A 359 5.76 33.67 27.90
N PHE A 360 6.46 32.54 27.83
CA PHE A 360 5.97 31.29 28.44
C PHE A 360 5.97 31.38 29.97
N ALA A 361 6.93 32.11 30.51
CA ALA A 361 7.00 32.34 31.95
C ALA A 361 5.77 33.10 32.45
N GLU A 362 5.28 34.02 31.63
CA GLU A 362 4.13 34.84 31.98
C GLU A 362 2.82 34.06 31.85
N ALA A 363 2.69 33.32 30.75
CA ALA A 363 1.52 32.47 30.54
C ALA A 363 1.47 31.32 31.54
N TYR A 364 2.60 30.65 31.71
CA TYR A 364 2.69 29.44 32.54
C TYR A 364 3.82 29.57 33.58
N PRO A 365 3.57 30.32 34.66
CA PRO A 365 4.59 30.68 35.65
C PRO A 365 5.22 29.48 36.37
N GLY A 366 4.43 28.45 36.63
CA GLY A 366 4.93 27.31 37.38
C GLY A 366 5.57 26.23 36.54
N LYS A 367 5.66 26.46 35.24
CA LYS A 367 6.09 25.40 34.33
C LYS A 367 7.56 25.50 33.97
N SER A 368 8.21 24.35 33.82
CA SER A 368 9.55 24.34 33.26
C SER A 368 9.46 24.72 31.78
N PRO A 369 10.41 25.52 31.29
CA PRO A 369 10.52 25.93 29.89
C PRO A 369 10.60 24.75 28.92
N VAL A 370 10.92 23.56 29.41
CA VAL A 370 10.92 22.38 28.55
C VAL A 370 9.55 22.20 27.91
N ASP A 371 8.51 22.53 28.66
CA ASP A 371 7.13 22.31 28.21
C ASP A 371 6.75 23.13 26.99
N LEU A 372 7.58 24.11 26.61
CA LEU A 372 7.42 24.78 25.33
C LEU A 372 7.44 23.78 24.17
N LEU A 373 8.23 22.72 24.32
CA LEU A 373 8.42 21.73 23.27
C LEU A 373 7.21 20.81 23.07
N THR A 374 6.31 20.71 24.05
CA THR A 374 5.13 19.88 23.88
C THR A 374 3.81 20.66 23.90
N LEU A 375 3.90 21.98 24.03
CA LEU A 375 2.73 22.86 24.02
C LEU A 375 1.83 22.59 22.82
N ASP A 376 0.54 22.41 23.07
CA ASP A 376 -0.40 22.17 21.98
C ASP A 376 -0.86 23.46 21.32
N THR A 377 -0.84 23.48 19.99
CA THR A 377 -1.36 24.60 19.21
C THR A 377 -2.38 24.09 18.17
N ILE A 378 -2.67 22.80 18.23
CA ILE A 378 -3.59 22.19 17.27
C ILE A 378 -5.04 22.37 17.71
N PHE A 379 -5.32 22.01 18.95
CA PHE A 379 -6.67 22.11 19.51
C PHE A 379 -6.94 23.46 20.17
N ARG A 380 -5.92 24.07 20.76
CA ARG A 380 -6.12 25.27 21.58
C ARG A 380 -6.65 26.43 20.74
N GLY A 381 -6.04 26.64 19.58
CA GLY A 381 -6.42 27.71 18.68
C GLY A 381 -7.89 27.65 18.28
N PRO A 382 -8.28 26.58 17.59
CA PRO A 382 -9.69 26.38 17.22
C PRO A 382 -10.66 26.40 18.39
N THR A 383 -10.26 25.92 19.57
CA THR A 383 -11.17 25.91 20.71
C THR A 383 -11.42 27.33 21.22
N LYS A 384 -10.41 28.18 21.16
CA LYS A 384 -10.55 29.57 21.59
C LYS A 384 -11.47 30.33 20.66
N GLU A 385 -11.34 30.02 19.38
CA GLU A 385 -12.16 30.61 18.35
C GLU A 385 -13.62 30.21 18.56
N PHE A 386 -13.83 28.96 18.97
CA PHE A 386 -15.17 28.45 19.28
C PHE A 386 -15.79 29.18 20.46
N VAL A 387 -14.99 29.38 21.51
CA VAL A 387 -15.44 30.06 22.71
C VAL A 387 -15.85 31.50 22.39
N ARG A 388 -15.01 32.14 21.59
CA ARG A 388 -15.22 33.53 21.20
C ARG A 388 -16.45 33.64 20.31
N SER A 389 -16.55 32.75 19.33
CA SER A 389 -17.63 32.83 18.37
C SER A 389 -18.97 32.56 19.02
N LEU A 390 -19.01 31.62 19.96
CA LEU A 390 -20.26 31.26 20.62
C LEU A 390 -20.71 32.38 21.58
N ALA A 391 -19.73 32.95 22.28
CA ALA A 391 -20.00 34.06 23.19
C ALA A 391 -20.53 35.28 22.42
N ALA A 392 -19.92 35.53 21.26
CA ALA A 392 -20.34 36.64 20.40
C ALA A 392 -21.79 36.44 19.93
N ALA A 393 -22.15 35.18 19.71
CA ALA A 393 -23.50 34.83 19.26
C ALA A 393 -24.50 34.98 20.40
N GLY A 394 -23.99 35.27 21.60
CA GLY A 394 -24.83 35.46 22.77
C GLY A 394 -24.87 34.26 23.69
N GLY A 395 -24.04 33.26 23.41
CA GLY A 395 -24.07 32.01 24.14
C GLY A 395 -23.37 32.08 25.49
N SER A 396 -23.61 31.03 26.29
CA SER A 396 -23.00 30.91 27.60
C SER A 396 -21.94 29.80 27.58
N VAL A 397 -20.67 30.17 27.76
CA VAL A 397 -19.61 29.20 27.61
C VAL A 397 -18.49 29.36 28.64
N TYR A 398 -18.10 28.23 29.24
CA TYR A 398 -16.96 28.14 30.16
C TYR A 398 -15.80 27.43 29.46
N SER A 399 -14.58 27.82 29.81
CA SER A 399 -13.41 27.24 29.15
C SER A 399 -12.38 26.74 30.14
N TYR A 400 -11.84 25.54 29.92
CA TYR A 400 -10.72 25.09 30.75
C TYR A 400 -9.57 24.55 29.93
N LEU A 401 -8.42 24.46 30.60
CA LEU A 401 -7.25 23.83 30.04
C LEU A 401 -6.62 22.99 31.14
N PHE A 402 -6.54 21.69 30.86
CA PHE A 402 -5.96 20.70 31.76
C PHE A 402 -4.45 20.66 31.54
N ALA A 403 -3.68 20.99 32.57
CA ALA A 403 -2.23 21.11 32.41
C ALA A 403 -1.43 20.25 33.38
N LEU A 404 -2.08 19.25 33.99
CA LEU A 404 -1.40 18.41 34.97
C LEU A 404 -0.26 17.63 34.34
N GLU A 405 0.88 17.56 35.02
CA GLU A 405 2.01 16.73 34.62
C GLU A 405 1.98 15.40 35.37
N PHE A 406 2.41 14.32 34.70
CA PHE A 406 2.18 12.96 35.19
C PHE A 406 3.47 12.22 35.61
N PRO A 407 3.32 11.22 36.49
CA PRO A 407 4.49 10.46 36.99
C PRO A 407 4.94 9.42 35.97
N TYR A 408 5.40 9.90 34.83
CA TYR A 408 5.67 9.04 33.68
C TYR A 408 6.61 9.76 32.73
N GLN A 409 7.76 9.15 32.46
CA GLN A 409 8.77 9.69 31.57
C GLN A 409 9.18 11.10 31.99
N ASN A 410 9.28 11.28 33.30
CA ASN A 410 9.76 12.51 33.93
C ASN A 410 8.83 13.70 33.69
N GLN A 411 7.68 13.67 34.38
CA GLN A 411 6.67 14.72 34.32
C GLN A 411 6.15 14.96 32.92
N LYS A 412 5.76 13.89 32.23
CA LYS A 412 5.14 14.04 30.91
C LYS A 412 3.97 15.03 31.00
N THR A 413 3.91 15.95 30.05
CA THR A 413 2.79 16.90 30.04
C THR A 413 1.48 16.22 29.61
N ALA A 414 0.36 16.85 29.96
CA ALA A 414 -0.96 16.26 29.72
C ALA A 414 -1.17 15.98 28.24
N TRP A 415 -1.52 14.73 27.94
CA TRP A 415 -1.70 14.28 26.58
C TRP A 415 -3.19 14.10 26.25
N HIS A 416 -3.49 13.99 24.97
CA HIS A 416 -4.84 13.75 24.45
C HIS A 416 -5.50 12.54 25.12
N CYS A 417 -6.65 12.81 25.77
CA CYS A 417 -7.47 11.86 26.57
C CYS A 417 -7.07 11.73 28.03
N SER A 418 -6.03 12.44 28.46
CA SER A 418 -5.59 12.29 29.85
C SER A 418 -6.60 12.88 30.82
N ASP A 419 -7.43 13.82 30.37
CA ASP A 419 -8.42 14.41 31.28
C ASP A 419 -9.70 13.55 31.44
N ILE A 420 -9.91 12.60 30.53
CA ILE A 420 -11.08 11.74 30.59
C ILE A 420 -11.26 10.99 31.94
N PRO A 421 -10.18 10.41 32.50
CA PRO A 421 -10.33 9.78 33.83
C PRO A 421 -10.79 10.73 34.93
N PHE A 422 -10.34 11.97 34.88
CA PHE A 422 -10.68 12.94 35.91
C PHE A 422 -12.14 13.36 35.80
N ILE A 423 -12.59 13.61 34.57
CA ILE A 423 -13.98 14.01 34.33
C ILE A 423 -14.93 12.88 34.74
N PHE A 424 -14.51 11.63 34.51
CA PHE A 424 -15.33 10.48 34.86
C PHE A 424 -15.14 9.98 36.30
N HIS A 425 -14.23 10.62 37.04
CA HIS A 425 -13.93 10.22 38.42
C HIS A 425 -13.39 8.78 38.41
N ASN A 426 -12.63 8.46 37.37
CA ASN A 426 -12.10 7.13 37.11
C ASN A 426 -10.58 7.04 37.13
N THR A 427 -9.93 7.94 37.86
CA THR A 427 -8.48 7.88 37.96
C THR A 427 -8.06 6.50 38.48
N GLU A 428 -8.92 5.84 39.25
CA GLU A 428 -8.59 4.50 39.74
C GLU A 428 -8.53 3.47 38.60
N LEU A 429 -9.13 3.80 37.46
CA LEU A 429 -9.15 2.90 36.30
C LEU A 429 -8.02 3.20 35.30
N VAL A 430 -7.23 4.22 35.58
CA VAL A 430 -6.10 4.57 34.72
C VAL A 430 -4.86 4.83 35.58
N PRO A 431 -4.05 3.77 35.80
CA PRO A 431 -2.88 3.77 36.68
C PRO A 431 -2.02 5.04 36.62
N VAL A 432 -1.64 5.45 35.42
CA VAL A 432 -0.68 6.55 35.29
C VAL A 432 -1.19 7.88 35.88
N THR A 433 -2.49 7.99 36.11
CA THR A 433 -3.05 9.26 36.59
C THR A 433 -2.99 9.38 38.11
N ASN A 434 -2.51 8.34 38.78
CA ASN A 434 -2.49 8.37 40.23
C ASN A 434 -1.21 8.98 40.79
N ILE A 435 -1.37 10.12 41.46
CA ILE A 435 -0.26 10.88 42.02
C ILE A 435 -0.59 11.20 43.47
N PRO A 436 0.26 10.73 44.40
CA PRO A 436 -0.02 10.94 45.82
C PRO A 436 -0.19 12.43 46.14
N GLU A 437 -1.17 12.75 46.98
CA GLU A 437 -1.42 14.12 47.45
C GLU A 437 -1.74 15.11 46.33
N ILE A 438 -2.04 14.60 45.13
CA ILE A 438 -2.23 15.46 43.96
C ILE A 438 -3.47 15.09 43.13
N SER A 439 -3.57 13.82 42.71
CA SER A 439 -4.60 13.46 41.75
C SER A 439 -6.01 13.39 42.35
N ASP A 440 -6.13 12.85 43.57
CA ASP A 440 -7.42 12.80 44.25
C ASP A 440 -8.07 14.18 44.33
N LYS A 441 -7.26 15.18 44.68
CA LYS A 441 -7.75 16.55 44.82
C LYS A 441 -8.26 17.11 43.50
N LEU A 442 -7.46 16.97 42.45
CA LEU A 442 -7.79 17.55 41.16
C LEU A 442 -9.00 16.85 40.55
N GLU A 443 -9.07 15.53 40.70
CA GLU A 443 -10.20 14.76 40.22
C GLU A 443 -11.50 15.27 40.84
N LYS A 444 -11.49 15.54 42.14
CA LYS A 444 -12.66 16.08 42.81
C LYS A 444 -12.98 17.48 42.30
N GLN A 445 -11.94 18.29 42.10
CA GLN A 445 -12.12 19.66 41.63
C GLN A 445 -12.82 19.70 40.27
N MET A 446 -12.31 18.92 39.33
CA MET A 446 -12.89 18.90 37.99
C MET A 446 -14.26 18.22 38.00
N PHE A 447 -14.36 17.11 38.72
CA PHE A 447 -15.61 16.36 38.75
C PHE A 447 -16.74 17.14 39.42
N ASP A 448 -16.46 17.75 40.57
CA ASP A 448 -17.47 18.54 41.26
C ASP A 448 -17.91 19.73 40.41
N ALA A 449 -16.99 20.24 39.59
CA ALA A 449 -17.32 21.35 38.71
C ALA A 449 -18.31 20.91 37.64
N VAL A 450 -18.06 19.74 37.05
CA VAL A 450 -18.96 19.19 36.03
C VAL A 450 -20.36 18.97 36.63
N ILE A 451 -20.39 18.38 37.82
CA ILE A 451 -21.65 18.11 38.49
C ILE A 451 -22.43 19.39 38.80
N HIS A 452 -21.74 20.40 39.33
CA HIS A 452 -22.36 21.71 39.58
C HIS A 452 -22.87 22.29 38.26
N PHE A 453 -22.09 22.11 37.20
CA PHE A 453 -22.44 22.61 35.88
C PHE A 453 -23.77 22.03 35.39
N VAL A 454 -23.96 20.72 35.53
CA VAL A 454 -25.18 20.11 35.00
C VAL A 454 -26.34 20.17 36.00
N GLU A 455 -26.06 20.57 37.23
CA GLU A 455 -27.13 20.75 38.22
C GLU A 455 -27.64 22.19 38.26
N THR A 456 -26.77 23.16 37.97
CA THR A 456 -27.15 24.56 38.12
C THR A 456 -26.81 25.43 36.89
N GLY A 457 -26.04 24.89 35.95
CA GLY A 457 -25.55 25.67 34.84
C GLY A 457 -24.31 26.50 35.18
N ASP A 458 -23.87 26.41 36.44
CA ASP A 458 -22.71 27.14 36.94
C ASP A 458 -21.74 26.15 37.58
N PRO A 459 -20.53 25.99 37.00
CA PRO A 459 -19.57 25.01 37.49
C PRO A 459 -18.85 25.42 38.78
N ASN A 460 -19.03 26.67 39.21
CA ASN A 460 -18.31 27.18 40.37
C ASN A 460 -18.64 26.44 41.67
N HIS A 461 -17.61 26.26 42.50
CA HIS A 461 -17.78 25.69 43.84
C HIS A 461 -16.57 25.98 44.71
N LEU A 462 -16.68 25.65 46.00
CA LEU A 462 -15.72 26.10 47.02
C LEU A 462 -14.27 25.64 46.81
N GLY A 463 -14.08 24.58 46.04
CA GLY A 463 -12.74 24.04 45.85
C GLY A 463 -11.94 24.63 44.70
N ILE A 464 -12.56 25.46 43.88
CA ILE A 464 -11.88 26.04 42.73
C ILE A 464 -12.05 27.57 42.70
N PRO A 465 -11.09 28.27 42.08
CA PRO A 465 -11.18 29.73 41.95
C PRO A 465 -12.40 30.18 41.18
N GLN A 466 -12.78 31.45 41.35
CA GLN A 466 -13.94 32.02 40.70
C GLN A 466 -13.82 31.89 39.19
N TRP A 467 -14.77 31.18 38.58
CA TRP A 467 -14.70 30.85 37.16
C TRP A 467 -15.84 31.50 36.40
N PRO A 468 -15.59 32.68 35.81
CA PRO A 468 -16.64 33.38 35.06
C PRO A 468 -16.89 32.80 33.68
N VAL A 469 -18.05 33.10 33.10
CA VAL A 469 -18.29 32.75 31.70
C VAL A 469 -17.34 33.55 30.83
N SER A 470 -16.94 32.96 29.72
CA SER A 470 -16.10 33.66 28.77
C SER A 470 -16.96 34.59 27.92
N THR A 471 -16.38 35.73 27.54
CA THR A 471 -17.08 36.67 26.70
C THR A 471 -16.33 36.82 25.40
N GLU A 472 -16.97 37.48 24.45
CA GLU A 472 -16.41 37.70 23.12
C GLU A 472 -14.98 38.24 23.10
N ASP A 473 -14.68 39.21 23.95
CA ASP A 473 -13.36 39.83 23.93
C ASP A 473 -12.44 39.33 25.04
N ARG A 474 -12.95 38.42 25.86
CA ARG A 474 -12.25 38.01 27.08
C ARG A 474 -12.50 36.57 27.51
N GLU A 475 -11.62 35.65 27.12
CA GLU A 475 -11.75 34.27 27.57
C GLU A 475 -11.20 34.09 28.98
N ALA A 476 -12.00 33.48 29.85
CA ALA A 476 -11.58 33.15 31.19
C ALA A 476 -11.27 31.66 31.25
N THR A 477 -9.99 31.32 31.24
CA THR A 477 -9.59 29.92 31.21
C THR A 477 -9.29 29.35 32.59
N MET A 478 -10.10 28.41 33.04
CA MET A 478 -9.81 27.65 34.25
C MET A 478 -8.69 26.64 33.96
N ILE A 479 -7.52 26.87 34.55
CA ILE A 479 -6.39 25.99 34.36
C ILE A 479 -6.41 24.94 35.45
N PHE A 480 -6.72 23.71 35.06
CA PHE A 480 -6.79 22.61 36.00
C PHE A 480 -5.40 22.01 36.19
N ASP A 481 -4.90 22.06 37.42
CA ASP A 481 -3.53 21.66 37.70
C ASP A 481 -3.37 21.42 39.20
N ARG A 482 -2.14 21.09 39.61
CA ARG A 482 -1.76 21.06 41.02
C ARG A 482 -2.29 22.29 41.76
N VAL A 483 -2.13 23.45 41.14
CA VAL A 483 -2.75 24.65 41.66
C VAL A 483 -3.66 25.21 40.58
N CYS A 484 -4.96 25.20 40.83
CA CYS A 484 -5.91 25.67 39.85
C CYS A 484 -5.95 27.19 39.84
N THR A 485 -5.85 27.77 38.65
CA THR A 485 -5.98 29.21 38.50
C THR A 485 -6.89 29.55 37.32
N VAL A 486 -7.51 30.71 37.39
CA VAL A 486 -8.28 31.24 36.26
C VAL A 486 -7.53 32.40 35.63
N ARG A 487 -7.30 32.32 34.32
CA ARG A 487 -6.52 33.34 33.63
C ARG A 487 -7.32 33.95 32.48
N PHE A 488 -6.96 35.15 32.05
CA PHE A 488 -7.73 35.85 31.04
C PHE A 488 -6.89 36.17 29.79
N ASN A 489 -7.42 35.79 28.61
CA ASN A 489 -6.71 35.89 27.34
C ASN A 489 -5.23 35.54 27.48
N PHE A 490 -4.94 34.50 28.25
CA PHE A 490 -3.61 34.37 28.85
C PHE A 490 -2.52 33.86 27.92
N ASP A 491 -2.89 33.11 26.89
CA ASP A 491 -1.91 32.58 25.95
C ASP A 491 -2.07 33.17 24.56
N ASP A 492 -2.63 34.37 24.46
CA ASP A 492 -2.82 35.03 23.16
C ASP A 492 -1.50 35.28 22.46
N TYR A 493 -0.58 35.95 23.15
CA TYR A 493 0.68 36.30 22.51
C TYR A 493 1.58 35.07 22.43
N LEU A 494 1.47 34.18 23.41
CA LEU A 494 2.22 32.93 23.40
C LEU A 494 2.02 32.18 22.09
N LEU A 495 0.76 31.95 21.72
CA LEU A 495 0.45 31.27 20.48
C LEU A 495 0.86 32.09 19.26
N GLU A 496 0.61 33.40 19.31
CA GLU A 496 1.02 34.28 18.22
C GLU A 496 2.52 34.19 17.99
N LEU A 497 3.29 34.24 19.07
CA LEU A 497 4.75 34.18 18.98
C LEU A 497 5.19 32.79 18.55
N TYR A 498 4.57 31.77 19.14
CA TYR A 498 4.87 30.38 18.83
C TYR A 498 4.78 30.13 17.33
N LYS A 499 3.63 30.45 16.75
CA LYS A 499 3.39 30.19 15.34
C LYS A 499 4.27 31.04 14.43
N LYS A 500 4.55 32.26 14.85
CA LYS A 500 5.42 33.15 14.10
C LYS A 500 6.85 32.61 14.00
N ALA A 501 7.26 31.87 15.03
CA ALA A 501 8.65 31.41 15.15
C ALA A 501 8.91 30.05 14.50
N LEU A 502 7.86 29.26 14.27
CA LEU A 502 8.02 27.97 13.59
C LEU A 502 8.18 28.15 12.08
N ALA B 2 -5.95 7.92 46.41
CA ALA B 2 -5.35 7.41 45.18
C ALA B 2 -4.65 6.07 45.43
N LYS B 3 -4.38 5.36 44.35
CA LYS B 3 -3.73 4.06 44.43
C LYS B 3 -2.27 4.18 44.03
N GLN B 4 -1.46 3.20 44.42
CA GLN B 4 -0.02 3.27 44.20
C GLN B 4 0.33 3.00 42.74
N PHE B 5 1.12 3.89 42.15
CA PHE B 5 1.61 3.73 40.79
C PHE B 5 3.06 4.18 40.68
N LEU B 6 3.85 3.38 39.98
CA LEU B 6 5.24 3.75 39.66
C LEU B 6 5.64 3.28 38.26
N TYR B 7 6.48 4.09 37.62
CA TYR B 7 7.04 3.75 36.32
C TYR B 7 8.51 4.15 36.23
N ASP B 8 8.77 5.43 36.47
CA ASP B 8 10.13 5.95 36.35
C ASP B 8 11.03 5.29 37.37
N ASN B 9 12.22 4.90 36.93
CA ASN B 9 13.27 4.35 37.78
C ASN B 9 12.95 2.95 38.30
N LEU B 10 11.92 2.32 37.74
CA LEU B 10 11.65 0.92 38.03
C LEU B 10 12.74 0.07 37.38
N PRO B 11 13.11 -1.05 38.04
CA PRO B 11 14.15 -1.96 37.53
C PRO B 11 13.90 -2.42 36.10
N VAL B 12 14.92 -2.32 35.26
CA VAL B 12 14.89 -2.86 33.92
C VAL B 12 15.21 -4.35 33.97
N VAL B 13 14.41 -5.17 33.30
CA VAL B 13 14.66 -6.61 33.29
C VAL B 13 15.29 -6.98 31.96
N GLU B 14 16.24 -7.90 32.00
CA GLU B 14 16.93 -8.26 30.78
C GLU B 14 16.61 -9.69 30.37
N THR B 15 16.13 -9.85 29.15
CA THR B 15 15.87 -11.16 28.59
C THR B 15 16.87 -11.44 27.50
N LYS B 16 16.88 -12.69 27.04
CA LYS B 16 17.85 -13.15 26.04
C LYS B 16 17.87 -12.24 24.82
N ALA B 17 16.72 -11.69 24.47
CA ALA B 17 16.58 -10.89 23.26
C ALA B 17 16.73 -9.39 23.53
N GLY B 18 16.55 -8.97 24.77
CA GLY B 18 16.65 -7.55 25.04
C GLY B 18 16.11 -7.12 26.38
N LYS B 19 16.14 -5.80 26.60
CA LYS B 19 15.77 -5.24 27.89
C LYS B 19 14.34 -4.71 27.89
N LEU B 20 13.65 -4.97 28.98
CA LEU B 20 12.24 -4.62 29.12
C LEU B 20 11.98 -3.70 30.30
N ARG B 21 10.90 -2.93 30.18
CA ARG B 21 10.44 -2.02 31.22
C ARG B 21 8.94 -2.26 31.43
N GLY B 22 8.51 -2.37 32.68
CA GLY B 22 7.10 -2.55 32.99
C GLY B 22 6.58 -1.44 33.90
N TYR B 23 5.50 -1.69 34.63
CA TYR B 23 5.04 -0.71 35.62
C TYR B 23 4.66 -1.36 36.94
N GLN B 24 4.34 -0.52 37.92
CA GLN B 24 3.94 -1.01 39.24
C GLN B 24 2.61 -0.40 39.64
N TRP B 25 1.69 -1.27 40.03
CA TRP B 25 0.34 -0.88 40.34
C TRP B 25 -0.10 -1.61 41.60
N GLU B 26 -0.43 -0.84 42.64
CA GLU B 26 -0.80 -1.40 43.94
C GLU B 26 0.24 -2.38 44.44
N GLY B 27 1.52 -2.04 44.24
CA GLY B 27 2.61 -2.84 44.76
C GLY B 27 3.05 -3.98 43.85
N THR B 28 2.17 -4.36 42.93
CA THR B 28 2.44 -5.43 41.97
C THR B 28 3.17 -4.92 40.72
N TYR B 29 4.24 -5.62 40.35
CA TYR B 29 4.95 -5.36 39.12
C TYR B 29 4.23 -6.02 37.96
N ILE B 30 3.96 -5.25 36.91
CA ILE B 30 3.16 -5.73 35.78
C ILE B 30 3.87 -5.52 34.45
N PHE B 31 3.97 -6.60 33.67
CA PHE B 31 4.42 -6.51 32.29
C PHE B 31 3.33 -7.07 31.36
N LYS B 32 3.13 -6.44 30.20
CA LYS B 32 2.11 -6.91 29.25
C LYS B 32 2.67 -7.02 27.84
N GLY B 33 2.10 -7.95 27.08
CA GLY B 33 2.46 -8.13 25.67
C GLY B 33 3.92 -8.42 25.39
N ILE B 34 4.58 -9.19 26.26
CA ILE B 34 5.94 -9.63 25.97
C ILE B 34 5.90 -10.71 24.88
N ARG B 35 6.48 -10.44 23.72
CA ARG B 35 6.51 -11.41 22.63
C ARG B 35 7.50 -12.52 22.94
N TYR B 36 7.04 -13.77 22.97
CA TYR B 36 7.94 -14.88 23.30
C TYR B 36 8.37 -15.65 22.05
N ALA B 37 7.71 -15.39 20.93
CA ALA B 37 8.04 -16.08 19.70
C ALA B 37 7.40 -15.39 18.51
N ARG B 38 7.88 -15.73 17.32
CA ARG B 38 7.20 -15.34 16.10
C ARG B 38 6.95 -16.58 15.25
N ALA B 39 5.98 -16.50 14.35
CA ALA B 39 5.67 -17.65 13.51
C ALA B 39 5.01 -17.24 12.21
N ASN B 40 5.50 -17.79 11.10
CA ASN B 40 4.81 -17.72 9.83
C ASN B 40 3.62 -18.67 9.87
N ARG B 41 2.58 -18.38 9.08
CA ARG B 41 1.37 -19.20 9.09
C ARG B 41 1.70 -20.67 8.75
N PHE B 42 1.15 -21.59 9.53
CA PHE B 42 1.31 -23.04 9.35
C PHE B 42 2.75 -23.52 9.61
N GLN B 43 3.55 -22.72 10.30
CA GLN B 43 4.92 -23.13 10.62
C GLN B 43 5.22 -23.02 12.11
N LEU B 44 6.27 -23.70 12.53
CA LEU B 44 6.64 -23.77 13.95
C LEU B 44 7.18 -22.43 14.45
N PRO B 45 7.00 -22.17 15.75
CA PRO B 45 7.48 -20.93 16.36
C PRO B 45 9.00 -20.85 16.44
N GLU B 46 9.54 -19.65 16.23
CA GLU B 46 10.96 -19.41 16.41
C GLU B 46 11.16 -18.21 17.33
N GLU B 47 12.39 -18.01 17.77
CA GLU B 47 12.67 -16.95 18.74
C GLU B 47 12.56 -15.57 18.11
N VAL B 48 12.22 -14.58 18.94
CA VAL B 48 12.05 -13.22 18.47
C VAL B 48 13.40 -12.61 18.12
N GLU B 49 13.37 -11.50 17.38
CA GLU B 49 14.62 -10.84 17.00
C GLU B 49 15.13 -9.98 18.16
N PRO B 50 16.45 -10.04 18.43
CA PRO B 50 17.05 -9.21 19.47
C PRO B 50 16.85 -7.72 19.21
N TRP B 51 16.77 -6.91 20.26
CA TRP B 51 16.66 -5.46 20.10
C TRP B 51 17.63 -4.71 21.01
N GLU B 52 17.94 -3.48 20.61
CA GLU B 52 18.75 -2.60 21.45
C GLU B 52 17.86 -1.68 22.27
N GLY B 53 18.33 -1.27 23.44
CA GLY B 53 17.61 -0.35 24.27
C GLY B 53 16.51 -1.01 25.08
N VAL B 54 15.76 -0.20 25.81
CA VAL B 54 14.70 -0.70 26.68
C VAL B 54 13.34 -0.54 26.04
N LYS B 55 12.66 -1.65 25.84
CA LYS B 55 11.32 -1.63 25.27
C LYS B 55 10.30 -1.63 26.39
N GLU B 56 9.30 -0.77 26.29
CA GLU B 56 8.22 -0.79 27.26
C GLU B 56 7.25 -1.92 26.97
N ALA B 57 7.00 -2.77 27.97
CA ALA B 57 6.00 -3.82 27.84
C ALA B 57 4.85 -3.59 28.82
N ALA B 58 3.90 -2.75 28.41
CA ALA B 58 2.79 -2.36 29.28
C ALA B 58 1.46 -2.35 28.54
N SER B 59 1.45 -2.96 27.36
CA SER B 59 0.23 -3.02 26.54
C SER B 59 -0.04 -4.47 26.15
N TYR B 60 -1.26 -4.94 26.40
CA TYR B 60 -1.62 -6.30 25.98
C TYR B 60 -1.38 -6.46 24.49
N GLY B 61 -0.74 -7.55 24.10
CA GLY B 61 -0.40 -7.76 22.71
C GLY B 61 -1.60 -8.23 21.90
N PHE B 62 -1.42 -8.37 20.59
CA PHE B 62 -2.45 -8.89 19.72
C PHE B 62 -2.91 -10.28 20.17
N VAL B 63 -4.20 -10.57 20.00
CA VAL B 63 -4.69 -11.92 20.25
C VAL B 63 -4.93 -12.62 18.91
N CYS B 64 -5.13 -13.92 18.94
CA CYS B 64 -5.16 -14.72 17.71
C CYS B 64 -6.46 -14.54 16.94
N PRO B 65 -6.36 -14.42 15.60
CA PRO B 65 -7.54 -14.35 14.73
C PRO B 65 -8.50 -15.53 14.93
N MET B 66 -9.80 -15.31 14.75
CA MET B 66 -10.79 -16.36 14.98
C MET B 66 -11.74 -16.55 13.78
N LEU B 67 -12.31 -17.74 13.67
CA LEU B 67 -13.16 -18.10 12.53
C LEU B 67 -14.52 -17.45 12.57
N THR B 68 -15.05 -17.30 13.78
CA THR B 68 -16.35 -16.69 13.96
C THR B 68 -16.24 -15.57 14.99
N ARG B 69 -17.27 -14.72 15.03
CA ARG B 69 -17.30 -13.58 15.93
C ARG B 69 -18.17 -13.91 17.13
N ASP B 70 -17.62 -13.71 18.32
CA ASP B 70 -18.31 -13.95 19.58
C ASP B 70 -19.65 -13.21 19.66
N HIS B 71 -20.61 -13.81 20.35
CA HIS B 71 -21.91 -13.19 20.56
C HIS B 71 -22.26 -13.20 22.04
N PRO B 72 -21.59 -12.34 22.82
CA PRO B 72 -21.67 -12.41 24.29
C PRO B 72 -23.03 -11.96 24.82
N GLN B 73 -23.79 -12.89 25.37
CA GLN B 73 -25.12 -12.56 25.86
C GLN B 73 -25.33 -13.02 27.29
N GLY B 74 -24.28 -13.56 27.88
CA GLY B 74 -24.33 -13.99 29.27
C GLY B 74 -23.18 -13.44 30.09
N GLU B 75 -22.99 -12.13 30.08
CA GLU B 75 -21.82 -11.52 30.71
C GLU B 75 -21.87 -11.49 32.25
N LEU B 76 -23.05 -11.72 32.83
CA LEU B 76 -23.11 -11.88 34.27
C LEU B 76 -22.49 -13.22 34.65
N LEU B 77 -22.70 -14.23 33.80
CA LEU B 77 -22.14 -15.55 34.05
C LEU B 77 -20.63 -15.56 33.86
N VAL B 78 -20.18 -14.93 32.79
CA VAL B 78 -18.76 -14.90 32.43
C VAL B 78 -18.39 -13.55 31.80
N PRO B 79 -17.84 -12.61 32.60
CA PRO B 79 -17.43 -11.31 32.06
C PRO B 79 -16.22 -11.44 31.13
N HIS B 80 -16.37 -11.05 29.87
CA HIS B 80 -15.31 -11.17 28.88
C HIS B 80 -14.60 -9.86 28.55
N ARG B 81 -13.47 -9.98 27.87
CA ARG B 81 -12.75 -8.86 27.26
C ARG B 81 -12.28 -9.31 25.89
N TYR B 82 -12.20 -8.38 24.95
CA TYR B 82 -11.75 -8.71 23.60
C TYR B 82 -10.68 -7.73 23.17
N TRP B 83 -10.00 -8.05 22.08
CA TRP B 83 -8.78 -7.32 21.72
C TRP B 83 -8.51 -7.50 20.23
N PRO B 84 -7.83 -6.52 19.60
CA PRO B 84 -7.46 -6.62 18.18
C PRO B 84 -6.72 -7.91 17.86
N GLN B 85 -7.10 -8.51 16.74
CA GLN B 85 -6.58 -9.79 16.29
C GLN B 85 -5.47 -9.63 15.25
N ASP B 86 -4.42 -10.42 15.38
CA ASP B 86 -3.30 -10.38 14.45
C ASP B 86 -2.55 -11.69 14.60
N GLU B 87 -1.89 -12.15 13.55
CA GLU B 87 -1.16 -13.40 13.67
C GLU B 87 0.17 -13.22 14.42
N ASP B 88 0.53 -11.97 14.70
CA ASP B 88 1.64 -11.69 15.62
C ASP B 88 1.07 -11.66 17.03
N CYS B 89 0.66 -12.82 17.52
CA CYS B 89 -0.08 -12.93 18.78
C CYS B 89 0.64 -13.75 19.84
N LEU B 90 1.85 -14.20 19.56
CA LEU B 90 2.54 -15.07 20.50
C LEU B 90 3.20 -14.25 21.60
N SER B 91 2.39 -13.78 22.55
CA SER B 91 2.90 -12.98 23.65
C SER B 91 2.32 -13.43 24.99
N LEU B 92 2.93 -12.98 26.08
CA LEU B 92 2.43 -13.31 27.42
C LEU B 92 2.44 -12.09 28.35
N ASN B 93 1.78 -12.24 29.50
CA ASN B 93 1.69 -11.18 30.48
C ASN B 93 2.14 -11.68 31.83
N ILE B 94 2.71 -10.80 32.66
CA ILE B 94 3.31 -11.23 33.93
C ILE B 94 2.94 -10.31 35.10
N TRP B 95 2.51 -10.92 36.22
CA TRP B 95 2.33 -10.18 37.46
C TRP B 95 3.27 -10.76 38.51
N SER B 96 3.93 -9.89 39.26
CA SER B 96 4.88 -10.35 40.27
C SER B 96 4.97 -9.37 41.43
N GLN B 97 5.20 -9.89 42.63
CA GLN B 97 5.34 -9.03 43.79
C GLN B 97 6.77 -8.52 43.95
N SER B 98 7.70 -9.05 43.15
CA SER B 98 9.10 -8.65 43.22
C SER B 98 9.91 -9.07 41.99
N LEU B 99 10.86 -8.22 41.61
CA LEU B 99 11.75 -8.52 40.49
C LEU B 99 13.11 -8.99 41.00
N ASP B 100 13.16 -9.35 42.28
CA ASP B 100 14.37 -9.89 42.87
C ASP B 100 14.61 -11.33 42.43
N ARG B 101 15.73 -11.56 41.75
CA ARG B 101 16.05 -12.88 41.18
C ARG B 101 16.13 -13.99 42.22
N SER B 102 16.23 -13.63 43.49
CA SER B 102 16.34 -14.61 44.58
C SER B 102 15.00 -15.00 45.19
N ALA B 103 13.95 -14.26 44.86
CA ALA B 103 12.62 -14.52 45.43
C ALA B 103 12.18 -15.94 45.13
N LYS B 104 12.39 -16.38 43.89
CA LYS B 104 12.13 -17.75 43.48
C LYS B 104 10.73 -18.24 43.83
N LYS B 105 9.72 -17.40 43.55
CA LYS B 105 8.35 -17.74 43.89
C LYS B 105 7.74 -18.72 42.89
N PRO B 106 6.73 -19.48 43.32
CA PRO B 106 6.00 -20.38 42.42
C PRO B 106 5.48 -19.65 41.18
N VAL B 107 5.58 -20.29 40.01
CA VAL B 107 5.06 -19.70 38.79
C VAL B 107 3.73 -20.34 38.37
N MET B 108 2.73 -19.51 38.12
CA MET B 108 1.42 -19.96 37.68
C MET B 108 1.23 -19.65 36.20
N PHE B 109 1.20 -20.69 35.38
CA PHE B 109 1.17 -20.53 33.93
C PHE B 109 -0.23 -20.84 33.40
N TRP B 110 -1.01 -19.78 33.13
CA TRP B 110 -2.42 -19.93 32.75
C TRP B 110 -2.64 -20.11 31.26
N ILE B 111 -3.33 -21.18 30.89
CA ILE B 111 -3.67 -21.46 29.50
C ILE B 111 -5.18 -21.41 29.31
N HIS B 112 -5.65 -20.42 28.53
CA HIS B 112 -7.08 -20.13 28.43
C HIS B 112 -7.85 -21.20 27.68
N GLY B 113 -9.16 -21.21 27.89
CA GLY B 113 -10.03 -22.12 27.16
C GLY B 113 -10.73 -21.36 26.05
N GLY B 114 -11.79 -21.97 25.53
CA GLY B 114 -12.42 -21.51 24.30
C GLY B 114 -12.23 -22.59 23.25
N ALA B 115 -12.54 -23.83 23.63
CA ALA B 115 -12.15 -25.00 22.86
C ALA B 115 -10.67 -24.88 22.50
N PHE B 116 -10.32 -25.11 21.24
CA PHE B 116 -8.97 -24.80 20.78
C PHE B 116 -9.01 -23.70 19.71
N SER B 117 -10.09 -22.93 19.69
CA SER B 117 -10.35 -22.03 18.57
C SER B 117 -10.56 -20.57 18.96
N MET B 118 -10.93 -20.31 20.20
CA MET B 118 -11.24 -18.94 20.62
C MET B 118 -10.52 -18.62 21.93
N GLY B 119 -10.64 -17.38 22.38
CA GLY B 119 -10.09 -16.99 23.67
C GLY B 119 -8.71 -16.37 23.58
N SER B 120 -8.23 -15.89 24.72
CA SER B 120 -6.94 -15.24 24.83
C SER B 120 -6.52 -15.18 26.29
N SER B 121 -5.31 -14.68 26.54
CA SER B 121 -4.82 -14.51 27.91
C SER B 121 -5.62 -13.49 28.71
N ILE B 122 -6.45 -12.72 28.02
CA ILE B 122 -7.26 -11.70 28.67
C ILE B 122 -8.75 -11.88 28.40
N GLU B 123 -9.13 -13.00 27.79
CA GLU B 123 -10.50 -13.14 27.29
C GLU B 123 -11.58 -13.12 28.38
N GLN B 124 -11.20 -13.44 29.61
CA GLN B 124 -12.09 -13.22 30.75
C GLN B 124 -11.48 -12.16 31.66
N LYS B 125 -12.33 -11.32 32.24
CA LYS B 125 -11.85 -10.32 33.19
C LYS B 125 -11.13 -11.01 34.34
N ALA B 126 -11.59 -12.21 34.68
CA ALA B 126 -11.04 -12.94 35.82
C ALA B 126 -9.66 -13.53 35.55
N TYR B 127 -9.18 -13.46 34.32
CA TYR B 127 -7.83 -13.95 34.02
C TYR B 127 -6.76 -12.95 34.46
N ASN B 128 -7.16 -11.82 35.03
CA ASN B 128 -6.17 -10.83 35.47
C ASN B 128 -5.37 -11.34 36.67
N GLY B 129 -4.05 -11.17 36.62
CA GLY B 129 -3.17 -11.81 37.58
C GLY B 129 -2.86 -11.12 38.89
N GLU B 130 -3.36 -9.90 39.07
CA GLU B 130 -2.99 -9.09 40.24
C GLU B 130 -3.25 -9.79 41.57
N ASN B 131 -4.51 -10.13 41.82
CA ASN B 131 -4.88 -10.66 43.11
C ASN B 131 -4.19 -11.98 43.43
N MET B 132 -4.10 -12.86 42.44
CA MET B 132 -3.45 -14.15 42.67
C MET B 132 -1.99 -13.91 43.03
N SER B 133 -1.32 -13.05 42.28
CA SER B 133 0.05 -12.68 42.58
C SER B 133 0.15 -12.06 43.97
N ARG B 134 -0.74 -11.14 44.28
CA ARG B 134 -0.64 -10.42 45.55
C ARG B 134 -0.95 -11.32 46.75
N TYR B 135 -2.05 -12.06 46.69
CA TYR B 135 -2.50 -12.86 47.81
C TYR B 135 -1.73 -14.17 47.94
N GLY B 136 -1.15 -14.63 46.85
CA GLY B 136 -0.42 -15.90 46.87
C GLY B 136 1.08 -15.71 46.90
N ASP B 137 1.53 -14.50 46.59
CA ASP B 137 2.95 -14.19 46.40
C ASP B 137 3.55 -15.18 45.41
N VAL B 138 2.91 -15.24 44.25
CA VAL B 138 3.36 -16.07 43.14
C VAL B 138 3.53 -15.17 41.92
N VAL B 139 4.27 -15.66 40.93
CA VAL B 139 4.44 -14.97 39.67
C VAL B 139 3.43 -15.54 38.68
N VAL B 140 2.48 -14.71 38.25
CA VAL B 140 1.43 -15.18 37.35
C VAL B 140 1.75 -14.87 35.90
N VAL B 141 1.67 -15.88 35.05
CA VAL B 141 1.94 -15.73 33.63
C VAL B 141 0.70 -16.11 32.81
N THR B 142 0.18 -15.21 31.98
CA THR B 142 -0.96 -15.55 31.13
C THR B 142 -0.54 -15.43 29.67
N VAL B 143 -0.92 -16.41 28.85
CA VAL B 143 -0.31 -16.55 27.53
C VAL B 143 -1.33 -16.60 26.38
N ASN B 144 -0.96 -16.04 25.23
CA ASN B 144 -1.68 -16.29 23.97
C ASN B 144 -0.92 -17.32 23.16
N HIS B 145 -1.65 -18.06 22.32
CA HIS B 145 -1.02 -18.95 21.34
C HIS B 145 -1.95 -19.09 20.13
N ARG B 146 -1.48 -19.74 19.07
CA ARG B 146 -2.31 -19.89 17.88
C ARG B 146 -3.45 -20.90 18.07
N LEU B 147 -4.61 -20.54 17.50
CA LEU B 147 -5.86 -21.24 17.71
C LEU B 147 -6.48 -21.60 16.35
N ASN B 148 -7.63 -22.29 16.41
CA ASN B 148 -8.36 -22.79 15.24
C ASN B 148 -7.45 -23.26 14.10
N ILE B 149 -7.63 -22.75 12.88
CA ILE B 149 -6.86 -23.27 11.76
C ILE B 149 -5.42 -22.74 11.73
N LEU B 150 -5.14 -21.65 12.44
CA LEU B 150 -3.76 -21.16 12.50
C LEU B 150 -2.89 -22.02 13.42
N GLY B 151 -3.48 -22.59 14.46
CA GLY B 151 -2.72 -23.40 15.40
C GLY B 151 -2.87 -24.92 15.29
N TYR B 152 -3.92 -25.37 14.61
CA TYR B 152 -4.20 -26.81 14.52
C TYR B 152 -4.75 -27.18 13.15
N LEU B 153 -3.84 -27.34 12.20
CA LEU B 153 -4.19 -27.70 10.83
C LEU B 153 -2.99 -28.35 10.17
N ASP B 154 -3.14 -29.59 9.73
CA ASP B 154 -2.02 -30.35 9.21
C ASP B 154 -1.69 -29.99 7.75
N LEU B 155 -0.59 -29.28 7.55
CA LEU B 155 -0.15 -28.96 6.19
C LEU B 155 1.10 -29.76 5.81
N SER B 156 1.35 -30.86 6.53
CA SER B 156 2.47 -31.76 6.22
C SER B 156 2.51 -32.30 4.79
N PRO B 157 1.35 -32.74 4.24
CA PRO B 157 1.48 -33.32 2.88
C PRO B 157 1.82 -32.31 1.79
N TYR B 158 1.90 -31.03 2.14
CA TYR B 158 2.14 -30.00 1.14
C TYR B 158 3.52 -29.36 1.30
N GLY B 159 4.48 -30.15 1.78
CA GLY B 159 5.84 -29.68 1.93
C GLY B 159 6.45 -30.08 3.26
N GLU B 160 7.64 -29.55 3.54
CA GLU B 160 8.28 -29.82 4.81
C GLU B 160 8.33 -28.56 5.66
N ARG B 161 8.11 -27.41 5.02
CA ARG B 161 8.14 -26.14 5.72
C ARG B 161 6.94 -26.05 6.67
N TYR B 162 5.93 -26.88 6.42
CA TYR B 162 4.74 -26.90 7.26
C TYR B 162 4.74 -28.08 8.24
N ALA B 163 5.93 -28.53 8.64
CA ALA B 163 6.06 -29.62 9.58
C ALA B 163 5.53 -29.25 10.97
N GLY B 164 4.75 -30.14 11.58
CA GLY B 164 4.28 -29.93 12.94
C GLY B 164 3.14 -28.94 13.03
N SER B 165 2.64 -28.55 11.87
CA SER B 165 1.52 -27.61 11.77
C SER B 165 0.24 -28.17 12.40
N ALA B 166 0.14 -29.49 12.50
CA ALA B 166 -1.06 -30.12 13.05
C ALA B 166 -1.23 -29.79 14.53
N ASN B 167 -0.13 -29.43 15.18
CA ASN B 167 -0.14 -29.06 16.58
C ASN B 167 0.65 -27.79 16.88
N ALA B 168 0.67 -26.88 15.91
CA ALA B 168 1.46 -25.65 16.03
C ALA B 168 1.06 -24.87 17.29
N GLY B 169 -0.24 -24.89 17.59
CA GLY B 169 -0.73 -24.23 18.78
C GLY B 169 -0.09 -24.76 20.05
N GLN B 170 0.16 -26.06 20.09
CA GLN B 170 0.79 -26.66 21.25
C GLN B 170 2.26 -26.30 21.26
N ALA B 171 2.87 -26.27 20.08
CA ALA B 171 4.29 -25.93 19.96
C ALA B 171 4.54 -24.51 20.45
N ASP B 172 3.56 -23.63 20.20
CA ASP B 172 3.61 -22.27 20.71
C ASP B 172 3.70 -22.29 22.23
N LEU B 173 2.86 -23.10 22.86
CA LEU B 173 2.87 -23.20 24.31
C LEU B 173 4.19 -23.74 24.85
N VAL B 174 4.84 -24.63 24.09
CA VAL B 174 6.15 -25.14 24.48
C VAL B 174 7.19 -24.00 24.44
N ALA B 175 7.17 -23.25 23.35
CA ALA B 175 8.04 -22.10 23.17
C ALA B 175 7.85 -21.09 24.31
N ALA B 176 6.59 -20.88 24.70
CA ALA B 176 6.27 -19.99 25.82
C ALA B 176 6.85 -20.52 27.13
N LEU B 177 6.72 -21.83 27.33
CA LEU B 177 7.28 -22.47 28.52
C LEU B 177 8.82 -22.35 28.55
N LYS B 178 9.45 -22.44 27.39
CA LYS B 178 10.90 -22.23 27.29
C LYS B 178 11.28 -20.78 27.62
N TRP B 179 10.44 -19.85 27.17
CA TRP B 179 10.68 -18.44 27.51
C TRP B 179 10.64 -18.26 29.01
N VAL B 180 9.71 -18.94 29.66
CA VAL B 180 9.60 -18.86 31.11
C VAL B 180 10.80 -19.56 31.77
N ARG B 181 11.24 -20.69 31.23
CA ARG B 181 12.46 -21.34 31.72
C ARG B 181 13.64 -20.37 31.71
N ASP B 182 13.85 -19.72 30.57
CA ASP B 182 15.01 -18.86 30.38
C ASP B 182 14.92 -17.53 31.13
N ASN B 183 13.71 -17.02 31.35
CA ASN B 183 13.60 -15.62 31.78
C ASN B 183 12.85 -15.34 33.07
N ILE B 184 12.15 -16.33 33.64
CA ILE B 184 11.24 -16.02 34.75
C ILE B 184 11.97 -15.65 36.04
N GLU B 185 13.25 -15.99 36.14
CA GLU B 185 14.05 -15.50 37.27
C GLU B 185 13.99 -13.98 37.36
N ALA B 186 14.09 -13.33 36.21
CA ALA B 186 14.14 -11.86 36.17
C ALA B 186 12.85 -11.24 36.63
N PHE B 187 11.82 -12.06 36.82
CA PHE B 187 10.55 -11.56 37.30
C PHE B 187 10.26 -12.16 38.66
N GLY B 188 11.32 -12.61 39.33
CA GLY B 188 11.22 -13.17 40.68
C GLY B 188 10.52 -14.51 40.74
N GLY B 189 10.60 -15.28 39.64
CA GLY B 189 9.99 -16.59 39.60
C GLY B 189 10.99 -17.73 39.68
N ASP B 190 10.49 -18.93 39.99
CA ASP B 190 11.32 -20.13 40.09
C ASP B 190 11.05 -21.04 38.89
N PRO B 191 11.98 -21.10 37.94
CA PRO B 191 11.80 -21.95 36.76
C PRO B 191 11.69 -23.45 37.13
N ASP B 192 12.10 -23.80 38.34
CA ASP B 192 12.02 -25.17 38.82
C ASP B 192 10.71 -25.44 39.56
N ASN B 193 9.82 -24.45 39.57
CA ASN B 193 8.51 -24.60 40.19
C ASN B 193 7.42 -23.93 39.38
N VAL B 194 7.14 -24.49 38.20
CA VAL B 194 6.15 -23.94 37.29
C VAL B 194 4.90 -24.82 37.23
N THR B 195 3.75 -24.25 37.59
CA THR B 195 2.49 -24.97 37.50
C THR B 195 1.69 -24.48 36.30
N ILE B 196 1.34 -25.40 35.41
CA ILE B 196 0.48 -25.04 34.29
C ILE B 196 -0.98 -25.38 34.61
N PHE B 197 -1.85 -24.37 34.55
CA PHE B 197 -3.26 -24.56 34.82
C PHE B 197 -4.15 -23.91 33.76
N GLY B 198 -5.27 -24.56 33.48
CA GLY B 198 -6.21 -24.09 32.49
C GLY B 198 -7.61 -24.64 32.71
N GLN B 199 -8.58 -24.04 32.04
CA GLN B 199 -9.99 -24.41 32.18
C GLN B 199 -10.58 -24.74 30.80
N SER B 200 -11.51 -25.69 30.77
CA SER B 200 -12.13 -26.13 29.54
C SER B 200 -11.05 -26.50 28.52
N GLY B 201 -11.05 -25.82 27.38
CA GLY B 201 -10.06 -26.08 26.34
C GLY B 201 -8.61 -25.91 26.83
N GLY B 202 -8.41 -25.02 27.80
CA GLY B 202 -7.10 -24.81 28.38
C GLY B 202 -6.70 -26.00 29.25
N GLY B 203 -7.69 -26.62 29.90
CA GLY B 203 -7.44 -27.84 30.64
C GLY B 203 -6.97 -28.95 29.72
N MET B 204 -7.55 -29.01 28.53
CA MET B 204 -7.19 -30.02 27.53
C MET B 204 -5.78 -29.78 26.99
N LYS B 205 -5.44 -28.50 26.76
CA LYS B 205 -4.10 -28.15 26.34
C LYS B 205 -3.09 -28.59 27.39
N VAL B 206 -3.46 -28.43 28.66
CA VAL B 206 -2.63 -28.84 29.78
C VAL B 206 -2.40 -30.36 29.83
N SER B 207 -3.47 -31.14 29.66
CA SER B 207 -3.33 -32.59 29.71
C SER B 207 -2.58 -33.05 28.46
N GLY B 208 -2.71 -32.28 27.38
CA GLY B 208 -1.98 -32.57 26.16
C GLY B 208 -0.49 -32.35 26.35
N LEU B 209 -0.14 -31.27 27.05
CA LEU B 209 1.26 -30.94 27.30
C LEU B 209 1.94 -31.98 28.19
N MET B 210 1.18 -32.58 29.12
CA MET B 210 1.74 -33.66 29.92
C MET B 210 2.16 -34.82 29.03
N GLN B 211 1.44 -35.00 27.93
CA GLN B 211 1.73 -36.06 26.98
C GLN B 211 2.59 -35.59 25.80
N THR B 212 3.41 -34.57 26.04
CA THR B 212 4.22 -33.96 24.99
C THR B 212 5.68 -33.97 25.42
N PRO B 213 6.46 -34.95 24.93
CA PRO B 213 7.82 -35.15 25.44
C PRO B 213 8.73 -33.93 25.33
N GLU B 214 8.54 -33.10 24.30
CA GLU B 214 9.37 -31.89 24.17
C GLU B 214 9.08 -30.88 25.28
N ALA B 215 7.98 -31.07 25.99
CA ALA B 215 7.61 -30.17 27.08
C ALA B 215 8.13 -30.66 28.43
N ASP B 216 8.63 -31.89 28.45
CA ASP B 216 9.14 -32.51 29.68
C ASP B 216 10.19 -31.67 30.38
N GLY B 217 9.94 -31.32 31.64
CA GLY B 217 10.89 -30.57 32.43
C GLY B 217 10.61 -29.08 32.44
N LEU B 218 9.65 -28.66 31.61
CA LEU B 218 9.32 -27.23 31.49
C LEU B 218 8.22 -26.84 32.47
N PHE B 219 7.64 -27.83 33.14
CA PHE B 219 6.68 -27.58 34.22
C PHE B 219 6.69 -28.76 35.17
N HIS B 220 6.20 -28.54 36.38
CA HIS B 220 6.37 -29.51 37.46
C HIS B 220 5.08 -29.90 38.16
N ARG B 221 3.96 -29.37 37.67
CA ARG B 221 2.68 -29.56 38.32
C ARG B 221 1.56 -29.11 37.37
N ALA B 222 0.36 -29.68 37.50
CA ALA B 222 -0.70 -29.35 36.57
C ALA B 222 -2.06 -29.24 37.24
N MET B 223 -2.87 -28.31 36.77
CA MET B 223 -4.23 -28.15 37.26
C MET B 223 -5.21 -28.06 36.09
N ILE B 224 -6.22 -28.92 36.12
CA ILE B 224 -7.16 -29.01 35.01
C ILE B 224 -8.56 -28.70 35.51
N MET B 225 -9.19 -27.68 34.94
CA MET B 225 -10.51 -27.24 35.38
C MET B 225 -11.54 -27.51 34.29
N SER B 226 -12.52 -28.36 34.59
CA SER B 226 -13.53 -28.74 33.60
C SER B 226 -12.90 -28.99 32.24
N GLY B 227 -11.88 -29.84 32.20
CA GLY B 227 -11.03 -29.95 31.03
C GLY B 227 -10.79 -31.36 30.53
N VAL B 228 -11.73 -32.25 30.82
CA VAL B 228 -11.74 -33.62 30.29
C VAL B 228 -13.18 -33.93 29.90
N ALA B 229 -13.42 -34.24 28.63
CA ALA B 229 -14.80 -34.34 28.18
C ALA B 229 -15.08 -35.51 27.24
N GLY B 230 -14.05 -36.27 26.90
CA GLY B 230 -14.22 -37.46 26.08
C GLY B 230 -14.87 -37.21 24.72
N ASP B 231 -15.80 -38.10 24.35
CA ASP B 231 -16.39 -38.09 23.02
C ASP B 231 -17.52 -37.08 22.85
N VAL B 232 -17.49 -35.98 23.61
CA VAL B 232 -18.43 -34.89 23.37
C VAL B 232 -17.70 -33.73 22.67
N LEU B 233 -16.39 -33.68 22.85
CA LEU B 233 -15.55 -32.78 22.05
C LEU B 233 -14.43 -33.60 21.42
N PRO B 234 -14.78 -34.42 20.42
CA PRO B 234 -13.81 -35.35 19.83
C PRO B 234 -12.68 -34.62 19.14
N TYR B 235 -11.45 -35.08 19.36
CA TYR B 235 -10.33 -34.52 18.62
C TYR B 235 -10.44 -34.97 17.17
N SER B 236 -10.02 -34.10 16.25
CA SER B 236 -10.13 -34.36 14.82
C SER B 236 -8.86 -35.03 14.28
N THR B 237 -9.01 -36.24 13.76
CA THR B 237 -7.88 -36.98 13.17
C THR B 237 -8.19 -37.46 11.75
N GLY B 238 -7.18 -38.00 11.08
CA GLY B 238 -7.34 -38.55 9.75
C GLY B 238 -6.63 -37.75 8.67
N ASP B 239 -6.71 -38.26 7.43
CA ASP B 239 -6.13 -37.61 6.27
C ASP B 239 -6.60 -36.16 6.13
N SER B 240 -5.66 -35.22 6.02
CA SER B 240 -6.02 -33.81 5.97
C SER B 240 -6.15 -33.29 4.55
N ARG B 241 -5.70 -34.06 3.57
CA ARG B 241 -5.78 -33.66 2.15
C ARG B 241 -7.19 -33.26 1.68
N PRO B 242 -8.22 -34.07 1.97
CA PRO B 242 -9.56 -33.65 1.53
C PRO B 242 -9.95 -32.25 1.99
N LEU B 243 -9.65 -31.91 3.24
CA LEU B 243 -9.95 -30.57 3.76
C LEU B 243 -9.20 -29.51 2.98
N ILE B 244 -7.89 -29.71 2.86
CA ILE B 244 -7.04 -28.76 2.16
C ILE B 244 -7.49 -28.56 0.71
N GLN B 245 -7.74 -29.67 0.02
CA GLN B 245 -8.15 -29.61 -1.38
C GLN B 245 -9.46 -28.84 -1.55
N ALA B 246 -10.37 -28.99 -0.59
CA ALA B 246 -11.64 -28.28 -0.63
C ALA B 246 -11.44 -26.78 -0.45
N MET B 247 -10.51 -26.41 0.44
CA MET B 247 -10.25 -25.00 0.70
C MET B 247 -9.57 -24.33 -0.50
N LEU B 248 -8.63 -25.04 -1.11
CA LEU B 248 -7.96 -24.58 -2.33
C LEU B 248 -8.99 -24.25 -3.39
N LYS B 249 -9.87 -25.21 -3.63
CA LYS B 249 -10.93 -25.08 -4.61
C LYS B 249 -11.81 -23.86 -4.31
N GLU B 250 -12.25 -23.75 -3.06
CA GLU B 250 -13.10 -22.63 -2.66
C GLU B 250 -12.38 -21.29 -2.82
N LEU B 251 -11.06 -21.30 -2.66
CA LEU B 251 -10.27 -20.08 -2.79
C LEU B 251 -9.76 -19.86 -4.22
N GLY B 252 -10.20 -20.73 -5.13
CA GLY B 252 -9.77 -20.67 -6.52
C GLY B 252 -8.30 -20.94 -6.70
N LEU B 253 -7.70 -21.69 -5.77
CA LEU B 253 -6.27 -21.98 -5.83
C LEU B 253 -5.98 -23.33 -6.46
N ALA B 254 -4.95 -23.37 -7.29
CA ALA B 254 -4.52 -24.60 -7.94
C ALA B 254 -3.89 -25.53 -6.91
N GLU B 255 -3.88 -26.82 -7.25
CA GLU B 255 -3.36 -27.88 -6.38
C GLU B 255 -1.95 -27.57 -5.87
N GLN B 256 -1.18 -26.80 -6.62
CA GLN B 256 0.14 -26.39 -6.16
C GLN B 256 0.28 -24.87 -6.10
N GLU B 257 -0.83 -24.20 -5.82
CA GLU B 257 -0.77 -22.82 -5.35
C GLU B 257 -0.89 -22.83 -3.83
N ALA B 258 -0.67 -24.01 -3.24
CA ALA B 258 -0.85 -24.25 -1.81
C ALA B 258 -0.09 -23.23 -0.96
N GLY B 259 1.05 -22.77 -1.47
CA GLY B 259 1.84 -21.76 -0.77
C GLY B 259 1.07 -20.47 -0.54
N ARG B 260 0.03 -20.23 -1.35
CA ARG B 260 -0.79 -19.03 -1.22
C ARG B 260 -1.66 -19.06 0.06
N LEU B 261 -1.96 -20.26 0.55
CA LEU B 261 -2.71 -20.43 1.79
C LEU B 261 -2.04 -19.68 2.94
N GLU B 262 -0.71 -19.61 2.87
CA GLU B 262 0.07 -18.89 3.86
C GLU B 262 -0.16 -17.37 3.77
N THR B 263 -0.50 -16.88 2.59
CA THR B 263 -0.55 -15.44 2.38
C THR B 263 -1.94 -14.89 2.02
N VAL B 264 -2.89 -15.77 1.75
CA VAL B 264 -4.27 -15.33 1.55
C VAL B 264 -4.73 -14.60 2.81
N PRO B 265 -5.52 -13.52 2.66
CA PRO B 265 -6.07 -12.87 3.85
C PRO B 265 -6.75 -13.89 4.78
N TYR B 266 -6.59 -13.70 6.08
CA TYR B 266 -7.15 -14.64 7.03
C TYR B 266 -8.66 -14.75 6.85
N TYR B 267 -9.28 -13.63 6.49
CA TYR B 267 -10.72 -13.59 6.29
C TYR B 267 -11.16 -14.59 5.23
N ASP B 268 -10.48 -14.59 4.09
CA ASP B 268 -10.82 -15.50 3.01
C ASP B 268 -10.54 -16.94 3.42
N LEU B 269 -9.39 -17.13 4.06
CA LEU B 269 -8.98 -18.44 4.55
C LEU B 269 -10.01 -19.02 5.53
N ALA B 270 -10.44 -18.18 6.47
CA ALA B 270 -11.43 -18.58 7.47
C ALA B 270 -12.78 -18.85 6.83
N ALA B 271 -13.19 -18.00 5.90
CA ALA B 271 -14.51 -18.13 5.27
C ALA B 271 -14.55 -19.40 4.42
N ALA B 272 -13.43 -19.71 3.79
CA ALA B 272 -13.33 -20.93 2.99
C ALA B 272 -13.47 -22.15 3.89
N TYR B 273 -12.77 -22.13 5.02
CA TYR B 273 -12.87 -23.22 6.00
C TYR B 273 -14.29 -23.38 6.53
N ASN B 274 -14.91 -22.29 6.97
CA ASN B 274 -16.27 -22.35 7.50
C ASN B 274 -17.25 -22.91 6.48
N ARG B 275 -16.95 -22.75 5.21
CA ARG B 275 -17.83 -23.20 4.15
C ARG B 275 -17.64 -24.69 3.83
N VAL B 276 -16.39 -25.12 3.73
CA VAL B 276 -16.13 -26.47 3.25
C VAL B 276 -16.03 -27.53 4.35
N SER B 277 -15.60 -27.15 5.55
CA SER B 277 -15.38 -28.13 6.61
C SER B 277 -16.63 -28.91 7.10
N PRO B 278 -17.82 -28.28 7.09
CA PRO B 278 -18.98 -29.08 7.54
C PRO B 278 -19.20 -30.36 6.74
N ALA B 279 -19.27 -30.25 5.42
CA ALA B 279 -19.50 -31.41 4.56
C ALA B 279 -18.41 -32.45 4.74
N ILE B 280 -17.18 -31.99 4.93
CA ILE B 280 -16.04 -32.86 5.17
C ILE B 280 -16.16 -33.57 6.52
N ALA B 281 -16.73 -32.89 7.51
CA ALA B 281 -16.97 -33.50 8.81
C ALA B 281 -18.04 -34.57 8.73
N ARG B 282 -19.12 -34.28 8.00
CA ARG B 282 -20.18 -35.25 7.79
C ARG B 282 -19.64 -36.53 7.16
N ALA B 283 -18.75 -36.39 6.18
CA ALA B 283 -18.14 -37.54 5.54
C ALA B 283 -17.05 -38.20 6.41
N GLY B 284 -17.00 -37.81 7.69
CA GLY B 284 -16.07 -38.40 8.63
C GLY B 284 -14.61 -38.00 8.46
N GLY B 285 -14.38 -36.87 7.79
CA GLY B 285 -13.01 -36.44 7.50
C GLY B 285 -12.42 -35.47 8.51
N TYR B 286 -11.10 -35.38 8.50
CA TYR B 286 -10.36 -34.46 9.35
C TYR B 286 -10.67 -33.00 9.02
N ILE B 287 -10.95 -32.20 10.04
CA ILE B 287 -11.16 -30.77 9.86
C ILE B 287 -10.29 -29.96 10.83
N GLY B 288 -9.47 -30.65 11.61
CA GLY B 288 -8.55 -30.00 12.53
C GLY B 288 -9.24 -29.17 13.60
N CYS B 289 -8.53 -28.14 14.07
CA CYS B 289 -8.95 -27.24 15.14
C CYS B 289 -8.95 -27.92 16.51
N THR B 290 -8.26 -29.06 16.59
CA THR B 290 -8.03 -29.76 17.85
C THR B 290 -6.59 -30.24 17.81
N PRO B 291 -6.03 -30.64 18.97
CA PRO B 291 -4.75 -31.36 18.94
C PRO B 291 -4.88 -32.67 18.17
N ARG B 292 -3.76 -33.18 17.66
CA ARG B 292 -3.79 -34.39 16.85
C ARG B 292 -2.60 -35.29 17.17
N PRO B 293 -2.89 -36.49 17.71
CA PRO B 293 -1.83 -37.41 18.11
C PRO B 293 -0.86 -37.72 16.96
N ASP B 294 0.43 -37.60 17.27
CA ASP B 294 1.51 -37.88 16.34
C ASP B 294 2.79 -38.05 17.15
N ASP B 295 3.94 -37.88 16.51
CA ASP B 295 5.20 -38.07 17.23
C ASP B 295 5.48 -36.93 18.21
N PHE B 296 4.79 -35.81 18.03
CA PHE B 296 4.97 -34.65 18.91
C PHE B 296 4.13 -34.79 20.17
N TYR B 297 2.85 -35.09 19.99
CA TYR B 297 1.92 -35.26 21.11
C TYR B 297 1.34 -36.67 21.04
N LYS B 298 1.54 -37.44 22.12
CA LYS B 298 1.24 -38.88 22.10
C LYS B 298 -0.25 -39.18 22.02
N GLY B 299 -1.04 -38.36 22.70
CA GLY B 299 -2.46 -38.60 22.83
C GLY B 299 -2.80 -38.54 24.30
N GLU B 300 -4.08 -38.62 24.64
CA GLU B 300 -4.50 -38.52 26.03
C GLU B 300 -4.19 -39.80 26.81
N GLY B 301 -3.60 -39.63 27.99
CA GLY B 301 -3.21 -40.73 28.86
C GLY B 301 -4.12 -41.95 28.96
N PRO B 302 -5.39 -41.74 29.38
CA PRO B 302 -6.36 -42.83 29.49
C PRO B 302 -6.52 -43.64 28.20
N ALA B 303 -6.34 -42.99 27.05
CA ALA B 303 -6.53 -43.64 25.77
C ALA B 303 -5.25 -44.32 25.24
N VAL B 304 -4.11 -43.62 25.30
CA VAL B 304 -2.90 -44.11 24.69
C VAL B 304 -1.85 -44.57 25.70
N GLY B 305 -2.06 -44.26 26.98
CA GLY B 305 -1.11 -44.61 28.01
C GLY B 305 -0.28 -43.40 28.40
N PHE B 306 -0.24 -43.07 29.68
CA PHE B 306 0.50 -41.89 30.13
C PHE B 306 1.99 -42.12 29.93
N THR B 307 2.68 -41.10 29.40
CA THR B 307 4.13 -41.14 29.27
C THR B 307 4.75 -41.34 30.64
N ASP B 308 5.95 -41.90 30.67
CA ASP B 308 6.68 -42.05 31.93
C ASP B 308 6.82 -40.71 32.65
N HIS B 309 7.07 -39.64 31.89
CA HIS B 309 7.25 -38.33 32.50
C HIS B 309 5.94 -37.74 33.01
N ALA B 310 4.83 -38.06 32.34
CA ALA B 310 3.52 -37.54 32.73
C ALA B 310 3.15 -38.00 34.13
N LYS B 311 3.56 -39.21 34.48
CA LYS B 311 3.24 -39.76 35.79
C LYS B 311 3.96 -39.03 36.93
N THR B 312 5.00 -38.28 36.60
CA THR B 312 5.74 -37.55 37.62
C THR B 312 5.11 -36.18 37.91
N ILE B 313 4.06 -35.84 37.17
CA ILE B 313 3.42 -34.53 37.32
C ILE B 313 2.16 -34.62 38.19
N PRO B 314 2.21 -34.07 39.42
CA PRO B 314 1.01 -34.06 40.27
C PRO B 314 -0.09 -33.20 39.66
N VAL B 315 -1.35 -33.62 39.81
CA VAL B 315 -2.44 -32.97 39.12
C VAL B 315 -3.64 -32.69 40.02
N MET B 316 -4.06 -31.44 40.08
CA MET B 316 -5.36 -31.11 40.65
C MET B 316 -6.39 -30.99 39.52
N VAL B 317 -7.51 -31.71 39.68
CA VAL B 317 -8.53 -31.72 38.63
C VAL B 317 -9.87 -31.32 39.22
N GLY B 318 -10.70 -30.65 38.43
CA GLY B 318 -12.02 -30.28 38.89
C GLY B 318 -13.05 -30.23 37.79
N THR B 319 -14.31 -30.28 38.18
CA THR B 319 -15.43 -29.89 37.33
C THR B 319 -16.35 -29.09 38.21
N VAL B 320 -17.43 -28.57 37.64
CA VAL B 320 -18.41 -27.88 38.46
C VAL B 320 -19.76 -28.59 38.30
N PHE B 321 -20.67 -28.34 39.24
CA PHE B 321 -21.92 -29.09 39.33
C PHE B 321 -22.70 -29.09 38.02
N GLY B 322 -22.95 -27.91 37.46
CA GLY B 322 -23.84 -27.83 36.30
C GLY B 322 -23.22 -27.23 35.06
N GLU B 323 -22.04 -27.75 34.69
CA GLU B 323 -21.23 -27.28 33.57
C GLU B 323 -22.00 -26.56 32.46
N PHE B 324 -22.54 -27.31 31.50
CA PHE B 324 -23.16 -26.69 30.34
C PHE B 324 -24.62 -26.27 30.55
N ALA B 325 -25.05 -26.18 31.81
CA ALA B 325 -26.40 -25.69 32.11
C ALA B 325 -26.43 -24.14 32.14
N MET B 326 -26.13 -23.53 31.00
CA MET B 326 -25.97 -22.08 30.89
C MET B 326 -27.32 -21.35 30.81
N MET B 327 -28.24 -21.89 30.03
CA MET B 327 -29.57 -21.30 29.87
C MET B 327 -30.36 -21.32 31.18
N PRO B 328 -31.39 -20.46 31.30
CA PRO B 328 -32.22 -20.45 32.52
C PRO B 328 -33.15 -21.66 32.62
N LEU B 329 -33.50 -22.05 33.85
CA LEU B 329 -34.54 -23.05 34.07
C LEU B 329 -35.90 -22.48 33.68
N PRO B 330 -36.76 -23.30 33.07
CA PRO B 330 -38.08 -22.85 32.60
C PRO B 330 -39.07 -22.56 33.73
N PHE B 331 -38.57 -22.51 34.97
CA PHE B 331 -39.40 -22.22 36.13
C PHE B 331 -38.55 -21.61 37.25
N ASN B 332 -39.21 -21.12 38.29
CA ASN B 332 -38.51 -20.71 39.49
C ASN B 332 -38.09 -21.93 40.28
N LYS B 333 -36.78 -22.09 40.47
CA LYS B 333 -36.21 -23.22 41.21
C LYS B 333 -36.73 -23.29 42.65
N GLU B 334 -36.94 -22.14 43.26
CA GLU B 334 -37.31 -22.09 44.67
C GLU B 334 -38.81 -22.04 44.91
N THR B 335 -39.60 -21.86 43.84
CA THR B 335 -41.05 -21.76 43.96
C THR B 335 -41.76 -23.07 43.63
N ILE B 336 -41.23 -23.80 42.64
CA ILE B 336 -41.88 -25.00 42.10
C ILE B 336 -42.28 -25.99 43.18
N SER B 337 -43.46 -26.59 43.03
CA SER B 337 -43.97 -27.56 43.99
C SER B 337 -43.38 -28.95 43.80
N GLU B 338 -43.31 -29.71 44.88
CA GLU B 338 -42.78 -31.07 44.84
C GLU B 338 -43.57 -31.94 43.88
N ALA B 339 -44.84 -31.58 43.67
CA ALA B 339 -45.70 -32.30 42.74
C ALA B 339 -45.35 -31.94 41.30
N GLU B 340 -45.15 -30.65 41.06
CA GLU B 340 -44.85 -30.16 39.71
C GLU B 340 -43.48 -30.67 39.25
N LEU B 341 -42.55 -30.75 40.20
CA LEU B 341 -41.20 -31.23 39.91
C LEU B 341 -41.19 -32.72 39.56
N ASP B 342 -41.96 -33.49 40.33
CA ASP B 342 -42.03 -34.94 40.12
C ASP B 342 -42.47 -35.28 38.70
N GLU B 343 -43.41 -34.51 38.18
CA GLU B 343 -43.84 -34.68 36.80
C GLU B 343 -42.69 -34.47 35.83
N ILE B 344 -42.05 -33.30 35.93
CA ILE B 344 -40.94 -32.95 35.05
C ILE B 344 -39.81 -33.98 35.10
N LEU B 345 -39.46 -34.40 36.32
CA LEU B 345 -38.46 -35.44 36.53
C LEU B 345 -38.84 -36.74 35.84
N ASP B 346 -40.09 -37.15 36.02
CA ASP B 346 -40.57 -38.39 35.45
C ASP B 346 -40.73 -38.33 33.93
N LYS B 347 -41.00 -37.14 33.40
CA LYS B 347 -41.04 -36.95 31.95
C LYS B 347 -39.65 -37.14 31.36
N ARG B 348 -38.67 -36.50 31.99
CA ARG B 348 -37.32 -36.44 31.44
C ARG B 348 -36.51 -37.72 31.68
N PHE B 349 -36.74 -38.36 32.82
CA PHE B 349 -35.96 -39.55 33.17
C PHE B 349 -36.78 -40.84 33.05
N GLN B 350 -37.84 -40.81 32.25
CA GLN B 350 -38.65 -41.98 31.93
C GLN B 350 -39.20 -42.74 33.13
N GLY B 351 -39.76 -42.01 34.09
CA GLY B 351 -40.41 -42.63 35.23
C GLY B 351 -39.49 -42.98 36.37
N HIS B 352 -38.20 -42.69 36.21
CA HIS B 352 -37.22 -43.01 37.24
C HIS B 352 -37.01 -41.86 38.23
N GLY B 353 -37.98 -40.95 38.27
CA GLY B 353 -37.89 -39.77 39.11
C GLY B 353 -37.65 -40.07 40.59
N LYS B 354 -38.52 -40.88 41.17
CA LYS B 354 -38.45 -41.20 42.60
C LYS B 354 -37.12 -41.87 42.98
N GLU B 355 -36.65 -42.77 42.11
CA GLU B 355 -35.40 -43.47 42.35
C GLU B 355 -34.23 -42.49 42.28
N LEU B 356 -34.27 -41.61 41.29
CA LEU B 356 -33.20 -40.63 41.11
C LEU B 356 -33.13 -39.68 42.29
N LYS B 357 -34.27 -39.25 42.80
CA LYS B 357 -34.29 -38.35 43.94
C LYS B 357 -33.60 -38.98 45.14
N THR B 358 -33.83 -40.28 45.34
CA THR B 358 -33.21 -41.02 46.45
C THR B 358 -31.69 -41.06 46.30
N VAL B 359 -31.22 -41.49 45.14
CA VAL B 359 -29.80 -41.55 44.86
C VAL B 359 -29.16 -40.16 44.94
N PHE B 360 -29.83 -39.17 44.38
CA PHE B 360 -29.32 -37.79 44.38
C PHE B 360 -29.27 -37.22 45.79
N ALA B 361 -30.28 -37.51 46.59
CA ALA B 361 -30.30 -37.04 47.98
C ALA B 361 -29.16 -37.66 48.79
N GLU B 362 -28.70 -38.82 48.35
CA GLU B 362 -27.60 -39.50 49.02
C GLU B 362 -26.25 -38.92 48.58
N ALA B 363 -26.14 -38.61 47.29
CA ALA B 363 -24.94 -38.01 46.74
C ALA B 363 -24.83 -36.54 47.15
N TYR B 364 -25.92 -35.79 46.98
CA TYR B 364 -25.95 -34.36 47.28
C TYR B 364 -27.00 -34.03 48.33
N PRO B 365 -26.72 -34.35 49.60
CA PRO B 365 -27.69 -34.23 50.69
C PRO B 365 -28.25 -32.82 50.92
N GLY B 366 -27.50 -31.79 50.58
CA GLY B 366 -27.98 -30.43 50.82
C GLY B 366 -28.84 -29.83 49.73
N LYS B 367 -28.88 -30.48 48.56
CA LYS B 367 -29.42 -29.86 47.36
C LYS B 367 -30.89 -30.18 47.13
N SER B 368 -31.61 -29.20 46.58
CA SER B 368 -32.95 -29.45 46.08
C SER B 368 -32.89 -30.47 44.96
N PRO B 369 -33.92 -31.32 44.86
CA PRO B 369 -34.01 -32.28 43.76
C PRO B 369 -34.13 -31.60 42.40
N VAL B 370 -34.44 -30.30 42.40
CA VAL B 370 -34.44 -29.51 41.17
C VAL B 370 -33.09 -29.60 40.42
N ASP B 371 -32.00 -29.61 41.18
CA ASP B 371 -30.66 -29.60 40.60
C ASP B 371 -30.33 -30.86 39.80
N LEU B 372 -31.20 -31.87 39.91
CA LEU B 372 -31.11 -33.04 39.06
C LEU B 372 -31.18 -32.67 37.58
N LEU B 373 -31.94 -31.62 37.30
CA LEU B 373 -32.18 -31.17 35.93
C LEU B 373 -30.96 -30.47 35.32
N THR B 374 -30.04 -30.01 36.16
CA THR B 374 -28.88 -29.29 35.67
C THR B 374 -27.56 -30.01 35.99
N LEU B 375 -27.66 -31.20 36.60
CA LEU B 375 -26.48 -31.98 36.95
C LEU B 375 -25.63 -32.24 35.73
N ASP B 376 -24.33 -32.01 35.85
CA ASP B 376 -23.41 -32.31 34.76
C ASP B 376 -23.07 -33.79 34.69
N THR B 377 -23.03 -34.34 33.47
CA THR B 377 -22.56 -35.69 33.24
C THR B 377 -21.46 -35.68 32.17
N ILE B 378 -21.46 -34.62 31.36
CA ILE B 378 -20.53 -34.45 30.24
C ILE B 378 -19.07 -34.43 30.68
N PHE B 379 -18.78 -33.60 31.68
CA PHE B 379 -17.41 -33.45 32.13
C PHE B 379 -17.06 -34.41 33.26
N ARG B 380 -18.02 -34.64 34.15
CA ARG B 380 -17.75 -35.38 35.38
C ARG B 380 -17.25 -36.80 35.14
N GLY B 381 -17.91 -37.51 34.21
CA GLY B 381 -17.57 -38.90 33.90
C GLY B 381 -16.18 -39.09 33.31
N PRO B 382 -15.90 -38.41 32.18
CA PRO B 382 -14.54 -38.44 31.64
C PRO B 382 -13.48 -37.99 32.63
N THR B 383 -13.81 -36.98 33.45
CA THR B 383 -12.87 -36.48 34.45
C THR B 383 -12.54 -37.57 35.45
N LYS B 384 -13.57 -38.31 35.87
CA LYS B 384 -13.36 -39.40 36.83
C LYS B 384 -12.50 -40.50 36.22
N GLU B 385 -12.66 -40.73 34.92
CA GLU B 385 -11.83 -41.72 34.22
C GLU B 385 -10.37 -41.26 34.11
N PHE B 386 -10.16 -39.95 33.97
CA PHE B 386 -8.81 -39.40 33.93
C PHE B 386 -8.12 -39.61 35.28
N VAL B 387 -8.83 -39.22 36.34
CA VAL B 387 -8.35 -39.37 37.72
C VAL B 387 -7.98 -40.81 38.05
N ARG B 388 -8.81 -41.74 37.61
CA ARG B 388 -8.57 -43.16 37.88
C ARG B 388 -7.39 -43.69 37.09
N SER B 389 -7.35 -43.36 35.80
CA SER B 389 -6.29 -43.81 34.91
C SER B 389 -4.91 -43.33 35.39
N LEU B 390 -4.83 -42.04 35.72
CA LEU B 390 -3.56 -41.45 36.16
C LEU B 390 -3.11 -42.05 37.49
N ALA B 391 -4.04 -42.15 38.44
CA ALA B 391 -3.74 -42.77 39.73
C ALA B 391 -3.28 -44.21 39.54
N ALA B 392 -3.94 -44.92 38.64
CA ALA B 392 -3.60 -46.32 38.37
C ALA B 392 -2.17 -46.44 37.85
N ALA B 393 -1.69 -45.40 37.18
CA ALA B 393 -0.38 -45.45 36.55
C ALA B 393 0.72 -45.00 37.51
N GLY B 394 0.34 -44.62 38.73
CA GLY B 394 1.32 -44.16 39.71
C GLY B 394 1.33 -42.66 39.96
N GLY B 395 0.41 -41.94 39.32
CA GLY B 395 0.34 -40.50 39.44
C GLY B 395 -0.32 -40.00 40.72
N SER B 396 -0.05 -38.75 41.06
CA SER B 396 -0.65 -38.10 42.22
C SER B 396 -1.70 -37.12 41.75
N VAL B 397 -2.96 -37.42 42.04
CA VAL B 397 -4.05 -36.58 41.56
C VAL B 397 -5.03 -36.25 42.68
N TYR B 398 -5.30 -34.96 42.84
CA TYR B 398 -6.34 -34.46 43.73
C TYR B 398 -7.56 -34.03 42.91
N SER B 399 -8.74 -34.46 43.33
CA SER B 399 -9.95 -34.18 42.58
C SER B 399 -10.93 -33.32 43.36
N TYR B 400 -11.56 -32.36 42.67
CA TYR B 400 -12.60 -31.58 43.31
C TYR B 400 -13.81 -31.36 42.43
N LEU B 401 -14.91 -30.94 43.06
CA LEU B 401 -16.14 -30.62 42.35
C LEU B 401 -16.75 -29.35 42.97
N PHE B 402 -16.87 -28.32 42.14
CA PHE B 402 -17.40 -27.03 42.57
C PHE B 402 -18.93 -27.05 42.48
N ALA B 403 -19.61 -26.83 43.60
CA ALA B 403 -21.05 -27.04 43.64
C ALA B 403 -21.81 -25.88 44.24
N LEU B 404 -21.13 -24.74 44.38
CA LEU B 404 -21.73 -23.51 44.91
C LEU B 404 -22.95 -23.10 44.09
N GLU B 405 -23.99 -22.62 44.78
CA GLU B 405 -25.17 -22.08 44.14
C GLU B 405 -25.13 -20.55 44.23
N PHE B 406 -25.60 -19.87 43.19
CA PHE B 406 -25.36 -18.44 43.01
C PHE B 406 -26.62 -17.55 43.11
N PRO B 407 -26.45 -16.29 43.54
CA PRO B 407 -27.55 -15.33 43.73
C PRO B 407 -28.05 -14.78 42.41
N TYR B 408 -28.57 -15.67 41.59
CA TYR B 408 -28.95 -15.34 40.22
C TYR B 408 -29.91 -16.42 39.74
N GLN B 409 -31.08 -16.00 39.26
CA GLN B 409 -32.12 -16.94 38.81
C GLN B 409 -32.46 -17.96 39.89
N ASN B 410 -32.65 -17.48 41.11
CA ASN B 410 -33.11 -18.29 42.23
C ASN B 410 -32.17 -19.47 42.50
N GLN B 411 -30.96 -19.15 42.97
CA GLN B 411 -29.93 -20.13 43.32
C GLN B 411 -29.51 -21.03 42.14
N LYS B 412 -29.16 -20.41 41.02
CA LYS B 412 -28.64 -21.13 39.86
C LYS B 412 -27.41 -21.96 40.21
N THR B 413 -27.39 -23.21 39.78
CA THR B 413 -26.25 -24.10 40.05
C THR B 413 -24.99 -23.66 39.30
N ALA B 414 -23.82 -24.03 39.85
CA ALA B 414 -22.53 -23.70 39.26
C ALA B 414 -22.45 -24.06 37.79
N TRP B 415 -22.10 -23.08 36.97
CA TRP B 415 -22.01 -23.24 35.52
C TRP B 415 -20.56 -23.28 35.08
N HIS B 416 -20.29 -23.84 33.89
CA HIS B 416 -18.97 -23.79 33.24
C HIS B 416 -18.30 -22.41 33.37
N CYS B 417 -17.08 -22.40 33.92
CA CYS B 417 -16.24 -21.20 34.17
C CYS B 417 -16.50 -20.50 35.50
N SER B 418 -17.57 -20.88 36.21
CA SER B 418 -17.93 -20.16 37.44
C SER B 418 -16.90 -20.29 38.56
N ASP B 419 -16.03 -21.30 38.49
CA ASP B 419 -15.00 -21.43 39.53
C ASP B 419 -13.73 -20.65 39.19
N ILE B 420 -13.56 -20.27 37.91
CA ILE B 420 -12.40 -19.47 37.52
C ILE B 420 -12.16 -18.24 38.42
N PRO B 421 -13.22 -17.44 38.71
CA PRO B 421 -12.97 -16.27 39.58
C PRO B 421 -12.49 -16.63 40.99
N PHE B 422 -12.93 -17.78 41.49
CA PHE B 422 -12.53 -18.24 42.80
C PHE B 422 -11.07 -18.69 42.81
N ILE B 423 -10.68 -19.51 41.83
CA ILE B 423 -9.28 -19.95 41.70
C ILE B 423 -8.31 -18.75 41.60
N PHE B 424 -8.74 -17.69 40.92
CA PHE B 424 -7.90 -16.52 40.68
C PHE B 424 -8.01 -15.45 41.76
N HIS B 425 -8.78 -15.72 42.81
CA HIS B 425 -9.06 -14.72 43.85
C HIS B 425 -9.60 -13.44 43.20
N ASN B 426 -10.54 -13.63 42.27
CA ASN B 426 -11.08 -12.56 41.45
C ASN B 426 -12.61 -12.44 41.51
N THR B 427 -13.21 -12.83 42.62
CA THR B 427 -14.65 -12.71 42.73
C THR B 427 -15.07 -11.22 42.67
N GLU B 428 -14.13 -10.34 43.01
CA GLU B 428 -14.42 -8.91 42.99
C GLU B 428 -14.53 -8.41 41.54
N LEU B 429 -14.12 -9.24 40.59
CA LEU B 429 -14.17 -8.88 39.17
C LEU B 429 -15.33 -9.58 38.46
N VAL B 430 -16.04 -10.43 39.17
CA VAL B 430 -17.20 -11.12 38.59
C VAL B 430 -18.39 -10.97 39.54
N PRO B 431 -19.19 -9.91 39.32
CA PRO B 431 -20.23 -9.47 40.26
C PRO B 431 -21.15 -10.58 40.78
N VAL B 432 -21.60 -11.48 39.91
CA VAL B 432 -22.56 -12.52 40.28
C VAL B 432 -22.02 -13.49 41.34
N THR B 433 -20.70 -13.61 41.44
CA THR B 433 -20.11 -14.55 42.40
C THR B 433 -20.12 -14.01 43.83
N ASN B 434 -20.50 -12.75 44.00
CA ASN B 434 -20.46 -12.15 45.32
C ASN B 434 -21.66 -12.50 46.16
N ILE B 435 -21.41 -13.25 47.24
CA ILE B 435 -22.44 -13.66 48.18
C ILE B 435 -22.02 -13.30 49.60
N PRO B 436 -22.82 -12.48 50.28
CA PRO B 436 -22.57 -12.08 51.68
C PRO B 436 -22.20 -13.26 52.57
N GLU B 437 -21.02 -13.19 53.18
CA GLU B 437 -20.58 -14.17 54.17
C GLU B 437 -20.41 -15.61 53.64
N ILE B 438 -20.33 -15.76 52.32
CA ILE B 438 -20.21 -17.09 51.72
C ILE B 438 -19.11 -17.15 50.67
N SER B 439 -19.09 -16.19 49.77
CA SER B 439 -18.16 -16.24 48.65
C SER B 439 -16.72 -15.92 49.07
N ASP B 440 -16.54 -14.92 49.94
CA ASP B 440 -15.20 -14.62 50.44
C ASP B 440 -14.59 -15.84 51.11
N LYS B 441 -15.36 -16.51 51.94
CA LYS B 441 -14.88 -17.69 52.66
C LYS B 441 -14.47 -18.80 51.71
N LEU B 442 -15.30 -19.09 50.71
CA LEU B 442 -15.01 -20.15 49.75
C LEU B 442 -13.89 -19.78 48.77
N GLU B 443 -13.83 -18.51 48.38
CA GLU B 443 -12.75 -18.01 47.54
C GLU B 443 -11.42 -18.31 48.22
N LYS B 444 -11.31 -17.93 49.49
CA LYS B 444 -10.12 -18.17 50.28
C LYS B 444 -9.77 -19.66 50.40
N GLN B 445 -10.77 -20.48 50.68
CA GLN B 445 -10.54 -21.92 50.83
C GLN B 445 -9.94 -22.53 49.57
N MET B 446 -10.54 -22.19 48.43
CA MET B 446 -10.08 -22.72 47.15
C MET B 446 -8.73 -22.12 46.78
N PHE B 447 -8.57 -20.82 47.02
CA PHE B 447 -7.34 -20.14 46.63
C PHE B 447 -6.13 -20.65 47.41
N ASP B 448 -6.27 -20.69 48.74
CA ASP B 448 -5.19 -21.19 49.60
C ASP B 448 -4.90 -22.65 49.29
N ALA B 449 -5.92 -23.41 48.90
CA ALA B 449 -5.71 -24.78 48.46
C ALA B 449 -4.75 -24.82 47.29
N VAL B 450 -4.98 -23.97 46.29
CA VAL B 450 -4.14 -23.91 45.11
C VAL B 450 -2.71 -23.46 45.48
N ILE B 451 -2.62 -22.44 46.33
CA ILE B 451 -1.32 -21.89 46.71
C ILE B 451 -0.52 -22.94 47.44
N HIS B 452 -1.17 -23.65 48.36
CA HIS B 452 -0.52 -24.77 49.07
C HIS B 452 -0.09 -25.87 48.09
N PHE B 453 -0.94 -26.15 47.10
CA PHE B 453 -0.65 -27.17 46.13
C PHE B 453 0.61 -26.84 45.33
N VAL B 454 0.75 -25.59 44.91
CA VAL B 454 1.93 -25.20 44.12
C VAL B 454 3.17 -24.95 44.99
N GLU B 455 2.95 -24.72 46.28
CA GLU B 455 4.06 -24.47 47.20
C GLU B 455 4.69 -25.76 47.71
N THR B 456 3.86 -26.77 47.98
CA THR B 456 4.34 -27.99 48.64
C THR B 456 3.97 -29.28 47.92
N GLY B 457 3.03 -29.20 46.98
CA GLY B 457 2.51 -30.38 46.32
C GLY B 457 1.30 -30.91 47.08
N ASP B 458 0.99 -30.24 48.18
CA ASP B 458 -0.11 -30.62 49.06
C ASP B 458 -1.10 -29.48 49.24
N PRO B 459 -2.34 -29.65 48.73
CA PRO B 459 -3.36 -28.60 48.81
C PRO B 459 -4.00 -28.45 50.19
N ASN B 460 -3.67 -29.35 51.12
CA ASN B 460 -4.32 -29.35 52.43
C ASN B 460 -3.93 -28.15 53.27
N HIS B 461 -4.93 -27.55 53.92
CA HIS B 461 -4.68 -26.45 54.83
C HIS B 461 -5.81 -26.36 55.84
N LEU B 462 -5.62 -25.51 56.85
CA LEU B 462 -6.51 -25.48 58.00
C LEU B 462 -7.94 -25.05 57.67
N GLY B 463 -8.11 -24.33 56.58
CA GLY B 463 -9.42 -23.81 56.23
C GLY B 463 -10.36 -24.83 55.62
N ILE B 464 -9.80 -25.96 55.19
CA ILE B 464 -10.58 -26.98 54.48
C ILE B 464 -10.48 -28.36 55.14
N PRO B 465 -11.47 -29.24 54.90
CA PRO B 465 -11.41 -30.64 55.31
C PRO B 465 -10.20 -31.38 54.74
N GLN B 466 -9.84 -32.47 55.41
CA GLN B 466 -8.74 -33.33 54.97
C GLN B 466 -8.95 -33.82 53.54
N TRP B 467 -8.01 -33.48 52.66
CA TRP B 467 -8.13 -33.79 51.25
C TRP B 467 -7.12 -34.85 50.84
N PRO B 468 -7.57 -36.10 50.69
CA PRO B 468 -6.64 -37.16 50.31
C PRO B 468 -6.50 -37.28 48.80
N VAL B 469 -5.34 -37.75 48.34
CA VAL B 469 -5.20 -38.10 46.92
C VAL B 469 -6.23 -39.15 46.54
N SER B 470 -6.66 -39.11 45.29
CA SER B 470 -7.57 -40.13 44.78
C SER B 470 -6.75 -41.34 44.33
N THR B 471 -7.26 -42.54 44.62
CA THR B 471 -6.55 -43.76 44.21
C THR B 471 -7.24 -44.48 43.05
N GLU B 472 -6.72 -45.65 42.73
CA GLU B 472 -7.18 -46.44 41.59
C GLU B 472 -8.63 -46.90 41.76
N ASP B 473 -9.07 -46.99 43.01
CA ASP B 473 -10.40 -47.52 43.29
C ASP B 473 -11.15 -46.67 44.32
N ARG B 474 -10.52 -45.59 44.77
CA ARG B 474 -11.16 -44.69 45.73
C ARG B 474 -11.04 -43.24 45.30
N GLU B 475 -11.96 -42.79 44.46
CA GLU B 475 -12.05 -41.37 44.11
C GLU B 475 -12.40 -40.58 45.37
N ALA B 476 -11.49 -39.70 45.76
CA ALA B 476 -11.74 -38.79 46.87
C ALA B 476 -12.04 -37.40 46.34
N THR B 477 -13.30 -37.01 46.36
CA THR B 477 -13.70 -35.74 45.79
C THR B 477 -13.88 -34.64 46.83
N MET B 478 -13.09 -33.58 46.72
CA MET B 478 -13.30 -32.41 47.54
C MET B 478 -14.48 -31.64 46.97
N ILE B 479 -15.56 -31.53 47.72
CA ILE B 479 -16.72 -30.81 47.23
C ILE B 479 -16.70 -29.37 47.78
N PHE B 480 -16.31 -28.44 46.93
CA PHE B 480 -16.26 -27.02 47.29
C PHE B 480 -17.65 -26.40 47.24
N ASP B 481 -18.16 -25.98 48.38
CA ASP B 481 -19.51 -25.44 48.48
C ASP B 481 -19.60 -24.56 49.74
N ARG B 482 -20.81 -24.05 50.02
CA ARG B 482 -21.10 -23.37 51.28
C ARG B 482 -20.50 -24.12 52.47
N VAL B 483 -20.70 -25.44 52.48
CA VAL B 483 -20.01 -26.32 53.39
C VAL B 483 -19.21 -27.33 52.58
N CYS B 484 -17.89 -27.25 52.68
CA CYS B 484 -17.02 -28.16 51.96
C CYS B 484 -17.00 -29.54 52.62
N THR B 485 -17.00 -30.58 51.79
CA THR B 485 -16.92 -31.96 52.27
C THR B 485 -16.05 -32.79 51.33
N VAL B 486 -15.45 -33.85 51.87
CA VAL B 486 -14.79 -34.83 51.04
C VAL B 486 -15.66 -36.08 51.00
N ARG B 487 -15.88 -36.62 49.81
CA ARG B 487 -16.73 -37.79 49.64
C ARG B 487 -16.01 -38.84 48.82
N PHE B 488 -16.40 -40.10 48.98
CA PHE B 488 -15.71 -41.20 48.33
C PHE B 488 -16.61 -41.96 47.38
N ASN B 489 -16.17 -42.06 46.12
CA ASN B 489 -16.91 -42.78 45.08
C ASN B 489 -18.40 -42.44 45.10
N PHE B 490 -18.68 -41.16 45.38
CA PHE B 490 -19.99 -40.75 45.88
C PHE B 490 -21.06 -40.58 44.81
N ASP B 491 -20.69 -40.43 43.55
CA ASP B 491 -21.71 -40.19 42.54
C ASP B 491 -21.69 -41.22 41.40
N ASP B 492 -20.96 -42.32 41.61
CA ASP B 492 -20.91 -43.40 40.62
C ASP B 492 -22.30 -43.95 40.31
N TYR B 493 -22.99 -44.35 41.37
CA TYR B 493 -24.32 -44.94 41.25
C TYR B 493 -25.28 -43.91 40.63
N LEU B 494 -25.08 -42.64 40.97
CA LEU B 494 -25.92 -41.57 40.45
C LEU B 494 -25.78 -41.39 38.95
N LEU B 495 -24.53 -41.31 38.49
CA LEU B 495 -24.27 -41.11 37.07
C LEU B 495 -24.77 -42.29 36.25
N GLU B 496 -24.63 -43.48 36.80
CA GLU B 496 -25.08 -44.69 36.12
C GLU B 496 -26.60 -44.68 35.94
N LEU B 497 -27.30 -44.39 37.03
CA LEU B 497 -28.77 -44.30 36.99
C LEU B 497 -29.21 -43.19 36.06
N TYR B 498 -28.56 -42.04 36.16
CA TYR B 498 -28.79 -40.90 35.27
C TYR B 498 -28.69 -41.32 33.80
N LYS B 499 -27.64 -42.06 33.49
CA LYS B 499 -27.32 -42.45 32.12
C LYS B 499 -28.38 -43.34 31.47
N LYS B 500 -28.83 -44.36 32.20
CA LYS B 500 -29.78 -45.32 31.66
C LYS B 500 -31.16 -44.69 31.46
N ALA B 501 -31.48 -43.70 32.30
CA ALA B 501 -32.80 -43.08 32.28
C ALA B 501 -32.93 -41.97 31.24
N LEU B 502 -32.25 -42.12 30.11
CA LEU B 502 -32.38 -41.15 29.01
C LEU B 502 -32.47 -41.85 27.66
N ALA C 2 15.19 11.26 -49.57
CA ALA C 2 16.59 11.29 -49.11
C ALA C 2 16.76 12.28 -47.97
N LYS C 3 17.70 11.98 -47.08
CA LYS C 3 18.05 12.85 -45.96
C LYS C 3 19.57 12.95 -45.88
N GLN C 4 20.07 14.07 -45.36
CA GLN C 4 21.51 14.32 -45.31
C GLN C 4 22.16 13.69 -44.07
N PHE C 5 23.16 12.83 -44.29
CA PHE C 5 23.92 12.25 -43.20
C PHE C 5 25.42 12.30 -43.50
N LEU C 6 26.20 12.70 -42.51
CA LEU C 6 27.65 12.67 -42.62
C LEU C 6 28.23 12.24 -41.30
N TYR C 7 29.34 11.51 -41.37
CA TYR C 7 30.02 11.06 -40.18
C TYR C 7 31.53 11.09 -40.34
N ASP C 8 32.03 10.36 -41.32
CA ASP C 8 33.45 10.04 -41.43
C ASP C 8 34.42 11.23 -41.53
N ASN C 9 34.09 12.24 -42.33
CA ASN C 9 35.02 13.36 -42.46
C ASN C 9 34.55 14.62 -41.72
N LEU C 10 33.77 14.44 -40.66
CA LEU C 10 33.38 15.57 -39.82
C LEU C 10 34.55 15.92 -38.92
N PRO C 11 34.63 17.19 -38.48
CA PRO C 11 35.69 17.55 -37.55
C PRO C 11 35.56 16.79 -36.24
N VAL C 12 36.70 16.48 -35.64
CA VAL C 12 36.72 15.99 -34.27
C VAL C 12 36.57 17.19 -33.31
N VAL C 13 35.78 17.03 -32.27
CA VAL C 13 35.59 18.12 -31.29
C VAL C 13 36.50 17.94 -30.09
N GLU C 14 37.26 18.97 -29.76
CA GLU C 14 38.18 18.89 -28.63
C GLU C 14 37.58 19.46 -27.35
N THR C 15 37.23 18.57 -26.42
CA THR C 15 36.83 18.98 -25.08
C THR C 15 38.04 18.93 -24.17
N LYS C 16 37.88 19.41 -22.93
CA LYS C 16 38.98 19.46 -21.99
C LYS C 16 39.52 18.06 -21.71
N ALA C 17 38.61 17.12 -21.52
CA ALA C 17 38.97 15.75 -21.14
C ALA C 17 39.38 14.89 -22.32
N GLY C 18 39.10 15.32 -23.53
CA GLY C 18 39.45 14.51 -24.68
C GLY C 18 38.63 14.80 -25.91
N LYS C 19 38.92 14.04 -26.96
CA LYS C 19 38.34 14.25 -28.27
C LYS C 19 37.03 13.51 -28.42
N LEU C 20 36.03 14.17 -29.02
CA LEU C 20 34.75 13.54 -29.30
C LEU C 20 34.38 13.59 -30.79
N ARG C 21 33.48 12.71 -31.17
CA ARG C 21 33.00 12.61 -32.53
C ARG C 21 31.49 12.35 -32.52
N GLY C 22 30.76 13.14 -33.31
CA GLY C 22 29.32 12.96 -33.44
C GLY C 22 28.95 12.73 -34.88
N TYR C 23 27.68 13.00 -35.22
CA TYR C 23 27.27 12.89 -36.60
C TYR C 23 26.55 14.14 -37.05
N GLN C 24 26.28 14.23 -38.35
CA GLN C 24 25.53 15.34 -38.90
C GLN C 24 24.30 14.78 -39.59
N TRP C 25 23.17 15.44 -39.39
CA TRP C 25 21.88 14.98 -39.88
C TRP C 25 21.03 16.17 -40.26
N GLU C 26 20.70 16.28 -41.55
CA GLU C 26 19.98 17.43 -42.08
C GLU C 26 20.72 18.74 -41.76
N GLY C 27 22.05 18.70 -41.87
CA GLY C 27 22.86 19.88 -41.62
C GLY C 27 23.17 20.17 -40.16
N THR C 28 22.50 19.48 -39.25
CA THR C 28 22.70 19.69 -37.81
C THR C 28 23.71 18.72 -37.20
N TYR C 29 24.71 19.26 -36.50
CA TYR C 29 25.66 18.43 -35.75
C TYR C 29 25.04 17.95 -34.45
N ILE C 30 25.16 16.66 -34.21
CA ILE C 30 24.46 16.01 -33.11
C ILE C 30 25.45 15.20 -32.28
N PHE C 31 25.41 15.43 -30.97
CA PHE C 31 26.20 14.62 -30.05
C PHE C 31 25.28 14.14 -28.93
N LYS C 32 25.42 12.88 -28.53
CA LYS C 32 24.58 12.34 -27.47
C LYS C 32 25.38 11.62 -26.40
N GLY C 33 24.89 11.63 -25.17
CA GLY C 33 25.47 10.86 -24.09
C GLY C 33 26.87 11.30 -23.71
N ILE C 34 27.13 12.59 -23.85
CA ILE C 34 28.39 13.15 -23.38
C ILE C 34 28.42 13.26 -21.87
N ARG C 35 29.26 12.46 -21.21
CA ARG C 35 29.40 12.54 -19.76
C ARG C 35 30.01 13.87 -19.32
N TYR C 36 29.33 14.60 -18.43
CA TYR C 36 29.86 15.87 -17.92
C TYR C 36 30.40 15.74 -16.48
N ALA C 37 30.04 14.67 -15.79
CA ALA C 37 30.53 14.43 -14.43
C ALA C 37 30.29 12.99 -14.00
N ARG C 38 30.88 12.63 -12.86
CA ARG C 38 30.62 11.35 -12.21
C ARG C 38 30.38 11.62 -10.75
N ALA C 39 29.49 10.86 -10.13
CA ALA C 39 29.25 11.02 -8.72
C ALA C 39 29.00 9.68 -8.05
N ASN C 40 29.69 9.47 -6.94
CA ASN C 40 29.38 8.37 -6.05
C ASN C 40 28.09 8.71 -5.32
N ARG C 41 27.39 7.69 -4.84
CA ARG C 41 26.07 7.91 -4.26
C ARG C 41 26.13 8.84 -3.05
N PHE C 42 25.18 9.78 -3.00
CA PHE C 42 25.02 10.76 -1.91
C PHE C 42 26.20 11.73 -1.80
N GLN C 43 26.96 11.85 -2.87
CA GLN C 43 28.13 12.72 -2.86
C GLN C 43 28.17 13.64 -4.06
N LEU C 44 28.99 14.68 -3.95
CA LEU C 44 28.99 15.75 -4.95
C LEU C 44 29.67 15.27 -6.23
N PRO C 45 29.25 15.82 -7.38
CA PRO C 45 29.85 15.45 -8.67
C PRO C 45 31.30 15.87 -8.79
N GLU C 46 32.04 15.16 -9.61
CA GLU C 46 33.40 15.54 -9.93
C GLU C 46 33.62 15.38 -11.43
N GLU C 47 34.68 16.02 -11.93
CA GLU C 47 34.96 16.03 -13.36
C GLU C 47 35.22 14.64 -13.88
N VAL C 48 35.02 14.45 -15.18
CA VAL C 48 35.31 13.16 -15.80
C VAL C 48 36.81 13.02 -16.01
N GLU C 49 37.26 11.78 -16.17
CA GLU C 49 38.68 11.51 -16.38
C GLU C 49 39.07 11.65 -17.85
N PRO C 50 40.24 12.24 -18.09
CA PRO C 50 40.73 12.45 -19.45
C PRO C 50 40.99 11.12 -20.14
N TRP C 51 40.62 11.02 -21.41
CA TRP C 51 40.84 9.80 -22.17
C TRP C 51 41.72 10.09 -23.37
N GLU C 52 42.26 9.05 -23.99
CA GLU C 52 43.03 9.24 -25.22
C GLU C 52 42.18 8.85 -26.42
N GLY C 53 42.47 9.47 -27.55
CA GLY C 53 41.82 9.09 -28.79
C GLY C 53 40.47 9.74 -28.95
N VAL C 54 39.73 9.28 -29.94
CA VAL C 54 38.46 9.87 -30.30
C VAL C 54 37.34 8.96 -29.85
N LYS C 55 36.42 9.51 -29.08
CA LYS C 55 35.30 8.74 -28.55
C LYS C 55 34.02 9.14 -29.28
N GLU C 56 33.25 8.16 -29.74
CA GLU C 56 32.00 8.47 -30.42
C GLU C 56 30.93 8.81 -29.41
N ALA C 57 30.30 9.97 -29.60
CA ALA C 57 29.19 10.36 -28.77
C ALA C 57 27.92 10.49 -29.63
N ALA C 58 27.29 9.36 -29.93
CA ALA C 58 26.12 9.34 -30.82
C ALA C 58 25.02 8.43 -30.28
N SER C 59 25.16 8.05 -29.02
CA SER C 59 24.17 7.21 -28.34
C SER C 59 23.72 7.89 -27.06
N TYR C 60 22.41 7.95 -26.82
CA TYR C 60 21.90 8.56 -25.59
C TYR C 60 22.43 7.82 -24.37
N GLY C 61 22.89 8.55 -23.36
CA GLY C 61 23.41 7.95 -22.15
C GLY C 61 22.35 7.34 -21.24
N PHE C 62 22.82 6.60 -20.24
CA PHE C 62 21.97 6.08 -19.18
C PHE C 62 21.19 7.20 -18.53
N VAL C 63 19.94 6.94 -18.15
CA VAL C 63 19.14 7.91 -17.42
C VAL C 63 19.09 7.52 -15.95
N CYS C 64 18.57 8.41 -15.11
CA CYS C 64 18.63 8.17 -13.67
C CYS C 64 17.62 7.11 -13.24
N PRO C 65 18.04 6.20 -12.33
CA PRO C 65 17.08 5.24 -11.77
C PRO C 65 15.94 5.94 -11.03
N MET C 66 14.76 5.33 -11.00
CA MET C 66 13.59 5.93 -10.38
C MET C 66 12.90 5.01 -9.37
N LEU C 67 12.14 5.62 -8.47
CA LEU C 67 11.52 4.93 -7.35
C LEU C 67 10.34 4.10 -7.79
N THR C 68 9.64 4.59 -8.81
CA THR C 68 8.43 3.99 -9.32
C THR C 68 8.54 3.80 -10.83
N ARG C 69 7.51 3.17 -11.41
CA ARG C 69 7.49 2.87 -12.84
C ARG C 69 6.40 3.68 -13.54
N ASP C 70 6.74 4.29 -14.68
CA ASP C 70 5.75 5.03 -15.46
C ASP C 70 4.67 4.10 -15.98
N HIS C 71 3.44 4.61 -16.08
CA HIS C 71 2.36 3.89 -16.72
C HIS C 71 1.74 4.82 -17.75
N PRO C 72 2.35 4.90 -18.94
CA PRO C 72 1.96 5.92 -19.92
C PRO C 72 0.63 5.58 -20.60
N GLN C 73 -0.40 6.38 -20.32
CA GLN C 73 -1.72 6.10 -20.84
C GLN C 73 -2.34 7.31 -21.53
N GLY C 74 -1.57 8.39 -21.65
CA GLY C 74 -2.03 9.58 -22.34
C GLY C 74 -1.00 10.07 -23.34
N GLU C 75 -0.51 9.16 -24.18
CA GLU C 75 0.60 9.47 -25.08
C GLU C 75 0.23 10.45 -26.20
N LEU C 76 -1.06 10.67 -26.43
CA LEU C 76 -1.48 11.73 -27.35
C LEU C 76 -1.25 13.12 -26.76
N LEU C 77 -1.42 13.25 -25.44
CA LEU C 77 -1.24 14.55 -24.79
C LEU C 77 0.25 14.90 -24.62
N VAL C 78 1.04 13.88 -24.26
CA VAL C 78 2.49 14.01 -24.09
C VAL C 78 3.19 12.74 -24.57
N PRO C 79 3.70 12.74 -25.80
CA PRO C 79 4.47 11.60 -26.32
C PRO C 79 5.80 11.36 -25.56
N HIS C 80 5.97 10.20 -24.93
CA HIS C 80 7.16 9.94 -24.11
C HIS C 80 8.19 9.00 -24.73
N ARG C 81 9.38 9.02 -24.15
CA ARG C 81 10.45 8.05 -24.44
C ARG C 81 11.10 7.58 -23.16
N TYR C 82 11.52 6.32 -23.12
CA TYR C 82 12.20 5.78 -21.95
C TYR C 82 13.52 5.11 -22.33
N TRP C 83 14.34 4.82 -21.32
CA TRP C 83 15.75 4.47 -21.55
C TRP C 83 16.29 3.67 -20.37
N PRO C 84 17.32 2.83 -20.61
CA PRO C 84 17.93 2.07 -19.51
C PRO C 84 18.51 2.96 -18.42
N GLN C 85 18.41 2.52 -17.18
CA GLN C 85 18.78 3.36 -16.04
C GLN C 85 20.10 2.94 -15.40
N ASP C 86 20.85 3.92 -14.92
CA ASP C 86 22.10 3.68 -14.22
C ASP C 86 22.52 4.92 -13.46
N GLU C 87 23.29 4.76 -12.39
CA GLU C 87 23.69 5.91 -11.61
C GLU C 87 24.83 6.64 -12.32
N ASP C 88 25.42 5.99 -13.31
CA ASP C 88 26.32 6.71 -14.23
C ASP C 88 25.46 7.44 -15.27
N CYS C 89 24.73 8.47 -14.83
CA CYS C 89 23.72 9.10 -15.68
C CYS C 89 23.96 10.58 -15.93
N LEU C 90 25.13 11.10 -15.57
CA LEU C 90 25.37 12.55 -15.68
C LEU C 90 25.90 12.93 -17.07
N SER C 91 25.00 12.93 -18.05
CA SER C 91 25.39 13.15 -19.43
C SER C 91 24.49 14.19 -20.07
N LEU C 92 24.91 14.70 -21.22
CA LEU C 92 24.12 15.68 -21.94
C LEU C 92 24.19 15.43 -23.44
N ASN C 93 23.29 16.10 -24.16
CA ASN C 93 23.16 15.96 -25.60
C ASN C 93 23.17 17.30 -26.27
N ILE C 94 23.82 17.40 -27.43
CA ILE C 94 24.00 18.70 -28.08
C ILE C 94 23.54 18.70 -29.53
N TRP C 95 22.82 19.75 -29.90
CA TRP C 95 22.49 20.01 -31.30
C TRP C 95 23.02 21.38 -31.69
N SER C 96 23.79 21.42 -32.77
CA SER C 96 24.42 22.66 -33.23
C SER C 96 24.42 22.77 -34.74
N GLN C 97 24.40 24.00 -35.25
CA GLN C 97 24.51 24.25 -36.69
C GLN C 97 25.95 24.50 -37.14
N SER C 98 26.87 24.70 -36.19
CA SER C 98 28.28 24.89 -36.54
C SER C 98 29.23 24.46 -35.44
N LEU C 99 30.33 23.82 -35.83
CA LEU C 99 31.38 23.45 -34.89
C LEU C 99 32.52 24.47 -34.88
N ASP C 100 32.31 25.58 -35.59
CA ASP C 100 33.28 26.67 -35.59
C ASP C 100 33.31 27.33 -34.22
N ARG C 101 34.49 27.42 -33.62
CA ARG C 101 34.63 28.00 -32.28
C ARG C 101 34.28 29.49 -32.28
N SER C 102 34.22 30.08 -33.48
CA SER C 102 33.87 31.50 -33.62
C SER C 102 32.39 31.75 -33.85
N ALA C 103 31.58 30.69 -33.93
CA ALA C 103 30.14 30.86 -34.15
C ALA C 103 29.49 31.67 -33.03
N LYS C 104 29.81 31.32 -31.79
CA LYS C 104 29.31 32.03 -30.61
C LYS C 104 27.80 32.20 -30.64
N LYS C 105 27.09 31.08 -30.80
CA LYS C 105 25.63 31.11 -30.85
C LYS C 105 25.04 30.98 -29.44
N PRO C 106 23.85 31.57 -29.22
CA PRO C 106 23.17 31.46 -27.93
C PRO C 106 23.00 30.00 -27.53
N VAL C 107 23.12 29.68 -26.25
CA VAL C 107 23.03 28.29 -25.81
C VAL C 107 21.72 28.07 -25.05
N MET C 108 21.01 27.00 -25.40
CA MET C 108 19.76 26.64 -24.74
C MET C 108 19.93 25.38 -23.91
N PHE C 109 19.88 25.54 -22.59
CA PHE C 109 20.19 24.50 -21.61
C PHE C 109 18.89 24.00 -21.00
N TRP C 110 18.38 22.88 -21.52
CA TRP C 110 17.06 22.37 -21.12
C TRP C 110 17.10 21.46 -19.90
N ILE C 111 16.31 21.81 -18.89
CA ILE C 111 16.20 21.00 -17.68
C ILE C 111 14.80 20.40 -17.59
N HIS C 112 14.73 19.07 -17.71
CA HIS C 112 13.46 18.36 -17.83
C HIS C 112 12.64 18.37 -16.54
N GLY C 113 11.34 18.15 -16.69
CA GLY C 113 10.43 18.06 -15.55
C GLY C 113 10.20 16.62 -15.13
N GLY C 114 9.24 16.43 -14.22
CA GLY C 114 8.95 15.13 -13.65
C GLY C 114 9.12 15.24 -12.15
N ALA C 115 8.53 16.30 -11.58
CA ALA C 115 8.89 16.76 -10.26
C ALA C 115 10.42 16.79 -10.15
N PHE C 116 10.95 16.24 -9.07
CA PHE C 116 12.39 16.10 -8.95
C PHE C 116 12.75 14.61 -8.90
N SER C 117 11.83 13.77 -9.34
CA SER C 117 11.98 12.32 -9.14
C SER C 117 12.00 11.48 -10.41
N MET C 118 11.44 11.99 -11.50
CA MET C 118 11.37 11.21 -12.73
C MET C 118 11.74 12.05 -13.95
N GLY C 119 11.80 11.40 -15.11
CA GLY C 119 12.15 12.08 -16.33
C GLY C 119 13.63 11.98 -16.69
N SER C 120 14.01 12.71 -17.73
CA SER C 120 15.33 12.62 -18.32
C SER C 120 15.40 13.60 -19.49
N SER C 121 16.60 13.78 -20.04
CA SER C 121 16.79 14.69 -21.17
C SER C 121 16.03 14.28 -22.44
N ILE C 122 15.55 13.04 -22.53
CA ILE C 122 14.83 12.59 -23.71
C ILE C 122 13.42 12.09 -23.40
N GLU C 123 12.93 12.33 -22.18
CA GLU C 123 11.73 11.61 -21.75
C GLU C 123 10.47 12.01 -22.52
N GLN C 124 10.47 13.20 -23.12
CA GLN C 124 9.43 13.56 -24.08
C GLN C 124 10.05 13.59 -25.46
N LYS C 125 9.33 13.11 -26.45
CA LYS C 125 9.81 13.16 -27.83
C LYS C 125 10.11 14.61 -28.23
N ALA C 126 9.33 15.54 -27.66
CA ALA C 126 9.49 16.95 -27.98
C ALA C 126 10.74 17.61 -27.41
N TYR C 127 11.47 16.93 -26.52
CA TYR C 127 12.76 17.46 -26.02
C TYR C 127 13.88 17.39 -27.06
N ASN C 128 13.60 16.81 -28.22
CA ASN C 128 14.61 16.68 -29.26
C ASN C 128 15.04 18.04 -29.80
N GLY C 129 16.35 18.25 -29.91
CA GLY C 129 16.90 19.57 -30.16
C GLY C 129 17.12 20.04 -31.59
N GLU C 130 16.84 19.17 -32.56
CA GLU C 130 17.14 19.47 -33.96
C GLU C 130 16.46 20.75 -34.48
N ASN C 131 15.14 20.81 -34.34
CA ASN C 131 14.37 21.90 -34.92
C ASN C 131 14.70 23.24 -34.26
N MET C 132 14.83 23.25 -32.94
CA MET C 132 15.23 24.49 -32.26
C MET C 132 16.59 24.97 -32.74
N SER C 133 17.53 24.03 -32.91
CA SER C 133 18.87 24.41 -33.33
C SER C 133 18.88 24.94 -34.76
N ARG C 134 18.14 24.29 -35.65
CA ARG C 134 18.17 24.69 -37.05
C ARG C 134 17.42 25.99 -37.32
N TYR C 135 16.18 26.07 -36.84
CA TYR C 135 15.34 27.24 -37.08
C TYR C 135 15.77 28.45 -36.28
N GLY C 136 16.50 28.23 -35.19
CA GLY C 136 16.91 29.33 -34.33
C GLY C 136 18.38 29.71 -34.47
N ASP C 137 19.15 28.83 -35.09
CA ASP C 137 20.62 28.88 -35.07
C ASP C 137 21.12 29.12 -33.66
N VAL C 138 20.77 28.18 -32.79
CA VAL C 138 21.24 28.18 -31.41
C VAL C 138 21.83 26.81 -31.11
N VAL C 139 22.56 26.72 -30.01
CA VAL C 139 23.14 25.45 -29.60
C VAL C 139 22.29 24.89 -28.47
N VAL C 140 21.59 23.79 -28.75
CA VAL C 140 20.71 23.17 -27.76
C VAL C 140 21.41 22.09 -26.96
N VAL C 141 21.32 22.20 -25.63
CA VAL C 141 21.90 21.23 -24.71
C VAL C 141 20.80 20.66 -23.81
N THR C 142 20.59 19.34 -23.84
CA THR C 142 19.64 18.72 -22.92
C THR C 142 20.38 17.76 -21.98
N VAL C 143 20.03 17.80 -20.70
CA VAL C 143 20.85 17.17 -19.67
C VAL C 143 20.11 16.20 -18.75
N ASN C 144 20.82 15.18 -18.29
CA ASN C 144 20.37 14.35 -17.18
C ASN C 144 21.05 14.78 -15.88
N HIS C 145 20.42 14.50 -14.74
CA HIS C 145 21.06 14.71 -13.44
C HIS C 145 20.39 13.79 -12.43
N ARG C 146 20.93 13.69 -11.23
CA ARG C 146 20.37 12.75 -10.26
C ARG C 146 19.01 13.21 -9.73
N LEU C 147 18.10 12.26 -9.64
CA LEU C 147 16.71 12.51 -9.25
C LEU C 147 16.33 11.74 -7.99
N ASN C 148 15.10 11.98 -7.52
CA ASN C 148 14.54 11.37 -6.31
C ASN C 148 15.58 11.25 -5.20
N ILE C 149 15.75 10.06 -4.63
CA ILE C 149 16.62 9.93 -3.45
C ILE C 149 18.11 9.91 -3.80
N LEU C 150 18.42 9.87 -5.09
CA LEU C 150 19.82 9.94 -5.51
C LEU C 150 20.25 11.41 -5.57
N GLY C 151 19.34 12.30 -5.92
CA GLY C 151 19.67 13.70 -6.06
C GLY C 151 19.22 14.59 -4.93
N TYR C 152 18.25 14.14 -4.16
CA TYR C 152 17.63 15.01 -3.16
C TYR C 152 17.35 14.24 -1.87
N LEU C 153 18.42 13.91 -1.15
CA LEU C 153 18.30 13.21 0.11
C LEU C 153 19.41 13.66 1.05
N ASP C 154 19.03 14.25 2.18
CA ASP C 154 20.02 14.83 3.09
C ASP C 154 20.70 13.79 3.97
N LEU C 155 21.89 13.37 3.57
CA LEU C 155 22.66 12.43 4.36
C LEU C 155 23.74 13.12 5.19
N SER C 156 23.73 14.45 5.20
CA SER C 156 24.74 15.19 5.96
C SER C 156 24.73 14.91 7.47
N PRO C 157 23.59 14.51 8.07
CA PRO C 157 23.69 14.09 9.47
C PRO C 157 24.58 12.86 9.72
N TYR C 158 25.08 12.24 8.67
CA TYR C 158 25.90 11.03 8.82
C TYR C 158 27.32 11.23 8.32
N GLY C 159 27.72 12.49 8.14
CA GLY C 159 29.11 12.81 7.86
C GLY C 159 29.33 13.84 6.78
N GLU C 160 30.48 14.50 6.85
CA GLU C 160 30.87 15.51 5.86
C GLU C 160 31.04 14.88 4.49
N ARG C 161 31.21 13.57 4.47
CA ARG C 161 31.29 12.82 3.23
C ARG C 161 30.09 13.15 2.34
N TYR C 162 28.93 13.30 2.98
CA TYR C 162 27.67 13.52 2.26
C TYR C 162 27.21 14.97 2.28
N ALA C 163 28.15 15.89 2.44
CA ALA C 163 27.81 17.31 2.39
C ALA C 163 27.21 17.62 1.04
N GLY C 164 26.11 18.37 1.03
CA GLY C 164 25.48 18.78 -0.22
C GLY C 164 24.55 17.73 -0.83
N SER C 165 24.31 16.65 -0.12
CA SER C 165 23.50 15.56 -0.66
C SER C 165 22.01 15.92 -0.78
N ALA C 166 21.56 16.86 0.05
CA ALA C 166 20.18 17.31 0.03
C ALA C 166 19.79 17.87 -1.33
N ASN C 167 20.75 18.50 -1.99
CA ASN C 167 20.51 19.08 -3.30
C ASN C 167 21.53 18.64 -4.34
N ALA C 168 22.02 17.41 -4.20
CA ALA C 168 23.09 16.93 -5.08
C ALA C 168 22.68 17.03 -6.53
N GLY C 169 21.42 16.72 -6.80
CA GLY C 169 20.86 16.83 -8.15
C GLY C 169 20.98 18.23 -8.72
N GLN C 170 20.88 19.22 -7.84
CA GLN C 170 21.11 20.60 -8.26
C GLN C 170 22.60 20.83 -8.51
N ALA C 171 23.44 20.24 -7.66
CA ALA C 171 24.89 20.36 -7.82
C ALA C 171 25.33 19.68 -9.12
N ASP C 172 24.60 18.65 -9.55
CA ASP C 172 24.85 18.03 -10.85
C ASP C 172 24.63 19.03 -12.00
N LEU C 173 23.50 19.73 -11.95
CA LEU C 173 23.17 20.70 -12.97
C LEU C 173 24.25 21.78 -13.04
N VAL C 174 24.77 22.15 -11.88
CA VAL C 174 25.89 23.10 -11.81
C VAL C 174 27.12 22.55 -12.50
N ALA C 175 27.46 21.28 -12.22
CA ALA C 175 28.58 20.62 -12.90
C ALA C 175 28.42 20.60 -14.42
N ALA C 176 27.17 20.44 -14.87
CA ALA C 176 26.91 20.43 -16.31
C ALA C 176 27.14 21.83 -16.88
N LEU C 177 26.72 22.86 -16.15
CA LEU C 177 26.96 24.23 -16.60
C LEU C 177 28.47 24.57 -16.63
N LYS C 178 29.22 24.03 -15.68
CA LYS C 178 30.67 24.19 -15.67
C LYS C 178 31.31 23.50 -16.88
N TRP C 179 30.72 22.38 -17.29
CA TRP C 179 31.19 21.71 -18.49
C TRP C 179 30.91 22.58 -19.72
N VAL C 180 29.74 23.22 -19.71
CA VAL C 180 29.33 24.13 -20.78
C VAL C 180 30.23 25.37 -20.84
N ARG C 181 30.64 25.85 -19.67
CA ARG C 181 31.55 26.99 -19.61
C ARG C 181 32.85 26.70 -20.33
N ASP C 182 33.38 25.50 -20.14
CA ASP C 182 34.70 25.16 -20.67
C ASP C 182 34.69 24.52 -22.04
N ASN C 183 33.53 24.03 -22.49
CA ASN C 183 33.52 23.24 -23.71
C ASN C 183 32.57 23.68 -24.82
N ILE C 184 31.57 24.50 -24.51
CA ILE C 184 30.53 24.78 -25.50
C ILE C 184 31.05 25.56 -26.72
N GLU C 185 32.18 26.26 -26.57
CA GLU C 185 32.80 26.95 -27.71
C GLU C 185 33.21 25.95 -28.77
N ALA C 186 33.62 24.76 -28.34
CA ALA C 186 33.96 23.70 -29.28
C ALA C 186 32.75 23.28 -30.11
N PHE C 187 31.54 23.61 -29.64
CA PHE C 187 30.32 23.23 -30.35
C PHE C 187 29.60 24.45 -30.94
N GLY C 188 30.35 25.54 -31.14
CA GLY C 188 29.80 26.73 -31.78
C GLY C 188 28.89 27.55 -30.87
N GLY C 189 28.93 27.27 -29.58
CA GLY C 189 28.13 27.99 -28.60
C GLY C 189 28.87 29.13 -27.91
N ASP C 190 28.09 30.06 -27.35
CA ASP C 190 28.62 31.20 -26.62
C ASP C 190 28.50 31.00 -25.13
N PRO C 191 29.61 30.69 -24.46
CA PRO C 191 29.64 30.45 -23.01
C PRO C 191 29.17 31.66 -22.20
N ASP C 192 29.14 32.84 -22.82
CA ASP C 192 28.69 34.05 -22.12
C ASP C 192 27.21 34.34 -22.40
N ASN C 193 26.57 33.49 -23.19
CA ASN C 193 25.15 33.63 -23.47
C ASN C 193 24.41 32.31 -23.32
N VAL C 194 24.25 31.88 -22.06
CA VAL C 194 23.60 30.61 -21.76
C VAL C 194 22.24 30.83 -21.09
N THR C 195 21.20 30.28 -21.70
CA THR C 195 19.85 30.37 -21.14
C THR C 195 19.45 29.03 -20.57
N ILE C 196 19.12 28.97 -19.29
CA ILE C 196 18.60 27.73 -18.76
C ILE C 196 17.08 27.78 -18.85
N PHE C 197 16.46 26.68 -19.26
CA PHE C 197 15.00 26.65 -19.30
C PHE C 197 14.50 25.27 -18.98
N GLY C 198 13.31 25.21 -18.37
CA GLY C 198 12.71 23.94 -18.02
C GLY C 198 11.23 24.09 -17.76
N GLN C 199 10.52 22.96 -17.81
CA GLN C 199 9.08 22.98 -17.61
C GLN C 199 8.71 22.14 -16.37
N SER C 200 7.67 22.58 -15.66
CA SER C 200 7.23 21.93 -14.43
C SER C 200 8.37 21.83 -13.42
N GLY C 201 8.75 20.59 -13.07
CA GLY C 201 9.85 20.35 -12.17
C GLY C 201 11.11 21.00 -12.69
N GLY C 202 11.27 20.99 -14.01
CA GLY C 202 12.41 21.64 -14.63
C GLY C 202 12.40 23.13 -14.39
N GLY C 203 11.20 23.72 -14.41
CA GLY C 203 11.03 25.13 -14.11
C GLY C 203 11.44 25.44 -12.68
N MET C 204 11.12 24.55 -11.76
CA MET C 204 11.51 24.70 -10.38
C MET C 204 13.01 24.52 -10.19
N LYS C 205 13.60 23.56 -10.90
CA LYS C 205 15.05 23.39 -10.88
C LYS C 205 15.73 24.68 -11.35
N VAL C 206 15.14 25.30 -12.37
CA VAL C 206 15.67 26.57 -12.89
C VAL C 206 15.60 27.67 -11.83
N SER C 207 14.41 27.85 -11.25
CA SER C 207 14.18 28.81 -10.17
C SER C 207 15.19 28.65 -9.06
N GLY C 208 15.44 27.40 -8.69
CA GLY C 208 16.39 27.06 -7.64
C GLY C 208 17.81 27.48 -7.97
N LEU C 209 18.19 27.31 -9.24
CA LEU C 209 19.55 27.65 -9.66
C LEU C 209 19.81 29.16 -9.64
N MET C 210 18.77 29.97 -9.87
CA MET C 210 18.94 31.42 -9.72
C MET C 210 19.33 31.75 -8.28
N GLN C 211 18.78 30.98 -7.34
CA GLN C 211 19.02 31.14 -5.92
C GLN C 211 20.14 30.24 -5.38
N THR C 212 21.07 29.89 -6.28
CA THR C 212 22.23 29.08 -5.92
C THR C 212 23.52 29.80 -6.27
N PRO C 213 24.18 30.42 -5.26
CA PRO C 213 25.41 31.21 -5.45
C PRO C 213 26.49 30.52 -6.29
N GLU C 214 26.74 29.22 -6.08
CA GLU C 214 27.74 28.50 -6.86
C GLU C 214 27.49 28.58 -8.37
N ALA C 215 26.23 28.75 -8.77
CA ALA C 215 25.88 28.82 -10.19
C ALA C 215 25.97 30.24 -10.77
N ASP C 216 26.28 31.23 -9.94
CA ASP C 216 26.33 32.62 -10.42
C ASP C 216 27.30 32.80 -11.57
N GLY C 217 26.81 33.33 -12.67
CA GLY C 217 27.65 33.59 -13.83
C GLY C 217 27.74 32.42 -14.79
N LEU C 218 27.13 31.29 -14.44
CA LEU C 218 27.14 30.12 -15.32
C LEU C 218 25.96 30.15 -16.28
N PHE C 219 25.07 31.11 -16.08
CA PHE C 219 23.98 31.33 -17.01
C PHE C 219 23.51 32.76 -16.92
N HIS C 220 22.95 33.26 -18.02
CA HIS C 220 22.71 34.69 -18.17
C HIS C 220 21.25 35.03 -18.38
N ARG C 221 20.42 34.00 -18.47
CA ARG C 221 18.99 34.18 -18.73
C ARG C 221 18.26 32.92 -18.29
N ALA C 222 16.99 33.05 -17.93
CA ALA C 222 16.20 31.88 -17.54
C ALA C 222 14.79 31.91 -18.10
N MET C 223 14.23 30.72 -18.30
CA MET C 223 12.86 30.59 -18.78
C MET C 223 12.17 29.52 -17.95
N ILE C 224 11.01 29.86 -17.40
CA ILE C 224 10.29 28.97 -16.50
C ILE C 224 8.88 28.70 -17.03
N MET C 225 8.61 27.44 -17.38
CA MET C 225 7.34 27.03 -17.97
C MET C 225 6.55 26.20 -16.96
N SER C 226 5.36 26.67 -16.59
CA SER C 226 4.51 25.98 -15.61
C SER C 226 5.31 25.44 -14.42
N GLY C 227 6.12 26.30 -13.81
CA GLY C 227 7.15 25.86 -12.89
C GLY C 227 7.19 26.61 -11.58
N VAL C 228 6.10 27.29 -11.26
CA VAL C 228 5.90 27.83 -9.91
C VAL C 228 4.56 27.33 -9.40
N ALA C 229 4.55 26.64 -8.27
CA ALA C 229 3.31 25.97 -7.85
C ALA C 229 2.97 26.19 -6.38
N GLY C 230 3.89 26.79 -5.64
CA GLY C 230 3.65 27.09 -4.24
C GLY C 230 3.31 25.86 -3.41
N ASP C 231 2.40 26.04 -2.45
CA ASP C 231 2.14 25.01 -1.45
C ASP C 231 1.30 23.83 -1.97
N VAL C 232 1.25 23.64 -3.28
CA VAL C 232 0.56 22.47 -3.83
C VAL C 232 1.56 21.35 -4.13
N LEU C 233 2.78 21.73 -4.46
CA LEU C 233 3.89 20.79 -4.48
C LEU C 233 4.93 21.29 -3.46
N PRO C 234 4.63 21.09 -2.17
CA PRO C 234 5.50 21.63 -1.12
C PRO C 234 6.83 20.92 -1.13
N TYR C 235 7.91 21.65 -0.86
CA TYR C 235 9.20 21.01 -0.72
C TYR C 235 9.26 20.33 0.64
N SER C 236 10.07 19.27 0.75
CA SER C 236 10.21 18.55 1.99
C SER C 236 11.31 19.15 2.86
N THR C 237 10.95 19.54 4.08
CA THR C 237 11.91 20.14 4.99
C THR C 237 11.90 19.45 6.34
N GLY C 238 12.95 19.67 7.14
CA GLY C 238 13.04 19.08 8.46
C GLY C 238 14.22 18.13 8.63
N ASP C 239 14.21 17.39 9.74
CA ASP C 239 15.31 16.49 10.08
C ASP C 239 15.20 15.18 9.28
N SER C 240 16.29 14.75 8.66
CA SER C 240 16.26 13.55 7.83
C SER C 240 16.56 12.26 8.60
N ARG C 241 16.98 12.40 9.86
CA ARG C 241 17.39 11.24 10.63
C ARG C 241 16.26 10.22 10.83
N PRO C 242 15.02 10.67 11.12
CA PRO C 242 13.97 9.64 11.21
C PRO C 242 13.78 8.83 9.92
N LEU C 243 13.89 9.46 8.76
CA LEU C 243 13.78 8.73 7.49
C LEU C 243 14.92 7.73 7.32
N ILE C 244 16.16 8.22 7.42
CA ILE C 244 17.34 7.37 7.29
C ILE C 244 17.31 6.21 8.30
N GLN C 245 16.97 6.52 9.54
CA GLN C 245 16.94 5.49 10.58
C GLN C 245 15.91 4.41 10.21
N ALA C 246 14.77 4.84 9.68
CA ALA C 246 13.74 3.91 9.21
C ALA C 246 14.22 3.05 8.05
N MET C 247 14.99 3.66 7.14
CA MET C 247 15.51 2.93 5.98
C MET C 247 16.59 1.94 6.41
N LEU C 248 17.42 2.33 7.36
CA LEU C 248 18.46 1.44 7.88
C LEU C 248 17.85 0.20 8.52
N LYS C 249 16.81 0.39 9.32
CA LYS C 249 16.17 -0.72 10.01
C LYS C 249 15.53 -1.66 9.00
N GLU C 250 14.83 -1.08 8.03
CA GLU C 250 14.17 -1.84 7.00
C GLU C 250 15.18 -2.67 6.21
N LEU C 251 16.37 -2.12 6.03
CA LEU C 251 17.41 -2.77 5.24
C LEU C 251 18.32 -3.67 6.09
N GLY C 252 18.00 -3.79 7.38
CA GLY C 252 18.77 -4.67 8.26
C GLY C 252 20.15 -4.15 8.58
N LEU C 253 20.30 -2.83 8.54
CA LEU C 253 21.58 -2.20 8.80
C LEU C 253 21.58 -1.56 10.20
N ALA C 254 22.76 -1.47 10.80
CA ALA C 254 22.87 -0.88 12.13
C ALA C 254 22.98 0.64 12.04
N GLU C 255 22.73 1.31 13.16
CA GLU C 255 22.69 2.77 13.18
C GLU C 255 24.01 3.40 12.73
N GLN C 256 25.14 2.79 13.10
CA GLN C 256 26.44 3.35 12.74
C GLN C 256 26.89 2.88 11.35
N GLU C 257 26.01 2.14 10.67
CA GLU C 257 26.35 1.56 9.38
C GLU C 257 25.81 2.36 8.20
N ALA C 258 25.58 3.66 8.38
CA ALA C 258 25.00 4.48 7.32
C ALA C 258 25.78 4.37 6.01
N GLY C 259 27.11 4.28 6.12
CA GLY C 259 27.97 4.17 4.95
C GLY C 259 27.59 3.03 4.01
N ARG C 260 26.88 2.05 4.53
CA ARG C 260 26.45 0.92 3.71
C ARG C 260 25.40 1.33 2.67
N LEU C 261 24.67 2.42 2.93
CA LEU C 261 23.64 2.87 2.00
C LEU C 261 24.22 3.26 0.64
N GLU C 262 25.51 3.57 0.61
CA GLU C 262 26.18 3.91 -0.65
C GLU C 262 26.14 2.79 -1.68
N THR C 263 26.18 1.53 -1.22
CA THR C 263 26.35 0.42 -2.14
C THR C 263 25.19 -0.59 -2.11
N VAL C 264 24.13 -0.27 -1.37
CA VAL C 264 22.92 -1.09 -1.41
C VAL C 264 22.37 -1.06 -2.84
N PRO C 265 22.02 -2.23 -3.39
CA PRO C 265 21.37 -2.24 -4.70
C PRO C 265 20.20 -1.25 -4.72
N TYR C 266 20.12 -0.40 -5.74
CA TYR C 266 19.11 0.66 -5.78
C TYR C 266 17.70 0.09 -5.65
N TYR C 267 17.50 -1.12 -6.16
CA TYR C 267 16.19 -1.76 -6.07
C TYR C 267 15.78 -1.90 -4.62
N ASP C 268 16.72 -2.38 -3.80
CA ASP C 268 16.48 -2.53 -2.37
C ASP C 268 16.39 -1.19 -1.65
N LEU C 269 17.21 -0.23 -2.09
CA LEU C 269 17.21 1.12 -1.49
C LEU C 269 15.88 1.81 -1.73
N ALA C 270 15.45 1.81 -3.00
CA ALA C 270 14.16 2.34 -3.41
C ALA C 270 13.01 1.63 -2.71
N ALA C 271 13.10 0.30 -2.59
CA ALA C 271 12.04 -0.47 -1.95
C ALA C 271 11.89 -0.07 -0.48
N ALA C 272 13.02 0.18 0.18
CA ALA C 272 13.01 0.54 1.59
C ALA C 272 12.42 1.95 1.77
N TYR C 273 12.87 2.89 0.94
CA TYR C 273 12.31 4.22 0.94
C TYR C 273 10.78 4.18 0.74
N ASN C 274 10.35 3.52 -0.32
CA ASN C 274 8.92 3.42 -0.62
C ASN C 274 8.12 2.85 0.53
N ARG C 275 8.69 1.89 1.24
CA ARG C 275 8.01 1.29 2.38
C ARG C 275 7.85 2.24 3.56
N VAL C 276 8.95 2.86 4.00
CA VAL C 276 8.93 3.59 5.27
C VAL C 276 8.53 5.07 5.16
N SER C 277 8.69 5.66 3.99
CA SER C 277 8.47 7.10 3.84
C SER C 277 7.00 7.59 3.97
N PRO C 278 5.99 6.76 3.61
CA PRO C 278 4.64 7.31 3.83
C PRO C 278 4.34 7.62 5.29
N ALA C 279 4.79 6.77 6.20
CA ALA C 279 4.53 6.96 7.62
C ALA C 279 5.31 8.16 8.16
N ILE C 280 6.51 8.38 7.63
CA ILE C 280 7.30 9.56 7.97
C ILE C 280 6.56 10.84 7.58
N ALA C 281 6.15 10.90 6.32
CA ALA C 281 5.44 12.06 5.78
C ALA C 281 4.10 12.30 6.48
N ARG C 282 3.45 11.21 6.89
CA ARG C 282 2.20 11.34 7.62
C ARG C 282 2.46 11.97 8.99
N ALA C 283 3.68 11.78 9.50
CA ALA C 283 4.08 12.40 10.75
C ALA C 283 4.62 13.80 10.51
N GLY C 284 4.58 14.25 9.27
CA GLY C 284 5.03 15.58 8.90
C GLY C 284 6.54 15.70 8.72
N GLY C 285 7.23 14.56 8.69
CA GLY C 285 8.67 14.54 8.59
C GLY C 285 9.24 14.69 7.19
N TYR C 286 10.53 15.02 7.14
CA TYR C 286 11.27 15.11 5.89
C TYR C 286 11.36 13.77 5.17
N ILE C 287 11.05 13.75 3.87
CA ILE C 287 11.24 12.54 3.08
C ILE C 287 11.99 12.83 1.78
N GLY C 288 12.50 14.05 1.65
CA GLY C 288 13.35 14.42 0.53
C GLY C 288 12.67 14.41 -0.83
N CYS C 289 13.44 14.14 -1.87
CA CYS C 289 12.99 14.15 -3.25
C CYS C 289 12.51 15.55 -3.71
N THR C 290 12.94 16.58 -3.00
CA THR C 290 12.75 17.97 -3.41
C THR C 290 13.99 18.74 -2.99
N PRO C 291 14.20 19.94 -3.55
CA PRO C 291 15.28 20.75 -3.00
C PRO C 291 15.02 21.14 -1.56
N ARG C 292 16.06 21.58 -0.87
CA ARG C 292 15.98 21.88 0.54
C ARG C 292 16.90 23.07 0.83
N PRO C 293 16.32 24.21 1.23
CA PRO C 293 17.14 25.39 1.46
C PRO C 293 18.29 25.12 2.44
N ASP C 294 19.48 25.61 2.09
CA ASP C 294 20.64 25.53 2.97
C ASP C 294 21.65 26.59 2.55
N ASP C 295 22.93 26.35 2.81
CA ASP C 295 23.98 27.29 2.41
C ASP C 295 24.24 27.24 0.90
N PHE C 296 23.78 26.17 0.27
CA PHE C 296 24.03 25.96 -1.16
C PHE C 296 22.89 26.56 -1.98
N TYR C 297 21.67 26.28 -1.53
CA TYR C 297 20.46 26.76 -2.18
C TYR C 297 19.67 27.58 -1.17
N LYS C 298 19.42 28.85 -1.49
CA LYS C 298 18.90 29.79 -0.50
C LYS C 298 17.42 29.56 -0.18
N GLY C 299 16.69 29.04 -1.17
CA GLY C 299 15.25 28.94 -1.10
C GLY C 299 14.68 29.76 -2.22
N GLU C 300 13.37 29.79 -2.38
CA GLU C 300 12.76 30.49 -3.50
C GLU C 300 12.67 31.99 -3.22
N GLY C 301 12.95 32.79 -4.25
CA GLY C 301 12.94 34.23 -4.16
C GLY C 301 11.74 34.86 -3.45
N PRO C 302 10.51 34.56 -3.92
CA PRO C 302 9.32 35.17 -3.31
C PRO C 302 9.18 34.88 -1.83
N ALA C 303 9.77 33.79 -1.36
CA ALA C 303 9.70 33.42 0.05
C ALA C 303 10.86 34.01 0.86
N VAL C 304 12.08 33.88 0.37
CA VAL C 304 13.26 34.22 1.16
C VAL C 304 14.04 35.42 0.63
N GLY C 305 13.51 36.08 -0.38
CA GLY C 305 14.20 37.16 -1.06
C GLY C 305 15.14 36.65 -2.13
N PHE C 306 15.10 37.27 -3.32
CA PHE C 306 16.02 36.90 -4.39
C PHE C 306 17.43 37.36 -4.08
N THR C 307 18.43 36.52 -4.38
CA THR C 307 19.82 36.93 -4.19
C THR C 307 20.12 38.12 -5.10
N ASP C 308 21.18 38.86 -4.79
CA ASP C 308 21.60 39.98 -5.62
C ASP C 308 21.86 39.54 -7.07
N HIS C 309 22.41 38.34 -7.24
CA HIS C 309 22.71 37.91 -8.60
C HIS C 309 21.45 37.51 -9.34
N ALA C 310 20.53 36.84 -8.64
CA ALA C 310 19.25 36.44 -9.21
C ALA C 310 18.50 37.63 -9.82
N LYS C 311 18.56 38.78 -9.15
CA LYS C 311 17.93 39.99 -9.66
C LYS C 311 18.44 40.38 -11.05
N THR C 312 19.65 39.92 -11.39
CA THR C 312 20.28 40.37 -12.62
C THR C 312 19.97 39.43 -13.79
N ILE C 313 19.24 38.35 -13.49
CA ILE C 313 18.88 37.36 -14.50
C ILE C 313 17.52 37.63 -15.13
N PRO C 314 17.49 38.01 -16.42
CA PRO C 314 16.21 38.22 -17.09
C PRO C 314 15.44 36.90 -17.21
N VAL C 315 14.13 36.93 -16.99
CA VAL C 315 13.34 35.71 -16.92
C VAL C 315 12.09 35.81 -17.79
N MET C 316 11.84 34.76 -18.58
CA MET C 316 10.52 34.63 -19.20
C MET C 316 9.76 33.51 -18.50
N VAL C 317 8.53 33.80 -18.11
CA VAL C 317 7.78 32.85 -17.32
C VAL C 317 6.44 32.54 -18.02
N GLY C 318 6.01 31.28 -17.95
CA GLY C 318 4.76 30.91 -18.58
C GLY C 318 3.91 29.94 -17.78
N THR C 319 2.60 29.95 -18.06
CA THR C 319 1.69 28.85 -17.71
C THR C 319 0.75 28.58 -18.89
N VAL C 320 0.03 27.47 -18.83
CA VAL C 320 -1.00 27.21 -19.84
C VAL C 320 -2.39 27.27 -19.20
N PHE C 321 -3.42 27.43 -20.04
CA PHE C 321 -4.76 27.70 -19.53
C PHE C 321 -5.29 26.64 -18.56
N GLY C 322 -5.26 25.38 -18.96
CA GLY C 322 -5.90 24.35 -18.17
C GLY C 322 -4.93 23.26 -17.76
N GLU C 323 -3.92 23.68 -16.99
CA GLU C 323 -2.79 22.84 -16.61
C GLU C 323 -3.14 21.38 -16.27
N PHE C 324 -3.78 21.17 -15.12
CA PHE C 324 -4.00 19.81 -14.63
C PHE C 324 -5.37 19.23 -15.01
N ALA C 325 -6.07 19.84 -15.95
CA ALA C 325 -7.31 19.25 -16.45
C ALA C 325 -7.00 18.17 -17.50
N MET C 326 -6.30 17.13 -17.08
CA MET C 326 -5.80 16.10 -18.00
C MET C 326 -6.92 15.17 -18.45
N MET C 327 -7.80 14.82 -17.52
CA MET C 327 -8.90 13.89 -17.82
C MET C 327 -9.87 14.48 -18.83
N PRO C 328 -10.74 13.65 -19.41
CA PRO C 328 -11.76 14.18 -20.32
C PRO C 328 -12.87 14.92 -19.59
N LEU C 329 -13.28 16.06 -20.14
CA LEU C 329 -14.50 16.74 -19.72
C LEU C 329 -15.66 15.76 -19.88
N PRO C 330 -16.60 15.74 -18.92
CA PRO C 330 -17.67 14.74 -18.90
C PRO C 330 -18.84 15.05 -19.84
N PHE C 331 -18.62 15.95 -20.80
CA PHE C 331 -19.61 16.29 -21.82
C PHE C 331 -18.92 16.87 -23.04
N ASN C 332 -19.66 17.08 -24.11
CA ASN C 332 -19.12 17.68 -25.32
C ASN C 332 -19.13 19.20 -25.24
N LYS C 333 -17.95 19.78 -25.11
CA LYS C 333 -17.78 21.23 -25.01
C LYS C 333 -18.44 21.98 -26.16
N GLU C 334 -18.41 21.38 -27.34
CA GLU C 334 -18.92 22.03 -28.56
C GLU C 334 -20.45 21.90 -28.75
N THR C 335 -21.13 21.12 -27.92
CA THR C 335 -22.57 20.94 -28.11
C THR C 335 -23.44 21.21 -26.88
N ILE C 336 -22.82 21.30 -25.71
CA ILE C 336 -23.59 21.55 -24.48
C ILE C 336 -24.33 22.88 -24.55
N SER C 337 -25.46 22.96 -23.87
CA SER C 337 -26.29 24.16 -23.88
C SER C 337 -25.89 25.10 -22.74
N GLU C 338 -26.23 26.38 -22.91
CA GLU C 338 -26.01 27.39 -21.86
C GLU C 338 -26.75 27.00 -20.58
N ALA C 339 -28.02 26.59 -20.73
CA ALA C 339 -28.83 26.16 -19.59
C ALA C 339 -28.14 25.07 -18.78
N GLU C 340 -27.56 24.09 -19.46
CA GLU C 340 -26.84 23.01 -18.79
C GLU C 340 -25.60 23.55 -18.12
N LEU C 341 -24.86 24.39 -18.84
CA LEU C 341 -23.63 24.95 -18.30
C LEU C 341 -23.90 25.76 -17.05
N ASP C 342 -24.96 26.57 -17.09
CA ASP C 342 -25.32 27.41 -15.96
C ASP C 342 -25.61 26.58 -14.70
N GLU C 343 -26.25 25.42 -14.89
CA GLU C 343 -26.53 24.50 -13.79
C GLU C 343 -25.23 23.93 -13.21
N ILE C 344 -24.31 23.55 -14.09
CA ILE C 344 -23.03 23.02 -13.64
C ILE C 344 -22.22 24.08 -12.91
N LEU C 345 -22.19 25.29 -13.47
CA LEU C 345 -21.45 26.40 -12.87
C LEU C 345 -22.03 26.79 -11.50
N ASP C 346 -23.36 26.76 -11.41
CA ASP C 346 -24.06 27.09 -10.18
C ASP C 346 -23.77 26.07 -9.08
N LYS C 347 -23.78 24.80 -9.43
CA LYS C 347 -23.56 23.73 -8.47
C LYS C 347 -22.10 23.69 -7.99
N ARG C 348 -21.19 24.11 -8.85
CA ARG C 348 -19.77 23.97 -8.55
C ARG C 348 -19.18 25.23 -7.91
N PHE C 349 -19.79 26.37 -8.16
CA PHE C 349 -19.28 27.64 -7.67
C PHE C 349 -20.27 28.34 -6.75
N GLN C 350 -21.09 27.54 -6.06
CA GLN C 350 -21.97 28.03 -4.99
C GLN C 350 -22.82 29.23 -5.41
N GLY C 351 -23.38 29.19 -6.62
CA GLY C 351 -24.33 30.20 -7.05
C GLY C 351 -23.78 31.39 -7.81
N HIS C 352 -22.46 31.47 -7.91
CA HIS C 352 -21.82 32.64 -8.53
C HIS C 352 -21.56 32.44 -10.02
N GLY C 353 -22.32 31.55 -10.64
CA GLY C 353 -22.22 31.29 -12.06
C GLY C 353 -22.34 32.53 -12.92
N LYS C 354 -23.37 33.34 -12.67
CA LYS C 354 -23.63 34.51 -13.51
C LYS C 354 -22.49 35.52 -13.50
N GLU C 355 -22.01 35.88 -12.30
CA GLU C 355 -20.92 36.87 -12.21
C GLU C 355 -19.64 36.31 -12.83
N LEU C 356 -19.39 35.02 -12.59
CA LEU C 356 -18.19 34.36 -13.12
C LEU C 356 -18.13 34.37 -14.64
N LYS C 357 -19.26 34.16 -15.32
CA LYS C 357 -19.24 34.21 -16.79
C LYS C 357 -18.95 35.63 -17.29
N THR C 358 -19.48 36.63 -16.57
CA THR C 358 -19.29 38.02 -16.96
C THR C 358 -17.81 38.40 -16.81
N VAL C 359 -17.22 38.01 -15.68
CA VAL C 359 -15.83 38.38 -15.43
C VAL C 359 -14.91 37.56 -16.32
N PHE C 360 -15.32 36.33 -16.65
CA PHE C 360 -14.53 35.47 -17.53
C PHE C 360 -14.56 36.03 -18.95
N ALA C 361 -15.70 36.57 -19.36
CA ALA C 361 -15.83 37.18 -20.68
C ALA C 361 -14.91 38.39 -20.84
N GLU C 362 -14.71 39.12 -19.75
CA GLU C 362 -13.81 40.27 -19.78
C GLU C 362 -12.36 39.83 -19.89
N ALA C 363 -12.00 38.79 -19.13
CA ALA C 363 -10.64 38.26 -19.12
C ALA C 363 -10.33 37.45 -20.36
N TYR C 364 -11.31 36.67 -20.80
CA TYR C 364 -11.13 35.81 -21.98
C TYR C 364 -12.28 36.00 -22.97
N PRO C 365 -12.23 37.06 -23.77
CA PRO C 365 -13.34 37.44 -24.66
C PRO C 365 -13.76 36.33 -25.64
N GLY C 366 -12.81 35.64 -26.26
CA GLY C 366 -13.16 34.69 -27.29
C GLY C 366 -13.46 33.28 -26.80
N LYS C 367 -13.44 33.08 -25.49
CA LYS C 367 -13.57 31.74 -24.95
C LYS C 367 -15.01 31.41 -24.56
N SER C 368 -15.42 30.19 -24.89
CA SER C 368 -16.67 29.66 -24.37
C SER C 368 -16.59 29.61 -22.86
N PRO C 369 -17.72 29.88 -22.18
CA PRO C 369 -17.75 29.82 -20.72
C PRO C 369 -17.53 28.42 -20.17
N VAL C 370 -17.65 27.39 -21.01
CA VAL C 370 -17.28 26.02 -20.61
C VAL C 370 -15.87 25.97 -20.00
N ASP C 371 -14.98 26.80 -20.52
CA ASP C 371 -13.58 26.77 -20.13
C ASP C 371 -13.32 27.23 -18.70
N LEU C 372 -14.35 27.78 -18.05
CA LEU C 372 -14.26 28.05 -16.62
C LEU C 372 -14.04 26.76 -15.85
N LEU C 373 -14.54 25.65 -16.39
CA LEU C 373 -14.45 24.34 -15.74
C LEU C 373 -13.04 23.73 -15.78
N THR C 374 -12.17 24.24 -16.64
CA THR C 374 -10.81 23.71 -16.72
C THR C 374 -9.75 24.77 -16.42
N LEU C 375 -10.19 25.99 -16.08
CA LEU C 375 -9.27 27.09 -15.78
C LEU C 375 -8.27 26.74 -14.69
N ASP C 376 -6.99 27.03 -14.93
CA ASP C 376 -5.97 26.72 -13.95
C ASP C 376 -5.80 27.83 -12.93
N THR C 377 -5.77 27.46 -11.66
CA THR C 377 -5.49 28.39 -10.60
C THR C 377 -4.35 27.86 -9.74
N ILE C 378 -3.88 26.66 -10.08
CA ILE C 378 -2.76 26.04 -9.36
C ILE C 378 -1.43 26.71 -9.66
N PHE C 379 -1.12 26.83 -10.95
CA PHE C 379 0.14 27.39 -11.40
C PHE C 379 0.10 28.92 -11.57
N ARG C 380 -1.06 29.44 -11.98
CA ARG C 380 -1.18 30.84 -12.35
C ARG C 380 -0.94 31.77 -11.15
N GLY C 381 -1.56 31.44 -10.02
CA GLY C 381 -1.36 32.21 -8.79
C GLY C 381 0.10 32.35 -8.39
N PRO C 382 0.75 31.22 -8.06
CA PRO C 382 2.17 31.23 -7.72
C PRO C 382 3.05 31.92 -8.77
N THR C 383 2.75 31.73 -10.05
CA THR C 383 3.56 32.33 -11.12
C THR C 383 3.44 33.86 -11.15
N LYS C 384 2.21 34.37 -10.97
CA LYS C 384 2.01 35.81 -10.90
C LYS C 384 2.78 36.41 -9.72
N GLU C 385 2.77 35.71 -8.59
CA GLU C 385 3.48 36.17 -7.41
C GLU C 385 4.99 36.16 -7.64
N PHE C 386 5.45 35.17 -8.39
CA PHE C 386 6.86 35.11 -8.77
C PHE C 386 7.23 36.33 -9.62
N VAL C 387 6.38 36.63 -10.60
CA VAL C 387 6.59 37.80 -11.45
C VAL C 387 6.60 39.09 -10.62
N ARG C 388 5.58 39.23 -9.76
CA ARG C 388 5.44 40.45 -8.98
C ARG C 388 6.66 40.63 -8.10
N SER C 389 7.06 39.56 -7.42
CA SER C 389 8.16 39.61 -6.49
C SER C 389 9.50 39.90 -7.18
N LEU C 390 9.76 39.24 -8.30
CA LEU C 390 11.03 39.45 -9.00
C LEU C 390 11.11 40.87 -9.53
N ALA C 391 10.01 41.36 -10.11
CA ALA C 391 9.94 42.73 -10.60
C ALA C 391 10.14 43.73 -9.45
N ALA C 392 9.52 43.42 -8.31
CA ALA C 392 9.68 44.23 -7.12
C ALA C 392 11.15 44.32 -6.72
N ALA C 393 11.88 43.22 -6.89
CA ALA C 393 13.29 43.18 -6.49
C ALA C 393 14.17 43.90 -7.49
N GLY C 394 13.57 44.41 -8.56
CA GLY C 394 14.31 45.15 -9.58
C GLY C 394 14.58 44.36 -10.84
N GLY C 395 14.01 43.16 -10.92
CA GLY C 395 14.31 42.26 -12.02
C GLY C 395 13.61 42.54 -13.33
N SER C 396 14.05 41.84 -14.36
CA SER C 396 13.48 41.96 -15.70
C SER C 396 12.74 40.66 -16.00
N VAL C 397 11.42 40.73 -16.12
CA VAL C 397 10.62 39.51 -16.30
C VAL C 397 9.45 39.70 -17.26
N TYR C 398 9.34 38.78 -18.21
CA TYR C 398 8.21 38.73 -19.13
C TYR C 398 7.27 37.61 -18.75
N SER C 399 5.99 37.78 -19.02
CA SER C 399 5.01 36.77 -18.63
C SER C 399 4.13 36.38 -19.80
N TYR C 400 3.86 35.09 -19.95
CA TYR C 400 2.92 34.62 -20.95
C TYR C 400 1.97 33.57 -20.38
N LEU C 401 0.89 33.34 -21.12
CA LEU C 401 -0.08 32.31 -20.79
C LEU C 401 -0.57 31.71 -22.10
N PHE C 402 -0.38 30.39 -22.22
CA PHE C 402 -0.71 29.59 -23.40
C PHE C 402 -2.14 29.08 -23.29
N ALA C 403 -3.01 29.54 -24.19
CA ALA C 403 -4.44 29.25 -24.06
C ALA C 403 -5.06 28.61 -25.30
N LEU C 404 -4.20 28.04 -26.15
CA LEU C 404 -4.61 27.37 -27.37
C LEU C 404 -5.51 26.17 -27.09
N GLU C 405 -6.59 26.02 -27.87
CA GLU C 405 -7.47 24.88 -27.76
C GLU C 405 -7.18 23.87 -28.87
N PHE C 406 -7.23 22.58 -28.53
CA PHE C 406 -6.68 21.53 -29.38
C PHE C 406 -7.75 20.67 -30.02
N PRO C 407 -7.42 20.03 -31.17
CA PRO C 407 -8.39 19.22 -31.89
C PRO C 407 -8.55 17.83 -31.28
N TYR C 408 -9.06 17.78 -30.05
CA TYR C 408 -9.03 16.56 -29.25
C TYR C 408 -10.07 16.69 -28.16
N GLN C 409 -11.00 15.75 -28.10
CA GLN C 409 -12.10 15.80 -27.14
C GLN C 409 -12.88 17.11 -27.21
N ASN C 410 -13.11 17.59 -28.43
CA ASN C 410 -13.90 18.80 -28.67
C ASN C 410 -13.28 20.06 -28.05
N GLN C 411 -12.21 20.54 -28.68
CA GLN C 411 -11.48 21.74 -28.28
C GLN C 411 -11.01 21.70 -26.83
N LYS C 412 -10.28 20.64 -26.46
CA LYS C 412 -9.71 20.56 -25.13
C LYS C 412 -8.80 21.77 -24.87
N THR C 413 -8.90 22.33 -23.68
CA THR C 413 -8.04 23.45 -23.32
C THR C 413 -6.59 22.97 -23.14
N ALA C 414 -5.65 23.90 -23.35
CA ALA C 414 -4.22 23.63 -23.18
C ALA C 414 -3.92 22.95 -21.85
N TRP C 415 -3.28 21.80 -21.92
CA TRP C 415 -2.93 21.03 -20.73
C TRP C 415 -1.45 21.19 -20.36
N HIS C 416 -1.10 20.74 -19.16
CA HIS C 416 0.28 20.72 -18.68
C HIS C 416 1.21 20.05 -19.69
N CYS C 417 2.28 20.75 -20.05
CA CYS C 417 3.32 20.39 -21.05
C CYS C 417 2.91 20.67 -22.51
N SER C 418 1.66 21.03 -22.77
CA SER C 418 1.21 21.19 -24.16
C SER C 418 1.91 22.34 -24.91
N ASP C 419 2.60 23.22 -24.18
CA ASP C 419 3.34 24.30 -24.83
C ASP C 419 4.78 23.90 -25.19
N ILE C 420 5.27 22.82 -24.59
CA ILE C 420 6.63 22.36 -24.86
C ILE C 420 6.92 22.13 -26.37
N PRO C 421 5.98 21.49 -27.11
CA PRO C 421 6.22 21.33 -28.55
C PRO C 421 6.31 22.63 -29.33
N PHE C 422 5.61 23.67 -28.89
CA PHE C 422 5.66 24.96 -29.56
C PHE C 422 6.96 25.69 -29.28
N ILE C 423 7.40 25.68 -28.03
CA ILE C 423 8.66 26.32 -27.66
C ILE C 423 9.84 25.68 -28.40
N PHE C 424 9.80 24.35 -28.52
CA PHE C 424 10.86 23.57 -29.16
C PHE C 424 10.74 23.48 -30.68
N HIS C 425 9.75 24.19 -31.26
CA HIS C 425 9.49 24.10 -32.69
C HIS C 425 9.29 22.63 -33.09
N ASN C 426 8.64 21.86 -32.21
CA ASN C 426 8.47 20.42 -32.41
C ASN C 426 7.02 19.94 -32.51
N THR C 427 6.12 20.74 -33.07
CA THR C 427 4.73 20.31 -33.19
C THR C 427 4.63 19.11 -34.12
N GLU C 428 5.61 18.98 -35.01
CA GLU C 428 5.63 17.85 -35.92
C GLU C 428 5.88 16.52 -35.19
N LEU C 429 6.39 16.58 -33.96
CA LEU C 429 6.64 15.38 -33.16
C LEU C 429 5.53 15.11 -32.14
N VAL C 430 4.55 16.00 -32.07
CA VAL C 430 3.41 15.79 -31.18
C VAL C 430 2.09 15.95 -31.97
N PRO C 431 1.60 14.84 -32.54
CA PRO C 431 0.45 14.79 -33.44
C PRO C 431 -0.72 15.70 -33.01
N VAL C 432 -1.15 15.58 -31.75
CA VAL C 432 -2.33 16.32 -31.29
C VAL C 432 -2.23 17.85 -31.40
N THR C 433 -1.03 18.40 -31.61
CA THR C 433 -0.86 19.86 -31.64
C THR C 433 -1.01 20.44 -33.03
N ASN C 434 -1.23 19.58 -34.02
CA ASN C 434 -1.28 20.01 -35.40
C ASN C 434 -2.69 20.44 -35.80
N ILE C 435 -2.84 21.74 -36.03
CA ILE C 435 -4.11 22.37 -36.36
C ILE C 435 -3.94 23.18 -37.65
N PRO C 436 -4.67 22.80 -38.71
CA PRO C 436 -4.59 23.48 -40.00
C PRO C 436 -4.71 25.01 -39.89
N GLU C 437 -3.77 25.71 -40.51
CA GLU C 437 -3.75 27.18 -40.56
C GLU C 437 -3.76 27.85 -39.18
N ILE C 438 -3.37 27.11 -38.15
CA ILE C 438 -3.37 27.65 -36.80
C ILE C 438 -2.08 27.33 -36.04
N SER C 439 -1.70 26.06 -36.04
CA SER C 439 -0.63 25.61 -35.18
C SER C 439 0.74 26.07 -35.67
N ASP C 440 0.96 26.06 -36.98
CA ASP C 440 2.21 26.54 -37.57
C ASP C 440 2.45 28.00 -37.20
N LYS C 441 1.44 28.83 -37.45
CA LYS C 441 1.50 30.26 -37.14
C LYS C 441 1.89 30.52 -35.69
N LEU C 442 1.20 29.86 -34.76
CA LEU C 442 1.45 30.08 -33.34
C LEU C 442 2.81 29.52 -32.89
N GLU C 443 3.21 28.39 -33.47
CA GLU C 443 4.52 27.80 -33.19
C GLU C 443 5.64 28.79 -33.49
N LYS C 444 5.54 29.44 -34.64
CA LYS C 444 6.53 30.40 -35.08
C LYS C 444 6.54 31.63 -34.18
N GLN C 445 5.34 32.06 -33.78
CA GLN C 445 5.19 33.23 -32.92
C GLN C 445 5.91 33.03 -31.59
N MET C 446 5.65 31.89 -30.96
CA MET C 446 6.27 31.56 -29.69
C MET C 446 7.76 31.30 -29.85
N PHE C 447 8.12 30.46 -30.83
CA PHE C 447 9.52 30.12 -31.04
C PHE C 447 10.38 31.36 -31.27
N ASP C 448 9.93 32.21 -32.18
CA ASP C 448 10.72 33.41 -32.52
C ASP C 448 10.81 34.39 -31.35
N ALA C 449 9.82 34.36 -30.46
CA ALA C 449 9.86 35.20 -29.26
C ALA C 449 10.98 34.73 -28.33
N VAL C 450 11.11 33.41 -28.23
CA VAL C 450 12.18 32.83 -27.41
C VAL C 450 13.55 33.17 -28.01
N ILE C 451 13.68 32.99 -29.31
CA ILE C 451 14.94 33.24 -29.99
C ILE C 451 15.33 34.72 -29.88
N HIS C 452 14.38 35.62 -30.10
CA HIS C 452 14.64 37.05 -29.92
C HIS C 452 15.05 37.33 -28.48
N PHE C 453 14.40 36.65 -27.55
CA PHE C 453 14.68 36.80 -26.13
C PHE C 453 16.13 36.43 -25.78
N VAL C 454 16.64 35.34 -26.35
CA VAL C 454 17.99 34.89 -26.02
C VAL C 454 19.06 35.59 -26.87
N GLU C 455 18.66 36.21 -27.97
CA GLU C 455 19.59 36.94 -28.81
C GLU C 455 19.79 38.39 -28.35
N THR C 456 18.76 39.00 -27.79
CA THR C 456 18.78 40.43 -27.49
C THR C 456 18.15 40.80 -26.14
N GLY C 457 17.63 39.81 -25.41
CA GLY C 457 16.99 40.08 -24.14
C GLY C 457 15.55 40.55 -24.30
N ASP C 458 15.13 40.74 -25.54
CA ASP C 458 13.82 41.30 -25.83
C ASP C 458 13.05 40.41 -26.81
N PRO C 459 11.97 39.76 -26.32
CA PRO C 459 11.22 38.77 -27.10
C PRO C 459 10.39 39.37 -28.22
N ASN C 460 10.31 40.69 -28.30
CA ASN C 460 9.42 41.34 -29.27
C ASN C 460 9.88 41.15 -30.70
N HIS C 461 8.92 40.88 -31.58
CA HIS C 461 9.17 40.80 -33.00
C HIS C 461 7.90 41.13 -33.75
N LEU C 462 7.98 41.15 -35.07
CA LEU C 462 6.92 41.64 -35.92
C LEU C 462 5.67 40.77 -35.87
N GLY C 463 5.84 39.52 -35.46
CA GLY C 463 4.74 38.55 -35.50
C GLY C 463 3.81 38.55 -34.31
N ILE C 464 4.14 39.30 -33.27
CA ILE C 464 3.35 39.30 -32.04
C ILE C 464 3.07 40.73 -31.54
N PRO C 465 2.08 40.89 -30.65
CA PRO C 465 1.78 42.23 -30.11
C PRO C 465 2.90 42.77 -29.23
N GLN C 466 2.92 44.09 -29.02
CA GLN C 466 3.97 44.69 -28.21
C GLN C 466 3.91 44.10 -26.81
N TRP C 467 5.05 43.64 -26.32
CA TRP C 467 5.10 42.86 -25.10
C TRP C 467 6.08 43.49 -24.12
N PRO C 468 5.57 44.28 -23.17
CA PRO C 468 6.43 44.96 -22.19
C PRO C 468 6.77 44.08 -20.98
N VAL C 469 7.87 44.40 -20.30
CA VAL C 469 8.20 43.76 -19.04
C VAL C 469 7.11 44.02 -18.02
N SER C 470 6.91 43.07 -17.11
CA SER C 470 5.95 43.26 -16.04
C SER C 470 6.58 44.05 -14.88
N THR C 471 5.77 44.89 -14.25
CA THR C 471 6.22 45.65 -13.10
C THR C 471 5.50 45.11 -11.87
N GLU C 472 5.91 45.56 -10.69
CA GLU C 472 5.35 45.05 -9.45
C GLU C 472 3.84 45.31 -9.34
N ASP C 473 3.39 46.40 -9.95
CA ASP C 473 1.99 46.80 -9.80
C ASP C 473 1.17 46.41 -11.02
N ARG C 474 1.86 45.97 -12.07
CA ARG C 474 1.20 45.71 -13.33
C ARG C 474 1.85 44.60 -14.13
N GLU C 475 1.26 43.40 -14.09
CA GLU C 475 1.77 42.32 -14.95
C GLU C 475 1.26 42.47 -16.38
N ALA C 476 2.16 42.32 -17.33
CA ALA C 476 1.76 42.26 -18.74
C ALA C 476 1.82 40.80 -19.23
N THR C 477 0.67 40.20 -19.48
CA THR C 477 0.63 38.82 -19.93
C THR C 477 0.39 38.69 -21.44
N MET C 478 1.36 38.09 -22.12
CA MET C 478 1.19 37.67 -23.50
C MET C 478 0.31 36.42 -23.59
N ILE C 479 -0.91 36.60 -24.09
CA ILE C 479 -1.81 35.47 -24.27
C ILE C 479 -1.54 34.81 -25.61
N PHE C 480 -0.89 33.65 -25.57
CA PHE C 480 -0.54 32.91 -26.77
C PHE C 480 -1.72 32.06 -27.24
N ASP C 481 -2.21 32.34 -28.44
CA ASP C 481 -3.45 31.72 -28.91
C ASP C 481 -3.61 31.94 -30.41
N ARG C 482 -4.73 31.46 -30.96
CA ARG C 482 -5.10 31.70 -32.35
C ARG C 482 -4.97 33.18 -32.73
N VAL C 483 -5.38 34.02 -31.79
CA VAL C 483 -5.09 35.45 -31.87
C VAL C 483 -4.34 35.86 -30.61
N CYS C 484 -3.08 36.22 -30.77
CA CYS C 484 -2.27 36.62 -29.62
C CYS C 484 -2.66 38.03 -29.18
N THR C 485 -2.79 38.22 -27.87
CA THR C 485 -2.99 39.55 -27.30
C THR C 485 -2.15 39.72 -26.06
N VAL C 486 -1.82 40.98 -25.74
CA VAL C 486 -1.16 41.30 -24.48
C VAL C 486 -2.15 41.99 -23.54
N ARG C 487 -2.32 41.48 -22.33
CA ARG C 487 -3.28 42.01 -21.37
C ARG C 487 -2.62 42.32 -20.02
N PHE C 488 -3.25 43.21 -19.26
CA PHE C 488 -2.63 43.78 -18.06
C PHE C 488 -3.48 43.51 -16.82
N ASN C 489 -2.84 42.98 -15.77
CA ASN C 489 -3.53 42.52 -14.56
C ASN C 489 -4.85 41.80 -14.88
N PHE C 490 -4.88 41.04 -15.98
CA PHE C 490 -6.13 40.75 -16.65
C PHE C 490 -7.06 39.73 -15.96
N ASP C 491 -6.51 38.87 -15.12
CA ASP C 491 -7.31 37.86 -14.43
C ASP C 491 -7.26 38.02 -12.93
N ASP C 492 -6.88 39.21 -12.48
CA ASP C 492 -6.83 39.50 -11.06
C ASP C 492 -8.17 39.20 -10.39
N TYR C 493 -9.24 39.84 -10.87
CA TYR C 493 -10.54 39.62 -10.25
C TYR C 493 -11.14 38.25 -10.61
N LEU C 494 -10.84 37.76 -11.81
CA LEU C 494 -11.30 36.41 -12.18
C LEU C 494 -10.83 35.38 -11.16
N LEU C 495 -9.53 35.37 -10.89
CA LEU C 495 -8.96 34.40 -9.96
C LEU C 495 -9.48 34.64 -8.56
N GLU C 496 -9.76 35.91 -8.24
CA GLU C 496 -10.27 36.29 -6.93
C GLU C 496 -11.66 35.74 -6.73
N LEU C 497 -12.55 36.01 -7.68
CA LEU C 497 -13.93 35.55 -7.62
C LEU C 497 -14.00 34.02 -7.67
N TYR C 498 -13.10 33.42 -8.43
CA TYR C 498 -13.05 31.97 -8.55
C TYR C 498 -12.75 31.30 -7.20
N LYS C 499 -11.76 31.81 -6.48
CA LYS C 499 -11.36 31.18 -5.23
C LYS C 499 -12.39 31.36 -4.13
N LYS C 500 -13.08 32.50 -4.13
CA LYS C 500 -14.11 32.77 -3.13
C LYS C 500 -15.35 31.92 -3.38
N ALA C 501 -15.61 31.62 -4.64
CA ALA C 501 -16.85 30.94 -5.02
C ALA C 501 -16.74 29.41 -4.94
N LEU C 502 -15.52 28.90 -5.04
CA LEU C 502 -15.27 27.46 -5.01
C LEU C 502 -15.07 26.96 -3.57
N ALA D 2 1.45 21.76 -39.70
CA ALA D 2 1.40 21.54 -41.13
C ALA D 2 1.07 20.09 -41.48
N LYS D 3 1.14 19.21 -40.49
CA LYS D 3 0.86 17.77 -40.71
C LYS D 3 -0.57 17.39 -40.31
N GLN D 4 -1.17 16.48 -41.06
CA GLN D 4 -2.57 16.10 -40.85
C GLN D 4 -2.77 15.29 -39.57
N PHE D 5 -3.67 15.77 -38.71
CA PHE D 5 -4.07 15.03 -37.51
C PHE D 5 -5.58 15.05 -37.33
N LEU D 6 -6.14 13.90 -36.96
CA LEU D 6 -7.55 13.80 -36.59
C LEU D 6 -7.79 12.83 -35.45
N TYR D 7 -8.74 13.18 -34.59
CA TYR D 7 -9.16 12.33 -33.48
C TYR D 7 -10.68 12.25 -33.37
N ASP D 8 -11.33 13.40 -33.20
CA ASP D 8 -12.78 13.45 -32.99
C ASP D 8 -13.55 12.98 -34.21
N ASN D 9 -14.58 12.17 -33.97
CA ASN D 9 -15.46 11.65 -35.02
C ASN D 9 -14.81 10.60 -35.92
N LEU D 10 -13.59 10.18 -35.61
CA LEU D 10 -13.02 9.03 -36.32
C LEU D 10 -13.89 7.80 -36.04
N PRO D 11 -13.95 6.87 -37.00
CA PRO D 11 -14.66 5.59 -36.84
C PRO D 11 -14.28 4.84 -35.55
N VAL D 12 -15.28 4.37 -34.83
CA VAL D 12 -15.06 3.45 -33.72
C VAL D 12 -14.97 2.03 -34.29
N VAL D 13 -14.05 1.23 -33.78
CA VAL D 13 -13.89 -0.15 -34.24
C VAL D 13 -14.29 -1.10 -33.12
N GLU D 14 -15.03 -2.14 -33.46
CA GLU D 14 -15.49 -3.06 -32.44
C GLU D 14 -14.83 -4.43 -32.54
N THR D 15 -14.42 -4.95 -31.38
CA THR D 15 -13.85 -6.27 -31.29
C THR D 15 -14.75 -7.10 -30.40
N LYS D 16 -14.43 -8.38 -30.28
CA LYS D 16 -15.19 -9.27 -29.40
C LYS D 16 -15.26 -8.68 -27.99
N ALA D 17 -14.13 -8.17 -27.53
CA ALA D 17 -14.03 -7.65 -26.18
C ALA D 17 -14.75 -6.31 -25.99
N GLY D 18 -14.66 -5.44 -27.00
CA GLY D 18 -15.20 -4.10 -26.84
C GLY D 18 -14.78 -3.09 -27.90
N LYS D 19 -15.14 -1.82 -27.67
CA LYS D 19 -14.94 -0.79 -28.67
C LYS D 19 -13.67 0.01 -28.43
N LEU D 20 -12.97 0.32 -29.51
CA LEU D 20 -11.70 1.02 -29.48
C LEU D 20 -11.77 2.28 -30.31
N ARG D 21 -10.89 3.22 -30.00
CA ARG D 21 -10.76 4.48 -30.71
C ARG D 21 -9.28 4.77 -30.91
N GLY D 22 -8.87 5.12 -32.12
CA GLY D 22 -7.47 5.43 -32.39
C GLY D 22 -7.30 6.87 -32.84
N TYR D 23 -6.27 7.12 -33.64
CA TYR D 23 -6.11 8.45 -34.21
C TYR D 23 -5.63 8.38 -35.66
N GLN D 24 -5.57 9.54 -36.31
CA GLN D 24 -5.09 9.61 -37.69
C GLN D 24 -3.96 10.61 -37.82
N TRP D 25 -2.89 10.18 -38.48
CA TRP D 25 -1.67 10.98 -38.59
C TRP D 25 -1.11 10.87 -39.99
N GLU D 26 -1.04 12.00 -40.70
CA GLU D 26 -0.60 12.03 -42.09
C GLU D 26 -1.34 10.99 -42.92
N GLY D 27 -2.65 10.89 -42.72
CA GLY D 27 -3.49 10.02 -43.51
C GLY D 27 -3.60 8.61 -42.97
N THR D 28 -2.68 8.23 -42.08
CA THR D 28 -2.62 6.88 -41.55
C THR D 28 -3.43 6.72 -40.27
N TYR D 29 -4.28 5.70 -40.23
CA TYR D 29 -5.00 5.37 -38.99
C TYR D 29 -4.07 4.55 -38.10
N ILE D 30 -4.02 4.93 -36.82
CA ILE D 30 -3.06 4.35 -35.89
C ILE D 30 -3.74 3.88 -34.61
N PHE D 31 -3.44 2.65 -34.20
CA PHE D 31 -3.90 2.12 -32.93
C PHE D 31 -2.72 1.55 -32.18
N LYS D 32 -2.60 1.90 -30.91
CA LYS D 32 -1.47 1.45 -30.11
C LYS D 32 -1.93 0.77 -28.82
N GLY D 33 -1.22 -0.27 -28.42
CA GLY D 33 -1.46 -0.90 -27.14
C GLY D 33 -2.77 -1.66 -27.03
N ILE D 34 -3.24 -2.22 -28.13
CA ILE D 34 -4.42 -3.09 -28.11
C ILE D 34 -4.04 -4.40 -27.45
N ARG D 35 -4.63 -4.69 -26.31
CA ARG D 35 -4.31 -5.91 -25.58
C ARG D 35 -5.01 -7.08 -26.25
N TYR D 36 -4.23 -8.04 -26.75
CA TYR D 36 -4.80 -9.18 -27.49
C TYR D 36 -5.02 -10.40 -26.62
N ALA D 37 -4.38 -10.45 -25.46
CA ALA D 37 -4.54 -11.59 -24.56
C ALA D 37 -4.05 -11.22 -23.18
N ARG D 38 -4.38 -12.06 -22.21
CA ARG D 38 -3.79 -11.95 -20.89
C ARG D 38 -3.30 -13.32 -20.48
N ALA D 39 -2.25 -13.34 -19.66
CA ALA D 39 -1.67 -14.60 -19.24
C ALA D 39 -1.11 -14.52 -17.82
N ASN D 40 -1.44 -15.52 -17.00
CA ASN D 40 -0.79 -15.71 -15.72
C ASN D 40 0.59 -16.33 -15.94
N ARG D 41 1.48 -16.20 -14.97
CA ARG D 41 2.85 -16.61 -15.17
C ARG D 41 2.97 -18.12 -15.39
N PHE D 42 3.69 -18.48 -16.46
CA PHE D 42 3.95 -19.88 -16.84
C PHE D 42 2.70 -20.59 -17.32
N GLN D 43 1.68 -19.83 -17.72
CA GLN D 43 0.45 -20.42 -18.19
C GLN D 43 0.04 -19.87 -19.56
N LEU D 44 -0.78 -20.64 -20.28
CA LEU D 44 -1.18 -20.28 -21.62
C LEU D 44 -2.05 -19.04 -21.59
N PRO D 45 -2.00 -18.22 -22.65
CA PRO D 45 -2.78 -16.99 -22.71
C PRO D 45 -4.27 -17.27 -22.86
N GLU D 46 -5.09 -16.42 -22.27
CA GLU D 46 -6.54 -16.50 -22.45
C GLU D 46 -7.03 -15.15 -22.96
N GLU D 47 -8.25 -15.13 -23.51
CA GLU D 47 -8.81 -13.90 -24.05
C GLU D 47 -8.99 -12.81 -22.98
N VAL D 48 -8.95 -11.55 -23.42
CA VAL D 48 -9.07 -10.41 -22.51
C VAL D 48 -10.50 -10.20 -22.02
N GLU D 49 -10.62 -9.58 -20.84
CA GLU D 49 -11.94 -9.27 -20.28
C GLU D 49 -12.67 -8.21 -21.11
N PRO D 50 -13.97 -8.45 -21.36
CA PRO D 50 -14.79 -7.50 -22.13
C PRO D 50 -14.98 -6.17 -21.39
N TRP D 51 -15.18 -5.10 -22.13
CA TRP D 51 -15.46 -3.80 -21.50
C TRP D 51 -16.60 -3.09 -22.20
N GLU D 52 -17.19 -2.12 -21.51
CA GLU D 52 -18.24 -1.29 -22.09
C GLU D 52 -17.65 0.07 -22.45
N GLY D 53 -18.29 0.77 -23.38
CA GLY D 53 -17.81 2.09 -23.76
C GLY D 53 -16.65 1.99 -24.71
N VAL D 54 -16.08 3.13 -25.09
CA VAL D 54 -15.05 3.15 -26.10
C VAL D 54 -13.70 3.48 -25.47
N LYS D 55 -12.75 2.55 -25.60
CA LYS D 55 -11.42 2.72 -25.03
C LYS D 55 -10.49 3.39 -26.04
N GLU D 56 -9.71 4.37 -25.58
CA GLU D 56 -8.71 4.98 -26.47
C GLU D 56 -7.51 4.05 -26.54
N ALA D 57 -7.06 3.76 -27.75
CA ALA D 57 -5.89 2.91 -27.96
C ALA D 57 -4.84 3.69 -28.73
N ALA D 58 -4.09 4.54 -28.03
CA ALA D 58 -3.20 5.48 -28.70
C ALA D 58 -1.91 5.65 -27.93
N SER D 59 -1.70 4.74 -26.98
CA SER D 59 -0.48 4.68 -26.18
C SER D 59 0.11 3.27 -26.27
N TYR D 60 1.41 3.19 -26.57
CA TYR D 60 2.11 1.92 -26.52
C TYR D 60 1.96 1.25 -25.17
N GLY D 61 1.70 -0.06 -25.17
CA GLY D 61 1.52 -0.82 -23.95
C GLY D 61 2.84 -1.20 -23.29
N PHE D 62 2.73 -1.74 -22.07
CA PHE D 62 3.88 -2.32 -21.38
C PHE D 62 4.61 -3.34 -22.25
N VAL D 63 5.93 -3.35 -22.16
CA VAL D 63 6.72 -4.34 -22.87
C VAL D 63 7.08 -5.43 -21.87
N CYS D 64 7.68 -6.51 -22.34
CA CYS D 64 7.94 -7.64 -21.46
C CYS D 64 9.15 -7.37 -20.57
N PRO D 65 9.07 -7.77 -19.28
CA PRO D 65 10.20 -7.69 -18.36
C PRO D 65 11.39 -8.53 -18.86
N MET D 66 12.61 -8.06 -18.64
CA MET D 66 13.79 -8.74 -19.18
C MET D 66 14.80 -9.11 -18.09
N LEU D 67 15.65 -10.09 -18.39
CA LEU D 67 16.60 -10.63 -17.41
C LEU D 67 17.79 -9.73 -17.18
N THR D 68 18.15 -8.95 -18.19
CA THR D 68 19.34 -8.09 -18.16
C THR D 68 18.97 -6.70 -18.60
N ARG D 69 19.88 -5.76 -18.40
CA ARG D 69 19.65 -4.38 -18.81
C ARG D 69 20.36 -4.09 -20.14
N ASP D 70 19.72 -3.30 -20.99
CA ASP D 70 20.34 -2.88 -22.24
C ASP D 70 21.43 -1.84 -21.98
N HIS D 71 22.51 -1.91 -22.74
CA HIS D 71 23.55 -0.89 -22.66
C HIS D 71 23.82 -0.37 -24.06
N PRO D 72 22.94 0.50 -24.56
CA PRO D 72 23.04 1.00 -25.93
C PRO D 72 24.28 1.87 -26.16
N GLN D 73 25.22 1.39 -26.96
CA GLN D 73 26.43 2.17 -27.26
C GLN D 73 26.71 2.22 -28.75
N GLY D 74 25.78 1.70 -29.53
CA GLY D 74 25.89 1.72 -30.98
C GLY D 74 24.60 2.17 -31.65
N GLU D 75 24.05 3.29 -31.18
CA GLU D 75 22.76 3.77 -31.66
C GLU D 75 22.76 4.26 -33.11
N LEU D 76 23.94 4.51 -33.67
CA LEU D 76 24.02 4.82 -35.10
C LEU D 76 23.73 3.56 -35.92
N LEU D 77 24.21 2.41 -35.46
CA LEU D 77 24.01 1.16 -36.17
C LEU D 77 22.55 0.73 -36.10
N VAL D 78 21.98 0.79 -34.90
CA VAL D 78 20.61 0.37 -34.66
C VAL D 78 19.98 1.30 -33.63
N PRO D 79 19.15 2.26 -34.09
CA PRO D 79 18.47 3.19 -33.18
C PRO D 79 17.36 2.51 -32.39
N HIS D 80 17.47 2.50 -31.06
CA HIS D 80 16.50 1.84 -30.20
C HIS D 80 15.53 2.73 -29.46
N ARG D 81 14.46 2.11 -28.97
CA ARG D 81 13.52 2.73 -28.05
C ARG D 81 13.24 1.76 -26.90
N TYR D 82 13.03 2.29 -25.71
CA TYR D 82 12.69 1.47 -24.56
C TYR D 82 11.44 1.99 -23.86
N TRP D 83 10.92 1.20 -22.92
CA TRP D 83 9.55 1.39 -22.44
C TRP D 83 9.36 0.64 -21.12
N PRO D 84 8.47 1.14 -20.25
CA PRO D 84 8.16 0.47 -18.98
C PRO D 84 7.73 -0.99 -19.16
N GLN D 85 8.20 -1.85 -18.25
CA GLN D 85 7.99 -3.28 -18.35
C GLN D 85 6.93 -3.81 -17.38
N ASP D 86 6.10 -4.75 -17.84
CA ASP D 86 5.12 -5.42 -16.98
C ASP D 86 4.71 -6.75 -17.61
N GLU D 87 4.29 -7.71 -16.79
CA GLU D 87 3.92 -9.02 -17.31
C GLU D 87 2.60 -8.97 -18.06
N ASP D 88 1.85 -7.88 -17.88
CA ASP D 88 0.70 -7.60 -18.73
C ASP D 88 1.19 -6.88 -19.98
N CYS D 89 1.78 -7.63 -20.91
CA CYS D 89 2.47 -7.03 -22.05
C CYS D 89 1.99 -7.55 -23.39
N LEU D 90 0.92 -8.33 -23.40
CA LEU D 90 0.45 -8.95 -24.62
C LEU D 90 -0.43 -7.99 -25.42
N SER D 91 0.21 -6.97 -26.01
CA SER D 91 -0.46 -5.98 -26.83
C SER D 91 0.14 -5.90 -28.23
N LEU D 92 -0.61 -5.29 -29.14
CA LEU D 92 -0.15 -5.09 -30.51
C LEU D 92 -0.51 -3.70 -30.98
N ASN D 93 0.18 -3.24 -32.03
CA ASN D 93 -0.01 -1.92 -32.59
C ASN D 93 -0.35 -2.05 -34.06
N ILE D 94 -1.18 -1.14 -34.56
CA ILE D 94 -1.68 -1.22 -35.94
C ILE D 94 -1.56 0.10 -36.72
N TRP D 95 -1.04 0.03 -37.93
CA TRP D 95 -1.08 1.15 -38.88
C TRP D 95 -1.85 0.71 -40.12
N SER D 96 -2.74 1.57 -40.60
CA SER D 96 -3.57 1.23 -41.74
C SER D 96 -3.93 2.49 -42.53
N GLN D 97 -4.14 2.32 -43.84
CA GLN D 97 -4.54 3.44 -44.69
C GLN D 97 -6.05 3.57 -44.76
N SER D 98 -6.77 2.64 -44.15
CA SER D 98 -8.23 2.61 -44.25
C SER D 98 -8.88 1.72 -43.22
N LEU D 99 -10.01 2.19 -42.67
CA LEU D 99 -10.79 1.37 -41.76
C LEU D 99 -12.02 0.80 -42.46
N ASP D 100 -12.03 0.86 -43.78
CA ASP D 100 -13.10 0.23 -44.55
C ASP D 100 -12.93 -1.29 -44.58
N ARG D 101 -13.96 -2.01 -44.16
CA ARG D 101 -13.88 -3.48 -44.02
C ARG D 101 -13.72 -4.20 -45.35
N SER D 102 -13.92 -3.49 -46.45
CA SER D 102 -13.81 -4.06 -47.79
C SER D 102 -12.46 -3.81 -48.42
N ALA D 103 -11.62 -3.03 -47.75
CA ALA D 103 -10.29 -2.70 -48.26
C ALA D 103 -9.43 -3.95 -48.46
N LYS D 104 -9.51 -4.88 -47.52
CA LYS D 104 -8.87 -6.19 -47.61
C LYS D 104 -7.39 -6.13 -48.04
N LYS D 105 -6.63 -5.23 -47.44
CA LYS D 105 -5.23 -5.10 -47.79
C LYS D 105 -4.40 -6.16 -47.07
N PRO D 106 -3.24 -6.51 -47.62
CA PRO D 106 -2.34 -7.50 -46.97
C PRO D 106 -1.99 -7.06 -45.56
N VAL D 107 -1.82 -8.02 -44.66
CA VAL D 107 -1.42 -7.71 -43.29
C VAL D 107 0.04 -8.10 -43.10
N MET D 108 0.82 -7.18 -42.55
CA MET D 108 2.21 -7.44 -42.24
C MET D 108 2.35 -7.59 -40.73
N PHE D 109 2.63 -8.81 -40.29
CA PHE D 109 2.67 -9.15 -38.86
C PHE D 109 4.12 -9.26 -38.40
N TRP D 110 4.64 -8.20 -37.79
CA TRP D 110 6.07 -8.13 -37.44
C TRP D 110 6.41 -8.69 -36.07
N ILE D 111 7.34 -9.65 -36.05
CA ILE D 111 7.81 -10.25 -34.81
C ILE D 111 9.26 -9.85 -34.58
N HIS D 112 9.51 -9.09 -33.50
CA HIS D 112 10.83 -8.53 -33.22
C HIS D 112 11.88 -9.56 -32.81
N GLY D 113 13.15 -9.21 -32.95
CA GLY D 113 14.24 -10.07 -32.52
C GLY D 113 14.83 -9.65 -31.18
N GLY D 114 16.01 -10.18 -30.88
CA GLY D 114 16.64 -10.00 -29.58
C GLY D 114 16.72 -11.35 -28.89
N ALA D 115 17.28 -12.34 -29.60
CA ALA D 115 17.11 -13.74 -29.24
C ALA D 115 15.64 -14.00 -28.94
N PHE D 116 15.36 -14.72 -27.87
CA PHE D 116 13.98 -14.93 -27.45
C PHE D 116 13.77 -14.30 -26.08
N SER D 117 14.62 -13.34 -25.75
CA SER D 117 14.73 -12.83 -24.37
C SER D 117 14.56 -11.33 -24.20
N MET D 118 14.84 -10.55 -25.24
CA MET D 118 14.77 -9.08 -25.15
C MET D 118 14.05 -8.50 -26.36
N GLY D 119 13.77 -7.21 -26.31
CA GLY D 119 13.14 -6.52 -27.42
C GLY D 119 11.65 -6.33 -27.23
N SER D 120 11.00 -5.76 -28.24
CA SER D 120 9.59 -5.41 -28.17
C SER D 120 9.11 -4.94 -29.54
N SER D 121 7.81 -4.70 -29.66
CA SER D 121 7.22 -4.18 -30.90
C SER D 121 7.75 -2.79 -31.27
N ILE D 122 8.36 -2.11 -30.32
CA ILE D 122 8.87 -0.75 -30.56
C ILE D 122 10.36 -0.59 -30.30
N GLU D 123 11.06 -1.69 -30.03
CA GLU D 123 12.43 -1.64 -29.53
C GLU D 123 13.43 -1.01 -30.52
N GLN D 124 13.12 -1.08 -31.81
CA GLN D 124 13.88 -0.30 -32.78
C GLN D 124 12.99 0.81 -33.34
N LYS D 125 13.57 1.98 -33.60
CA LYS D 125 12.83 3.07 -34.23
C LYS D 125 12.27 2.62 -35.58
N ALA D 126 13.02 1.76 -36.28
CA ALA D 126 12.63 1.30 -37.60
C ALA D 126 11.45 0.32 -37.59
N TYR D 127 11.01 -0.07 -36.41
CA TYR D 127 9.81 -0.91 -36.33
C TYR D 127 8.53 -0.11 -36.57
N ASN D 128 8.63 1.22 -36.64
CA ASN D 128 7.43 2.06 -36.80
C ASN D 128 6.73 1.81 -38.14
N GLY D 129 5.42 1.57 -38.10
CA GLY D 129 4.70 1.07 -39.25
C GLY D 129 4.10 2.07 -40.25
N GLU D 130 4.24 3.37 -39.98
CA GLU D 130 3.65 4.41 -40.83
C GLU D 130 4.07 4.32 -42.29
N ASN D 131 5.38 4.32 -42.53
CA ASN D 131 5.88 4.36 -43.89
C ASN D 131 5.50 3.10 -44.68
N MET D 132 5.61 1.94 -44.06
CA MET D 132 5.28 0.69 -44.73
C MET D 132 3.79 0.65 -45.07
N SER D 133 2.97 1.10 -44.13
CA SER D 133 1.53 1.14 -44.37
C SER D 133 1.22 2.11 -45.51
N ARG D 134 1.88 3.26 -45.53
CA ARG D 134 1.56 4.29 -46.51
C ARG D 134 2.09 3.98 -47.90
N TYR D 135 3.31 3.49 -48.00
CA TYR D 135 3.90 3.24 -49.32
C TYR D 135 3.48 1.90 -49.91
N GLY D 136 3.08 0.97 -49.05
CA GLY D 136 2.67 -0.35 -49.51
C GLY D 136 1.17 -0.50 -49.59
N ASP D 137 0.43 0.43 -48.96
CA ASP D 137 -0.99 0.28 -48.71
C ASP D 137 -1.27 -1.12 -48.18
N VAL D 138 -0.73 -1.38 -46.99
CA VAL D 138 -0.94 -2.63 -46.29
C VAL D 138 -1.29 -2.29 -44.86
N VAL D 139 -1.70 -3.27 -44.09
CA VAL D 139 -1.95 -3.09 -42.66
C VAL D 139 -0.79 -3.66 -41.85
N VAL D 140 -0.04 -2.78 -41.20
CA VAL D 140 1.12 -3.22 -40.44
C VAL D 140 0.74 -3.47 -38.98
N VAL D 141 1.09 -4.66 -38.49
CA VAL D 141 0.87 -5.05 -37.10
C VAL D 141 2.18 -5.44 -36.40
N THR D 142 2.56 -4.71 -35.35
CA THR D 142 3.76 -5.07 -34.60
C THR D 142 3.33 -5.52 -33.21
N VAL D 143 3.98 -6.56 -32.69
CA VAL D 143 3.45 -7.28 -31.55
C VAL D 143 4.47 -7.52 -30.43
N ASN D 144 3.99 -7.45 -29.19
CA ASN D 144 4.71 -7.92 -28.01
C ASN D 144 4.29 -9.35 -27.65
N HIS D 145 5.19 -10.09 -27.02
CA HIS D 145 4.84 -11.38 -26.39
C HIS D 145 5.81 -11.69 -25.26
N ARG D 146 5.54 -12.74 -24.49
CA ARG D 146 6.39 -13.10 -23.35
C ARG D 146 7.76 -13.59 -23.80
N LEU D 147 8.81 -13.07 -23.16
CA LEU D 147 10.19 -13.39 -23.53
C LEU D 147 10.94 -14.11 -22.41
N ASN D 148 12.18 -14.51 -22.71
CA ASN D 148 13.09 -15.19 -21.77
C ASN D 148 12.37 -16.24 -20.91
N ILE D 149 12.47 -16.17 -19.59
CA ILE D 149 11.89 -17.23 -18.76
C ILE D 149 10.38 -17.09 -18.50
N LEU D 150 9.81 -15.94 -18.86
CA LEU D 150 8.35 -15.78 -18.78
C LEU D 150 7.70 -16.47 -19.97
N GLY D 151 8.43 -16.51 -21.08
CA GLY D 151 7.90 -17.05 -22.31
C GLY D 151 8.41 -18.44 -22.65
N TYR D 152 9.56 -18.80 -22.09
CA TYR D 152 10.21 -20.03 -22.51
C TYR D 152 10.84 -20.76 -21.34
N LEU D 153 10.01 -21.33 -20.49
CA LEU D 153 10.45 -22.10 -19.35
C LEU D 153 9.52 -23.29 -19.13
N ASP D 154 10.04 -24.50 -19.27
CA ASP D 154 9.18 -25.68 -19.11
C ASP D 154 8.92 -26.02 -17.64
N LEU D 155 7.68 -25.82 -17.21
CA LEU D 155 7.26 -26.25 -15.88
C LEU D 155 6.26 -27.41 -15.94
N SER D 156 6.16 -28.07 -17.10
CA SER D 156 5.24 -29.19 -17.26
C SER D 156 5.55 -30.41 -16.37
N PRO D 157 6.82 -30.61 -15.97
CA PRO D 157 7.02 -31.66 -14.96
C PRO D 157 6.20 -31.46 -13.68
N TYR D 158 5.91 -30.22 -13.31
CA TYR D 158 5.19 -29.95 -12.08
C TYR D 158 3.71 -29.69 -12.34
N GLY D 159 2.92 -30.75 -12.49
CA GLY D 159 1.52 -30.58 -12.79
C GLY D 159 1.29 -30.24 -14.26
N GLU D 160 0.03 -30.16 -14.65
CA GLU D 160 -0.34 -29.89 -16.03
C GLU D 160 -0.75 -28.42 -16.20
N ARG D 161 -0.91 -27.75 -15.07
CA ARG D 161 -1.21 -26.32 -15.04
C ARG D 161 -0.25 -25.51 -15.91
N TYR D 162 0.95 -26.06 -16.12
CA TYR D 162 1.98 -25.39 -16.90
C TYR D 162 2.18 -26.08 -18.25
N ALA D 163 1.10 -26.61 -18.80
CA ALA D 163 1.15 -27.15 -20.14
C ALA D 163 1.45 -26.03 -21.13
N GLY D 164 2.42 -26.26 -22.00
CA GLY D 164 2.76 -25.28 -23.02
C GLY D 164 3.69 -24.19 -22.52
N SER D 165 4.02 -24.24 -21.24
CA SER D 165 4.90 -23.26 -20.61
C SER D 165 6.26 -23.15 -21.32
N ALA D 166 6.71 -24.26 -21.90
CA ALA D 166 8.00 -24.29 -22.57
C ALA D 166 8.04 -23.39 -23.81
N ASN D 167 6.89 -23.19 -24.44
CA ASN D 167 6.81 -22.33 -25.61
C ASN D 167 5.68 -21.30 -25.47
N ALA D 168 5.44 -20.85 -24.24
CA ALA D 168 4.33 -19.95 -23.95
C ALA D 168 4.39 -18.67 -24.77
N GLY D 169 5.61 -18.18 -25.00
CA GLY D 169 5.82 -17.01 -25.80
C GLY D 169 5.36 -17.23 -27.22
N GLN D 170 5.53 -18.46 -27.72
CA GLN D 170 5.04 -18.81 -29.04
C GLN D 170 3.51 -18.90 -29.04
N ALA D 171 2.95 -19.38 -27.93
CA ALA D 171 1.50 -19.48 -27.81
C ALA D 171 0.86 -18.08 -27.79
N ASP D 172 1.61 -17.12 -27.23
CA ASP D 172 1.19 -15.73 -27.25
C ASP D 172 1.03 -15.23 -28.66
N LEU D 173 2.06 -15.45 -29.49
CA LEU D 173 2.03 -15.05 -30.89
C LEU D 173 0.84 -15.66 -31.65
N VAL D 174 0.52 -16.91 -31.35
CA VAL D 174 -0.65 -17.56 -31.93
C VAL D 174 -1.92 -16.85 -31.49
N ALA D 175 -2.02 -16.56 -30.20
CA ALA D 175 -3.16 -15.79 -29.68
C ALA D 175 -3.30 -14.45 -30.40
N ALA D 176 -2.18 -13.80 -30.67
CA ALA D 176 -2.18 -12.54 -31.43
C ALA D 176 -2.66 -12.78 -32.86
N LEU D 177 -2.20 -13.87 -33.46
CA LEU D 177 -2.60 -14.19 -34.83
C LEU D 177 -4.10 -14.50 -34.89
N LYS D 178 -4.61 -15.15 -33.84
CA LYS D 178 -6.05 -15.37 -33.69
C LYS D 178 -6.80 -14.04 -33.55
N TRP D 179 -6.24 -13.13 -32.77
CA TRP D 179 -6.82 -11.79 -32.65
C TRP D 179 -6.90 -11.11 -34.02
N VAL D 180 -5.81 -11.21 -34.78
CA VAL D 180 -5.75 -10.60 -36.10
C VAL D 180 -6.82 -11.24 -37.00
N ARG D 181 -6.97 -12.55 -36.90
CA ARG D 181 -7.97 -13.25 -37.71
C ARG D 181 -9.38 -12.74 -37.41
N ASP D 182 -9.68 -12.57 -36.13
CA ASP D 182 -11.02 -12.21 -35.71
C ASP D 182 -11.31 -10.74 -36.00
N ASN D 183 -10.28 -9.89 -36.00
CA ASN D 183 -10.53 -8.44 -35.98
C ASN D 183 -9.90 -7.60 -37.09
N ILE D 184 -8.97 -8.15 -37.87
CA ILE D 184 -8.17 -7.30 -38.76
C ILE D 184 -9.00 -6.69 -39.89
N GLU D 185 -10.18 -7.24 -40.15
CA GLU D 185 -11.11 -6.64 -41.12
C GLU D 185 -11.51 -5.23 -40.70
N ALA D 186 -11.69 -5.04 -39.41
CA ALA D 186 -12.11 -3.75 -38.87
C ALA D 186 -11.03 -2.68 -39.07
N PHE D 187 -9.82 -3.11 -39.43
CA PHE D 187 -8.73 -2.19 -39.70
C PHE D 187 -8.33 -2.22 -41.17
N GLY D 188 -9.26 -2.65 -42.01
CA GLY D 188 -9.01 -2.69 -43.45
C GLY D 188 -8.03 -3.77 -43.87
N GLY D 189 -7.84 -4.77 -43.02
CA GLY D 189 -6.92 -5.86 -43.36
C GLY D 189 -7.67 -7.04 -43.94
N ASP D 190 -6.94 -7.92 -44.63
CA ASP D 190 -7.49 -9.19 -45.12
C ASP D 190 -6.96 -10.31 -44.25
N PRO D 191 -7.85 -10.97 -43.51
CA PRO D 191 -7.39 -12.06 -42.64
C PRO D 191 -6.89 -13.25 -43.45
N ASP D 192 -7.20 -13.30 -44.75
CA ASP D 192 -6.75 -14.40 -45.60
C ASP D 192 -5.44 -14.08 -46.33
N ASN D 193 -4.83 -12.95 -45.98
CA ASN D 193 -3.53 -12.63 -46.51
C ASN D 193 -2.66 -12.02 -45.43
N VAL D 194 -2.19 -12.86 -44.54
CA VAL D 194 -1.32 -12.43 -43.45
C VAL D 194 0.08 -12.95 -43.64
N THR D 195 1.05 -12.04 -43.70
CA THR D 195 2.45 -12.43 -43.81
C THR D 195 3.12 -12.23 -42.46
N ILE D 196 3.71 -13.28 -41.89
CA ILE D 196 4.50 -13.05 -40.69
C ILE D 196 5.96 -12.83 -41.07
N PHE D 197 6.57 -11.82 -40.49
CA PHE D 197 7.98 -11.57 -40.76
C PHE D 197 8.69 -11.09 -39.50
N GLY D 198 9.97 -11.43 -39.41
CA GLY D 198 10.74 -11.16 -38.22
C GLY D 198 12.22 -11.28 -38.52
N GLN D 199 13.04 -10.58 -37.74
CA GLN D 199 14.48 -10.58 -37.95
C GLN D 199 15.19 -11.14 -36.71
N SER D 200 16.33 -11.79 -36.93
CA SER D 200 17.10 -12.42 -35.88
C SER D 200 16.25 -13.42 -35.08
N GLY D 201 16.10 -13.18 -33.79
CA GLY D 201 15.25 -14.02 -32.95
C GLY D 201 13.82 -14.08 -33.47
N GLY D 202 13.35 -12.96 -34.01
CA GLY D 202 12.01 -12.90 -34.59
C GLY D 202 11.92 -13.79 -35.83
N GLY D 203 13.00 -13.86 -36.59
CA GLY D 203 13.05 -14.75 -37.73
C GLY D 203 12.90 -16.19 -37.27
N MET D 204 13.49 -16.49 -36.11
CA MET D 204 13.42 -17.82 -35.53
C MET D 204 12.03 -18.11 -34.96
N LYS D 205 11.36 -17.07 -34.46
CA LYS D 205 9.99 -17.23 -33.98
C LYS D 205 9.07 -17.51 -35.16
N VAL D 206 9.33 -16.87 -36.29
CA VAL D 206 8.58 -17.09 -37.51
C VAL D 206 8.71 -18.54 -38.01
N SER D 207 9.94 -19.03 -38.08
CA SER D 207 10.17 -20.37 -38.62
C SER D 207 9.59 -21.44 -37.69
N GLY D 208 9.53 -21.13 -36.41
CA GLY D 208 8.96 -22.05 -35.44
C GLY D 208 7.45 -22.10 -35.58
N LEU D 209 6.84 -20.95 -35.88
CA LEU D 209 5.40 -20.87 -36.08
C LEU D 209 4.98 -21.69 -37.31
N MET D 210 5.82 -21.75 -38.33
CA MET D 210 5.55 -22.59 -39.50
C MET D 210 5.43 -24.06 -39.10
N GLN D 211 6.21 -24.43 -38.10
CA GLN D 211 6.26 -25.80 -37.59
C GLN D 211 5.34 -26.00 -36.39
N THR D 212 4.36 -25.12 -36.25
CA THR D 212 3.43 -25.19 -35.12
C THR D 212 2.00 -25.34 -35.62
N PRO D 213 1.48 -26.57 -35.56
CA PRO D 213 0.20 -26.96 -36.14
C PRO D 213 -0.97 -26.09 -35.70
N GLU D 214 -1.02 -25.71 -34.44
CA GLU D 214 -2.09 -24.84 -33.97
C GLU D 214 -2.12 -23.49 -34.66
N ALA D 215 -1.03 -23.13 -35.35
CA ALA D 215 -0.96 -21.84 -36.03
C ALA D 215 -1.34 -21.97 -37.51
N ASP D 216 -1.59 -23.19 -37.95
CA ASP D 216 -1.97 -23.46 -39.34
C ASP D 216 -3.20 -22.66 -39.76
N GLY D 217 -3.06 -21.91 -40.85
CA GLY D 217 -4.19 -21.18 -41.40
C GLY D 217 -4.26 -19.76 -40.92
N LEU D 218 -3.41 -19.41 -39.96
CA LEU D 218 -3.45 -18.07 -39.35
C LEU D 218 -2.53 -17.09 -40.08
N PHE D 219 -1.64 -17.60 -40.91
CA PHE D 219 -0.81 -16.77 -41.78
C PHE D 219 -0.56 -17.54 -43.08
N HIS D 220 -0.26 -16.83 -44.16
CA HIS D 220 -0.24 -17.48 -45.47
C HIS D 220 1.10 -17.36 -46.15
N ARG D 221 2.06 -16.76 -45.46
CA ARG D 221 3.32 -16.37 -46.06
C ARG D 221 4.31 -16.02 -44.95
N ALA D 222 5.61 -16.18 -45.21
CA ALA D 222 6.59 -15.92 -44.16
C ALA D 222 7.85 -15.25 -44.68
N MET D 223 8.47 -14.46 -43.82
CA MET D 223 9.70 -13.78 -44.19
C MET D 223 10.66 -13.80 -43.01
N ILE D 224 11.88 -14.27 -43.26
CA ILE D 224 12.87 -14.50 -42.21
C ILE D 224 14.17 -13.74 -42.52
N MET D 225 14.54 -12.83 -41.62
CA MET D 225 15.71 -12.00 -41.83
C MET D 225 16.79 -12.37 -40.81
N SER D 226 17.94 -12.83 -41.28
CA SER D 226 19.06 -13.17 -40.40
C SER D 226 18.59 -14.00 -39.22
N GLY D 227 17.83 -15.05 -39.49
CA GLY D 227 17.06 -15.73 -38.47
C GLY D 227 17.10 -17.24 -38.53
N VAL D 228 18.22 -17.76 -39.02
CA VAL D 228 18.56 -19.19 -38.90
C VAL D 228 20.05 -19.26 -38.54
N ALA D 229 20.37 -19.69 -37.32
CA ALA D 229 21.74 -19.55 -36.83
C ALA D 229 22.45 -20.86 -36.49
N GLY D 230 21.69 -21.96 -36.44
CA GLY D 230 22.28 -23.26 -36.20
C GLY D 230 23.05 -23.37 -34.89
N ASP D 231 24.30 -23.80 -34.98
CA ASP D 231 25.08 -24.15 -33.80
C ASP D 231 25.74 -22.98 -33.07
N VAL D 232 25.26 -21.76 -33.29
CA VAL D 232 25.76 -20.62 -32.52
C VAL D 232 24.72 -20.17 -31.51
N LEU D 233 23.45 -20.41 -31.82
CA LEU D 233 22.37 -20.20 -30.86
C LEU D 233 21.59 -21.50 -30.74
N PRO D 234 22.20 -22.52 -30.12
CA PRO D 234 21.51 -23.80 -30.03
C PRO D 234 20.43 -23.74 -28.96
N TYR D 235 19.19 -24.05 -29.32
CA TYR D 235 18.11 -24.03 -28.36
C TYR D 235 18.39 -25.02 -27.23
N SER D 236 17.93 -24.66 -26.04
CA SER D 236 18.17 -25.44 -24.85
C SER D 236 17.23 -26.64 -24.74
N THR D 237 17.78 -27.85 -24.77
CA THR D 237 16.98 -29.07 -24.62
C THR D 237 17.42 -29.88 -23.41
N GLY D 238 16.54 -30.76 -22.93
CA GLY D 238 16.85 -31.60 -21.80
C GLY D 238 15.83 -31.47 -20.68
N ASP D 239 16.13 -32.10 -19.54
CA ASP D 239 15.25 -32.05 -18.37
C ASP D 239 15.31 -30.67 -17.73
N SER D 240 14.16 -30.10 -17.41
CA SER D 240 14.11 -28.73 -16.89
C SER D 240 14.15 -28.72 -15.36
N ARG D 241 13.95 -29.89 -14.75
CA ARG D 241 14.00 -30.04 -13.30
C ARG D 241 15.29 -29.53 -12.63
N PRO D 242 16.47 -29.87 -13.16
CA PRO D 242 17.70 -29.36 -12.51
C PRO D 242 17.71 -27.84 -12.40
N LEU D 243 17.23 -27.15 -13.43
CA LEU D 243 17.14 -25.69 -13.42
C LEU D 243 16.15 -25.20 -12.38
N ILE D 244 14.93 -25.73 -12.42
CA ILE D 244 13.88 -25.28 -11.51
C ILE D 244 14.27 -25.55 -10.07
N GLN D 245 14.91 -26.69 -9.84
CA GLN D 245 15.36 -27.03 -8.50
C GLN D 245 16.45 -26.06 -8.03
N ALA D 246 17.35 -25.71 -8.93
CA ALA D 246 18.43 -24.78 -8.60
C ALA D 246 17.87 -23.38 -8.29
N MET D 247 16.90 -22.93 -9.08
CA MET D 247 16.29 -21.61 -8.87
C MET D 247 15.55 -21.57 -7.54
N LEU D 248 14.81 -22.63 -7.24
CA LEU D 248 14.10 -22.74 -5.96
C LEU D 248 15.06 -22.64 -4.77
N LYS D 249 16.20 -23.33 -4.87
CA LYS D 249 17.17 -23.34 -3.77
C LYS D 249 17.85 -21.97 -3.62
N GLU D 250 18.20 -21.36 -4.74
CA GLU D 250 18.81 -20.03 -4.70
C GLU D 250 17.85 -19.01 -4.12
N LEU D 251 16.57 -19.17 -4.44
CA LEU D 251 15.53 -18.33 -3.86
C LEU D 251 15.26 -18.73 -2.41
N GLY D 252 15.84 -19.86 -2.01
CA GLY D 252 15.68 -20.37 -0.66
C GLY D 252 14.32 -21.00 -0.43
N LEU D 253 13.88 -21.83 -1.37
CA LEU D 253 12.59 -22.50 -1.27
C LEU D 253 12.73 -24.02 -1.36
N ALA D 254 11.64 -24.74 -1.08
CA ALA D 254 11.65 -26.20 -1.12
C ALA D 254 11.45 -26.72 -2.55
N GLU D 255 11.47 -28.04 -2.72
CA GLU D 255 11.35 -28.62 -4.04
C GLU D 255 9.91 -28.71 -4.54
N GLN D 256 8.99 -29.15 -3.69
CA GLN D 256 7.59 -29.22 -4.10
C GLN D 256 6.90 -27.86 -3.93
N GLU D 257 7.73 -26.81 -3.80
CA GLU D 257 7.25 -25.44 -3.83
C GLU D 257 7.38 -24.83 -5.23
N ALA D 258 7.42 -25.69 -6.25
CA ALA D 258 7.60 -25.26 -7.63
C ALA D 258 6.53 -24.25 -8.05
N GLY D 259 5.32 -24.41 -7.52
CA GLY D 259 4.24 -23.51 -7.83
C GLY D 259 4.47 -22.11 -7.29
N ARG D 260 5.32 -21.99 -6.28
CA ARG D 260 5.55 -20.71 -5.65
C ARG D 260 6.33 -19.74 -6.55
N LEU D 261 6.90 -20.25 -7.64
CA LEU D 261 7.64 -19.41 -8.58
C LEU D 261 6.71 -18.47 -9.33
N GLU D 262 5.42 -18.78 -9.34
CA GLU D 262 4.43 -17.91 -9.95
C GLU D 262 4.36 -16.53 -9.27
N THR D 263 4.61 -16.47 -7.97
CA THR D 263 4.45 -15.20 -7.27
C THR D 263 5.76 -14.60 -6.76
N VAL D 264 6.90 -15.19 -7.14
CA VAL D 264 8.19 -14.57 -6.86
C VAL D 264 8.31 -13.29 -7.68
N PRO D 265 8.65 -12.17 -7.02
CA PRO D 265 8.84 -10.90 -7.75
C PRO D 265 9.81 -11.10 -8.90
N TYR D 266 9.54 -10.52 -10.07
CA TYR D 266 10.37 -10.79 -11.23
C TYR D 266 11.85 -10.46 -11.00
N TYR D 267 12.13 -9.38 -10.29
CA TYR D 267 13.51 -9.00 -9.98
C TYR D 267 14.27 -10.15 -9.32
N ASP D 268 13.62 -10.80 -8.35
CA ASP D 268 14.24 -11.89 -7.61
C ASP D 268 14.25 -13.18 -8.43
N LEU D 269 13.20 -13.40 -9.21
CA LEU D 269 13.13 -14.55 -10.10
C LEU D 269 14.25 -14.48 -11.15
N ALA D 270 14.42 -13.32 -11.76
CA ALA D 270 15.47 -13.10 -12.74
C ALA D 270 16.84 -13.24 -12.11
N ALA D 271 17.00 -12.66 -10.92
CA ALA D 271 18.26 -12.68 -10.20
C ALA D 271 18.72 -14.12 -9.93
N ALA D 272 17.77 -14.96 -9.55
CA ALA D 272 18.07 -16.35 -9.27
C ALA D 272 18.45 -17.09 -10.55
N TYR D 273 17.68 -16.86 -11.62
CA TYR D 273 17.95 -17.50 -12.89
C TYR D 273 19.35 -17.13 -13.39
N ASN D 274 19.64 -15.83 -13.41
CA ASN D 274 20.94 -15.36 -13.86
C ASN D 274 22.09 -15.99 -13.10
N ARG D 275 21.89 -16.24 -11.82
CA ARG D 275 22.97 -16.76 -10.99
C ARG D 275 23.19 -18.27 -11.15
N VAL D 276 22.12 -19.04 -11.34
CA VAL D 276 22.29 -20.50 -11.40
C VAL D 276 22.38 -21.09 -12.82
N SER D 277 21.87 -20.37 -13.82
CA SER D 277 21.84 -20.91 -15.19
C SER D 277 23.22 -21.22 -15.81
N PRO D 278 24.25 -20.38 -15.55
CA PRO D 278 25.55 -20.73 -16.14
C PRO D 278 26.09 -22.13 -15.79
N ALA D 279 25.99 -22.53 -14.53
CA ALA D 279 26.48 -23.84 -14.11
C ALA D 279 25.66 -24.96 -14.74
N ILE D 280 24.34 -24.78 -14.77
CA ILE D 280 23.45 -25.72 -15.42
C ILE D 280 23.80 -25.84 -16.89
N ALA D 281 24.06 -24.70 -17.53
CA ALA D 281 24.40 -24.68 -18.95
C ALA D 281 25.71 -25.42 -19.22
N ARG D 282 26.72 -25.15 -18.39
CA ARG D 282 28.04 -25.76 -18.56
C ARG D 282 27.96 -27.28 -18.45
N ALA D 283 27.12 -27.77 -17.54
CA ALA D 283 26.91 -29.19 -17.37
C ALA D 283 26.00 -29.76 -18.46
N GLY D 284 25.79 -28.99 -19.52
CA GLY D 284 24.94 -29.41 -20.63
C GLY D 284 23.52 -29.70 -20.20
N GLY D 285 22.79 -28.66 -19.80
CA GLY D 285 21.42 -28.82 -19.35
C GLY D 285 20.50 -27.72 -19.84
N TYR D 286 19.20 -27.99 -19.82
CA TYR D 286 18.19 -27.05 -20.24
C TYR D 286 18.18 -25.81 -19.37
N ILE D 287 18.21 -24.64 -20.00
CA ILE D 287 18.08 -23.37 -19.28
C ILE D 287 17.01 -22.47 -19.91
N GLY D 288 16.19 -23.03 -20.79
CA GLY D 288 15.09 -22.29 -21.37
C GLY D 288 15.49 -21.06 -22.16
N CYS D 289 14.57 -20.10 -22.25
CA CYS D 289 14.77 -18.86 -22.99
C CYS D 289 14.94 -19.13 -24.48
N THR D 290 14.53 -20.32 -24.90
CA THR D 290 14.55 -20.71 -26.31
C THR D 290 13.37 -21.64 -26.57
N PRO D 291 12.92 -21.73 -27.83
CA PRO D 291 11.89 -22.73 -28.16
C PRO D 291 12.36 -24.13 -27.86
N ARG D 292 11.41 -25.00 -27.51
CA ARG D 292 11.69 -26.38 -27.13
C ARG D 292 10.70 -27.30 -27.85
N PRO D 293 11.22 -28.10 -28.79
CA PRO D 293 10.35 -29.01 -29.55
C PRO D 293 9.53 -29.92 -28.63
N ASP D 294 8.22 -29.92 -28.82
CA ASP D 294 7.33 -30.78 -28.06
C ASP D 294 6.11 -31.11 -28.92
N ASP D 295 4.96 -31.31 -28.30
CA ASP D 295 3.76 -31.65 -29.05
C ASP D 295 3.12 -30.42 -29.71
N PHE D 296 3.46 -29.24 -29.20
CA PHE D 296 2.96 -27.97 -29.70
C PHE D 296 3.81 -27.43 -30.86
N TYR D 297 5.12 -27.56 -30.71
CA TYR D 297 6.07 -27.09 -31.70
C TYR D 297 6.99 -28.24 -32.11
N LYS D 298 6.93 -28.63 -33.37
CA LYS D 298 7.57 -29.87 -33.82
C LYS D 298 9.11 -29.79 -33.83
N GLY D 299 9.64 -28.58 -33.93
CA GLY D 299 11.06 -28.40 -34.11
C GLY D 299 11.30 -27.80 -35.48
N GLU D 300 12.54 -27.41 -35.75
CA GLU D 300 12.87 -26.79 -37.03
C GLU D 300 12.85 -27.78 -38.19
N GLY D 301 12.36 -27.32 -39.33
CA GLY D 301 12.21 -28.12 -40.53
C GLY D 301 13.37 -29.00 -40.96
N PRO D 302 14.56 -28.40 -41.15
CA PRO D 302 15.74 -29.17 -41.57
C PRO D 302 16.09 -30.32 -40.62
N ALA D 303 15.71 -30.20 -39.35
CA ALA D 303 16.09 -31.15 -38.33
C ALA D 303 15.06 -32.27 -38.15
N VAL D 304 13.79 -31.90 -38.17
CA VAL D 304 12.74 -32.84 -37.83
C VAL D 304 11.78 -33.11 -38.99
N GLY D 305 12.03 -32.45 -40.12
CA GLY D 305 11.12 -32.49 -41.25
C GLY D 305 10.03 -31.44 -41.18
N PHE D 306 9.84 -30.68 -42.25
CA PHE D 306 8.77 -29.70 -42.30
C PHE D 306 7.40 -30.38 -42.26
N THR D 307 6.47 -29.80 -41.51
CA THR D 307 5.09 -30.27 -41.52
C THR D 307 4.50 -30.08 -42.92
N ASP D 308 3.44 -30.82 -43.22
CA ASP D 308 2.77 -30.70 -44.50
C ASP D 308 2.37 -29.26 -44.78
N HIS D 309 1.82 -28.60 -43.78
CA HIS D 309 1.31 -27.24 -43.95
C HIS D 309 2.44 -26.22 -44.14
N ALA D 310 3.55 -26.43 -43.43
CA ALA D 310 4.70 -25.53 -43.55
C ALA D 310 5.23 -25.51 -44.99
N LYS D 311 5.09 -26.62 -45.69
CA LYS D 311 5.56 -26.71 -47.07
C LYS D 311 4.72 -25.82 -48.00
N THR D 312 3.48 -25.54 -47.61
CA THR D 312 2.60 -24.68 -48.39
C THR D 312 2.83 -23.19 -48.14
N ILE D 313 3.71 -22.85 -47.19
CA ILE D 313 3.95 -21.45 -46.85
C ILE D 313 5.15 -20.88 -47.62
N PRO D 314 4.88 -20.05 -48.63
CA PRO D 314 5.96 -19.39 -49.37
C PRO D 314 6.84 -18.57 -48.44
N VAL D 315 8.15 -18.64 -48.61
CA VAL D 315 9.08 -18.00 -47.68
C VAL D 315 10.07 -17.12 -48.41
N MET D 316 10.32 -15.92 -47.88
CA MET D 316 11.47 -15.13 -48.30
C MET D 316 12.50 -15.11 -47.18
N VAL D 317 13.72 -15.54 -47.48
CA VAL D 317 14.77 -15.59 -46.47
C VAL D 317 15.90 -14.66 -46.87
N GLY D 318 16.51 -14.03 -45.88
CA GLY D 318 17.66 -13.19 -46.14
C GLY D 318 18.69 -13.21 -45.03
N THR D 319 19.91 -12.82 -45.38
CA THR D 319 20.94 -12.49 -44.41
C THR D 319 21.65 -11.24 -44.94
N VAL D 320 22.57 -10.69 -44.17
CA VAL D 320 23.38 -9.56 -44.61
C VAL D 320 24.87 -9.91 -44.60
N PHE D 321 25.68 -9.17 -45.34
CA PHE D 321 27.07 -9.55 -45.63
C PHE D 321 27.92 -9.80 -44.39
N GLY D 322 27.86 -8.88 -43.43
CA GLY D 322 28.76 -8.90 -42.30
C GLY D 322 28.04 -8.85 -40.97
N GLU D 323 27.12 -9.78 -40.80
CA GLU D 323 26.20 -9.83 -39.65
C GLU D 323 26.76 -9.33 -38.33
N PHE D 324 27.48 -10.19 -37.62
CA PHE D 324 27.92 -9.85 -36.27
C PHE D 324 29.23 -9.05 -36.23
N ALA D 325 29.70 -8.59 -37.39
CA ALA D 325 30.86 -7.71 -37.43
C ALA D 325 30.46 -6.30 -37.00
N MET D 326 30.07 -6.17 -35.73
CA MET D 326 29.50 -4.93 -35.22
C MET D 326 30.57 -3.89 -34.87
N MET D 327 31.64 -4.34 -34.23
CA MET D 327 32.72 -3.44 -33.80
C MET D 327 33.53 -2.89 -34.98
N PRO D 328 34.19 -1.74 -34.77
CA PRO D 328 35.03 -1.13 -35.81
C PRO D 328 36.21 -2.01 -36.25
N LEU D 329 36.54 -1.97 -37.53
CA LEU D 329 37.81 -2.50 -38.01
C LEU D 329 38.98 -1.79 -37.32
N PRO D 330 40.00 -2.54 -36.90
CA PRO D 330 41.19 -1.95 -36.26
C PRO D 330 42.08 -1.18 -37.24
N PHE D 331 41.51 -0.77 -38.37
CA PHE D 331 42.23 -0.01 -39.39
C PHE D 331 41.25 0.61 -40.38
N ASN D 332 41.74 1.55 -41.19
CA ASN D 332 40.93 2.21 -42.20
C ASN D 332 40.80 1.33 -43.44
N LYS D 333 39.59 0.82 -43.67
CA LYS D 333 39.31 -0.05 -44.81
C LYS D 333 39.75 0.56 -46.14
N GLU D 334 39.62 1.88 -46.27
CA GLU D 334 39.92 2.57 -47.51
C GLU D 334 41.39 2.98 -47.64
N THR D 335 42.14 2.87 -46.55
CA THR D 335 43.52 3.37 -46.51
C THR D 335 44.57 2.25 -46.54
N ILE D 336 44.27 1.14 -45.88
CA ILE D 336 45.21 0.04 -45.73
C ILE D 336 45.77 -0.43 -47.08
N SER D 337 47.07 -0.72 -47.09
CA SER D 337 47.76 -1.14 -48.30
C SER D 337 47.53 -2.63 -48.60
N GLU D 338 47.90 -3.05 -49.79
CA GLU D 338 47.76 -4.45 -50.19
C GLU D 338 48.72 -5.33 -49.38
N ALA D 339 49.92 -4.81 -49.12
CA ALA D 339 50.91 -5.51 -48.32
C ALA D 339 50.41 -5.73 -46.90
N GLU D 340 49.95 -4.64 -46.28
CA GLU D 340 49.43 -4.67 -44.92
C GLU D 340 48.25 -5.63 -44.79
N LEU D 341 47.35 -5.61 -45.77
CA LEU D 341 46.19 -6.48 -45.76
C LEU D 341 46.58 -7.94 -45.93
N ASP D 342 47.53 -8.20 -46.82
CA ASP D 342 47.96 -9.57 -47.10
C ASP D 342 48.49 -10.23 -45.84
N GLU D 343 49.21 -9.47 -45.02
CA GLU D 343 49.73 -9.96 -43.74
C GLU D 343 48.60 -10.29 -42.77
N ILE D 344 47.60 -9.41 -42.73
CA ILE D 344 46.42 -9.64 -41.89
C ILE D 344 45.73 -10.94 -42.28
N LEU D 345 45.48 -11.10 -43.58
CA LEU D 345 44.80 -12.27 -44.11
C LEU D 345 45.56 -13.57 -43.86
N ASP D 346 46.87 -13.56 -44.09
CA ASP D 346 47.68 -14.75 -43.86
C ASP D 346 47.76 -15.10 -42.38
N LYS D 347 47.66 -14.08 -41.53
CA LYS D 347 47.66 -14.29 -40.08
C LYS D 347 46.30 -14.75 -39.58
N ARG D 348 45.26 -14.42 -40.33
CA ARG D 348 43.89 -14.75 -39.95
C ARG D 348 43.47 -16.10 -40.52
N PHE D 349 43.91 -16.39 -41.74
CA PHE D 349 43.45 -17.58 -42.44
C PHE D 349 44.57 -18.58 -42.74
N GLN D 350 45.47 -18.75 -41.77
CA GLN D 350 46.50 -19.77 -41.85
C GLN D 350 47.30 -19.76 -43.14
N GLY D 351 47.56 -18.57 -43.68
CA GLY D 351 48.34 -18.44 -44.89
C GLY D 351 47.58 -18.65 -46.18
N HIS D 352 46.27 -18.84 -46.09
CA HIS D 352 45.44 -19.07 -47.28
C HIS D 352 44.95 -17.75 -47.87
N GLY D 353 45.66 -16.67 -47.59
CA GLY D 353 45.26 -15.34 -48.00
C GLY D 353 45.02 -15.16 -49.49
N LYS D 354 46.03 -15.50 -50.28
CA LYS D 354 45.96 -15.38 -51.75
C LYS D 354 44.81 -16.19 -52.36
N GLU D 355 44.60 -17.39 -51.83
CA GLU D 355 43.55 -18.26 -52.35
C GLU D 355 42.17 -17.67 -52.05
N LEU D 356 41.99 -17.25 -50.81
CA LEU D 356 40.72 -16.66 -50.40
C LEU D 356 40.42 -15.39 -51.18
N LYS D 357 41.44 -14.60 -51.48
CA LYS D 357 41.24 -13.39 -52.26
C LYS D 357 40.73 -13.69 -53.67
N THR D 358 41.26 -14.72 -54.33
CA THR D 358 40.76 -15.09 -55.65
C THR D 358 39.31 -15.56 -55.57
N VAL D 359 39.07 -16.53 -54.68
CA VAL D 359 37.74 -17.11 -54.49
C VAL D 359 36.70 -16.03 -54.12
N PHE D 360 37.14 -15.02 -53.38
CA PHE D 360 36.27 -13.91 -52.98
C PHE D 360 35.99 -12.96 -54.14
N ALA D 361 36.99 -12.73 -54.98
CA ALA D 361 36.84 -11.86 -56.13
C ALA D 361 35.84 -12.43 -57.14
N GLU D 362 35.57 -13.72 -57.02
CA GLU D 362 34.63 -14.38 -57.91
C GLU D 362 33.20 -14.24 -57.39
N ALA D 363 33.01 -14.51 -56.11
CA ALA D 363 31.70 -14.39 -55.48
C ALA D 363 31.31 -12.93 -55.31
N TYR D 364 32.29 -12.12 -54.91
CA TYR D 364 32.06 -10.71 -54.67
C TYR D 364 32.98 -9.83 -55.50
N PRO D 365 32.74 -9.77 -56.82
CA PRO D 365 33.64 -9.07 -57.75
C PRO D 365 33.84 -7.58 -57.46
N GLY D 366 32.81 -6.90 -56.98
CA GLY D 366 32.92 -5.47 -56.74
C GLY D 366 33.46 -5.10 -55.36
N LYS D 367 33.82 -6.10 -54.57
CA LYS D 367 34.18 -5.87 -53.17
C LYS D 367 35.69 -5.88 -52.93
N SER D 368 36.15 -4.97 -52.09
CA SER D 368 37.53 -4.97 -51.63
C SER D 368 37.83 -6.24 -50.84
N PRO D 369 39.06 -6.78 -50.95
CA PRO D 369 39.48 -7.98 -50.21
C PRO D 369 39.41 -7.76 -48.69
N VAL D 370 39.41 -6.49 -48.28
CA VAL D 370 39.22 -6.13 -46.88
C VAL D 370 37.98 -6.81 -46.27
N ASP D 371 36.91 -6.87 -47.06
CA ASP D 371 35.63 -7.38 -46.57
C ASP D 371 35.65 -8.87 -46.22
N LEU D 372 36.74 -9.56 -46.55
CA LEU D 372 36.93 -10.94 -46.10
C LEU D 372 36.92 -11.01 -44.58
N LEU D 373 37.41 -9.95 -43.95
CA LEU D 373 37.59 -9.93 -42.50
C LEU D 373 36.26 -9.79 -41.75
N THR D 374 35.24 -9.28 -42.42
CA THR D 374 33.94 -9.12 -41.79
C THR D 374 32.85 -10.01 -42.41
N LEU D 375 33.23 -10.84 -43.38
CA LEU D 375 32.27 -11.76 -44.01
C LEU D 375 31.56 -12.65 -42.99
N ASP D 376 30.25 -12.78 -43.13
CA ASP D 376 29.47 -13.62 -42.24
C ASP D 376 29.52 -15.10 -42.59
N THR D 377 29.81 -15.93 -41.59
CA THR D 377 29.71 -17.38 -41.74
C THR D 377 28.93 -17.95 -40.57
N ILE D 378 28.09 -17.11 -39.96
CA ILE D 378 27.28 -17.54 -38.82
C ILE D 378 25.84 -17.76 -39.25
N PHE D 379 25.28 -16.80 -39.98
CA PHE D 379 23.90 -16.91 -40.42
C PHE D 379 23.77 -17.51 -41.81
N ARG D 380 24.68 -17.13 -42.71
CA ARG D 380 24.59 -17.52 -44.11
C ARG D 380 24.56 -19.04 -44.29
N GLY D 381 25.49 -19.74 -43.62
CA GLY D 381 25.55 -21.19 -43.67
C GLY D 381 24.24 -21.87 -43.35
N PRO D 382 23.76 -21.73 -42.11
CA PRO D 382 22.48 -22.34 -41.72
C PRO D 382 21.31 -21.85 -42.56
N THR D 383 21.38 -20.64 -43.10
CA THR D 383 20.30 -20.10 -43.91
C THR D 383 20.25 -20.85 -45.23
N LYS D 384 21.40 -21.04 -45.86
CA LYS D 384 21.48 -21.75 -47.14
C LYS D 384 20.93 -23.17 -46.98
N GLU D 385 21.26 -23.79 -45.85
CA GLU D 385 20.75 -25.10 -45.50
C GLU D 385 19.22 -25.10 -45.32
N PHE D 386 18.70 -24.03 -44.71
CA PHE D 386 17.26 -23.89 -44.54
C PHE D 386 16.56 -23.84 -45.90
N VAL D 387 17.05 -22.98 -46.79
CA VAL D 387 16.51 -22.85 -48.13
C VAL D 387 16.52 -24.17 -48.89
N ARG D 388 17.69 -24.80 -48.94
CA ARG D 388 17.86 -26.09 -49.61
C ARG D 388 16.87 -27.12 -49.07
N SER D 389 16.80 -27.23 -47.76
CA SER D 389 15.91 -28.19 -47.11
C SER D 389 14.44 -27.96 -47.47
N LEU D 390 13.96 -26.72 -47.39
CA LEU D 390 12.57 -26.41 -47.66
C LEU D 390 12.21 -26.64 -49.14
N ALA D 391 13.11 -26.26 -50.03
CA ALA D 391 12.91 -26.51 -51.45
C ALA D 391 12.85 -28.02 -51.70
N ALA D 392 13.74 -28.76 -51.05
CA ALA D 392 13.76 -30.22 -51.15
C ALA D 392 12.43 -30.79 -50.69
N ALA D 393 11.76 -30.08 -49.80
CA ALA D 393 10.48 -30.53 -49.28
C ALA D 393 9.35 -30.20 -50.25
N GLY D 394 9.66 -29.39 -51.25
CA GLY D 394 8.68 -28.99 -52.23
C GLY D 394 8.12 -27.60 -52.00
N GLY D 395 8.84 -26.79 -51.23
CA GLY D 395 8.38 -25.47 -50.89
C GLY D 395 8.86 -24.39 -51.85
N SER D 396 8.22 -23.23 -51.78
CA SER D 396 8.65 -22.07 -52.55
C SER D 396 9.42 -21.10 -51.65
N VAL D 397 10.70 -20.92 -51.92
CA VAL D 397 11.52 -20.04 -51.11
C VAL D 397 12.37 -19.12 -51.98
N TYR D 398 12.32 -17.83 -51.69
CA TYR D 398 13.20 -16.84 -52.29
C TYR D 398 14.30 -16.47 -51.30
N SER D 399 15.53 -16.32 -51.79
CA SER D 399 16.66 -16.04 -50.93
C SER D 399 17.33 -14.74 -51.34
N TYR D 400 17.72 -13.93 -50.35
CA TYR D 400 18.50 -12.74 -50.63
C TYR D 400 19.67 -12.57 -49.66
N LEU D 401 20.64 -11.76 -50.06
CA LEU D 401 21.75 -11.35 -49.19
C LEU D 401 21.97 -9.86 -49.38
N PHE D 402 21.84 -9.12 -48.28
CA PHE D 402 21.97 -7.66 -48.28
C PHE D 402 23.44 -7.27 -48.09
N ALA D 403 24.04 -6.69 -49.12
CA ALA D 403 25.50 -6.53 -49.16
C ALA D 403 25.95 -5.07 -49.20
N LEU D 404 25.01 -4.16 -49.00
CA LEU D 404 25.29 -2.72 -49.03
C LEU D 404 26.38 -2.25 -48.05
N GLU D 405 27.24 -1.36 -48.52
CA GLU D 405 28.23 -0.71 -47.66
C GLU D 405 27.77 0.70 -47.27
N PHE D 406 28.10 1.12 -46.05
CA PHE D 406 27.51 2.32 -45.46
C PHE D 406 28.51 3.44 -45.20
N PRO D 407 28.03 4.70 -45.24
CA PRO D 407 28.89 5.88 -45.02
C PRO D 407 29.27 6.04 -43.55
N TYR D 408 29.98 5.06 -43.01
CA TYR D 408 30.32 5.03 -41.60
C TYR D 408 31.54 4.15 -41.40
N GLN D 409 32.58 4.70 -40.79
CA GLN D 409 33.84 3.99 -40.56
C GLN D 409 34.42 3.43 -41.85
N ASN D 410 34.41 4.27 -42.89
CA ASN D 410 35.01 3.98 -44.18
C ASN D 410 34.39 2.76 -44.86
N GLN D 411 33.12 2.92 -45.25
CA GLN D 411 32.36 1.91 -46.01
C GLN D 411 32.17 0.60 -45.24
N LYS D 412 31.71 0.72 -44.00
CA LYS D 412 31.42 -0.44 -43.18
C LYS D 412 30.47 -1.41 -43.88
N THR D 413 30.78 -2.70 -43.80
CA THR D 413 29.92 -3.72 -44.39
C THR D 413 28.65 -3.89 -43.57
N ALA D 414 27.56 -4.21 -44.26
CA ALA D 414 26.24 -4.38 -43.65
C ALA D 414 26.30 -5.22 -42.39
N TRP D 415 25.75 -4.68 -41.32
CA TRP D 415 25.71 -5.32 -40.02
C TRP D 415 24.32 -5.88 -39.71
N HIS D 416 24.27 -6.77 -38.72
CA HIS D 416 23.03 -7.32 -38.19
C HIS D 416 22.01 -6.20 -37.94
N CYS D 417 20.79 -6.37 -38.47
CA CYS D 417 19.66 -5.41 -38.39
C CYS D 417 19.72 -4.27 -39.41
N SER D 418 20.80 -4.14 -40.15
CA SER D 418 20.95 -2.99 -41.06
C SER D 418 19.96 -3.00 -42.23
N ASP D 419 19.36 -4.14 -42.53
CA ASP D 419 18.40 -4.17 -43.62
C ASP D 419 16.98 -3.94 -43.13
N ILE D 420 16.78 -3.89 -41.81
CA ILE D 420 15.47 -3.63 -41.23
C ILE D 420 14.85 -2.29 -41.69
N PRO D 421 15.62 -1.19 -41.64
CA PRO D 421 14.99 0.06 -42.13
C PRO D 421 14.64 0.04 -43.61
N PHE D 422 15.35 -0.74 -44.41
CA PHE D 422 15.07 -0.80 -45.84
C PHE D 422 13.77 -1.52 -46.09
N ILE D 423 13.59 -2.66 -45.44
CA ILE D 423 12.37 -3.43 -45.55
C ILE D 423 11.16 -2.61 -45.09
N PHE D 424 11.35 -1.85 -44.01
CA PHE D 424 10.28 -1.04 -43.44
C PHE D 424 10.10 0.32 -44.13
N HIS D 425 10.89 0.60 -45.15
CA HIS D 425 10.86 1.88 -45.85
C HIS D 425 11.10 2.99 -44.82
N ASN D 426 12.02 2.73 -43.90
CA ASN D 426 12.31 3.59 -42.77
C ASN D 426 13.75 4.08 -42.70
N THR D 427 14.39 4.27 -43.84
CA THR D 427 15.76 4.80 -43.82
C THR D 427 15.76 6.22 -43.25
N GLU D 428 14.62 6.90 -43.34
CA GLU D 428 14.56 8.25 -42.79
C GLU D 428 14.63 8.22 -41.26
N LEU D 429 14.33 7.09 -40.64
CA LEU D 429 14.42 6.99 -39.17
C LEU D 429 15.73 6.38 -38.69
N VAL D 430 16.62 6.06 -39.62
CA VAL D 430 17.92 5.48 -39.25
C VAL D 430 19.00 6.21 -40.05
N PRO D 431 19.54 7.30 -39.48
CA PRO D 431 20.43 8.26 -40.15
C PRO D 431 21.54 7.64 -40.98
N VAL D 432 22.24 6.65 -40.44
CA VAL D 432 23.42 6.10 -41.09
C VAL D 432 23.11 5.36 -42.39
N THR D 433 21.83 5.04 -42.63
CA THR D 433 21.46 4.31 -43.84
C THR D 433 21.25 5.25 -45.01
N ASN D 434 21.43 6.55 -44.79
CA ASN D 434 21.18 7.51 -45.85
C ASN D 434 22.41 7.79 -46.70
N ILE D 435 22.30 7.48 -47.98
CA ILE D 435 23.40 7.58 -48.94
C ILE D 435 22.89 8.27 -50.19
N PRO D 436 23.51 9.40 -50.56
CA PRO D 436 23.01 10.16 -51.71
C PRO D 436 22.95 9.29 -52.97
N GLU D 437 21.81 9.36 -53.68
CA GLU D 437 21.48 8.52 -54.83
C GLU D 437 21.08 7.11 -54.41
N ILE D 438 22.03 6.42 -53.78
CA ILE D 438 22.00 4.98 -53.56
C ILE D 438 20.93 4.43 -52.61
N SER D 439 20.76 5.04 -51.44
CA SER D 439 19.92 4.45 -50.41
C SER D 439 18.44 4.47 -50.79
N ASP D 440 17.98 5.60 -51.35
CA ASP D 440 16.58 5.70 -51.79
C ASP D 440 16.25 4.63 -52.81
N LYS D 441 17.16 4.45 -53.76
CA LYS D 441 16.96 3.51 -54.85
C LYS D 441 16.76 2.09 -54.31
N LEU D 442 17.69 1.65 -53.47
CA LEU D 442 17.65 0.27 -52.96
C LEU D 442 16.53 0.07 -51.94
N GLU D 443 16.17 1.12 -51.22
CA GLU D 443 15.02 1.06 -50.32
C GLU D 443 13.77 0.68 -51.10
N LYS D 444 13.52 1.40 -52.18
CA LYS D 444 12.35 1.14 -53.03
C LYS D 444 12.44 -0.26 -53.64
N GLN D 445 13.64 -0.65 -54.06
CA GLN D 445 13.85 -1.97 -54.67
C GLN D 445 13.47 -3.10 -53.72
N MET D 446 13.98 -3.05 -52.49
CA MET D 446 13.73 -4.11 -51.51
C MET D 446 12.30 -4.02 -51.01
N PHE D 447 11.79 -2.80 -50.85
CA PHE D 447 10.43 -2.62 -50.34
C PHE D 447 9.40 -3.12 -51.36
N ASP D 448 9.49 -2.66 -52.60
CA ASP D 448 8.54 -3.05 -53.64
C ASP D 448 8.57 -4.58 -53.83
N ALA D 449 9.72 -5.18 -53.56
CA ALA D 449 9.88 -6.62 -53.61
C ALA D 449 9.02 -7.30 -52.56
N VAL D 450 9.09 -6.82 -51.32
CA VAL D 450 8.26 -7.36 -50.24
C VAL D 450 6.76 -7.18 -50.53
N ILE D 451 6.39 -6.00 -51.02
CA ILE D 451 4.98 -5.72 -51.28
C ILE D 451 4.46 -6.63 -52.39
N HIS D 452 5.24 -6.78 -53.45
CA HIS D 452 4.90 -7.72 -54.52
C HIS D 452 4.74 -9.14 -53.98
N PHE D 453 5.67 -9.53 -53.12
CA PHE D 453 5.67 -10.86 -52.54
C PHE D 453 4.41 -11.13 -51.72
N VAL D 454 3.93 -10.12 -50.99
CA VAL D 454 2.73 -10.32 -50.17
C VAL D 454 1.43 -10.08 -50.95
N GLU D 455 1.50 -9.33 -52.03
CA GLU D 455 0.33 -9.07 -52.86
C GLU D 455 0.09 -10.18 -53.90
N THR D 456 1.17 -10.70 -54.48
CA THR D 456 1.04 -11.65 -55.59
C THR D 456 1.76 -12.99 -55.35
N GLY D 457 2.57 -13.06 -54.30
CA GLY D 457 3.32 -14.27 -54.01
C GLY D 457 4.67 -14.25 -54.71
N ASP D 458 4.83 -13.31 -55.63
CA ASP D 458 6.06 -13.18 -56.39
C ASP D 458 6.71 -11.82 -56.15
N PRO D 459 7.96 -11.82 -55.67
CA PRO D 459 8.68 -10.57 -55.38
C PRO D 459 9.19 -9.83 -56.63
N ASN D 460 9.16 -10.50 -57.78
CA ASN D 460 9.71 -9.90 -59.00
C ASN D 460 9.00 -8.61 -59.40
N HIS D 461 9.77 -7.62 -59.80
CA HIS D 461 9.23 -6.37 -60.33
C HIS D 461 10.27 -5.66 -61.17
N LEU D 462 9.90 -4.51 -61.75
CA LEU D 462 10.71 -3.91 -62.81
C LEU D 462 11.97 -3.19 -62.32
N GLY D 463 12.08 -2.96 -61.02
CA GLY D 463 13.23 -2.26 -60.48
C GLY D 463 14.42 -3.17 -60.24
N ILE D 464 14.17 -4.48 -60.26
CA ILE D 464 15.18 -5.46 -59.87
C ILE D 464 15.33 -6.57 -60.91
N PRO D 465 16.51 -7.22 -60.94
CA PRO D 465 16.74 -8.39 -61.80
C PRO D 465 15.74 -9.52 -61.58
N GLN D 466 15.67 -10.43 -62.53
CA GLN D 466 14.81 -11.60 -62.42
C GLN D 466 15.21 -12.46 -61.22
N TRP D 467 14.25 -12.72 -60.34
CA TRP D 467 14.51 -13.38 -59.07
C TRP D 467 13.79 -14.72 -59.00
N PRO D 468 14.50 -15.81 -59.34
CA PRO D 468 13.89 -17.15 -59.34
C PRO D 468 13.83 -17.79 -57.96
N VAL D 469 12.82 -18.61 -57.73
CA VAL D 469 12.80 -19.45 -56.54
C VAL D 469 14.05 -20.32 -56.51
N SER D 470 14.52 -20.63 -55.31
CA SER D 470 15.67 -21.51 -55.18
C SER D 470 15.17 -22.94 -55.24
N THR D 471 16.02 -23.83 -55.72
CA THR D 471 15.68 -25.24 -55.76
C THR D 471 16.62 -26.02 -54.87
N GLU D 472 16.46 -27.33 -54.89
CA GLU D 472 17.24 -28.23 -54.03
C GLU D 472 18.72 -28.22 -54.40
N ASP D 473 19.04 -27.82 -55.62
CA ASP D 473 20.41 -27.87 -56.10
C ASP D 473 20.88 -26.55 -56.70
N ARG D 474 19.96 -25.60 -56.84
CA ARG D 474 20.30 -24.26 -57.31
C ARG D 474 19.80 -23.19 -56.35
N GLU D 475 20.65 -22.84 -55.39
CA GLU D 475 20.43 -21.66 -54.56
C GLU D 475 20.54 -20.42 -55.45
N ALA D 476 19.44 -19.68 -55.55
CA ALA D 476 19.40 -18.46 -56.36
C ALA D 476 19.33 -17.23 -55.46
N THR D 477 20.49 -16.63 -55.20
CA THR D 477 20.59 -15.53 -54.25
C THR D 477 20.44 -14.15 -54.90
N MET D 478 19.39 -13.43 -54.53
CA MET D 478 19.29 -12.02 -54.87
C MET D 478 20.25 -11.23 -54.01
N ILE D 479 21.18 -10.53 -54.63
CA ILE D 479 22.13 -9.75 -53.86
C ILE D 479 21.77 -8.28 -53.94
N PHE D 480 21.22 -7.77 -52.83
CA PHE D 480 20.79 -6.38 -52.73
C PHE D 480 21.98 -5.48 -52.45
N ASP D 481 22.25 -4.55 -53.37
CA ASP D 481 23.44 -3.71 -53.26
C ASP D 481 23.29 -2.51 -54.17
N ARG D 482 24.34 -1.69 -54.27
CA ARG D 482 24.36 -0.55 -55.18
C ARG D 482 23.93 -1.00 -56.57
N VAL D 483 24.46 -2.13 -56.99
CA VAL D 483 23.98 -2.80 -58.20
C VAL D 483 23.51 -4.19 -57.81
N CYS D 484 22.20 -4.42 -57.91
CA CYS D 484 21.66 -5.73 -57.54
C CYS D 484 21.99 -6.78 -58.59
N THR D 485 22.29 -7.99 -58.13
CA THR D 485 22.55 -9.12 -59.01
C THR D 485 21.92 -10.39 -58.46
N VAL D 486 21.70 -11.37 -59.33
CA VAL D 486 21.30 -12.70 -58.88
C VAL D 486 22.43 -13.68 -59.20
N ARG D 487 22.78 -14.50 -58.24
CA ARG D 487 23.88 -15.43 -58.41
C ARG D 487 23.44 -16.85 -58.02
N PHE D 488 24.12 -17.85 -58.58
CA PHE D 488 23.75 -19.24 -58.34
C PHE D 488 24.87 -20.01 -57.66
N ASN D 489 24.59 -20.55 -56.47
CA ASN D 489 25.56 -21.29 -55.69
C ASN D 489 26.89 -20.56 -55.58
N PHE D 490 26.81 -19.23 -55.43
CA PHE D 490 27.95 -18.36 -55.68
C PHE D 490 28.96 -18.32 -54.54
N ASP D 491 28.56 -18.72 -53.33
CA ASP D 491 29.50 -18.65 -52.22
C ASP D 491 29.70 -19.99 -51.51
N ASP D 492 29.29 -21.07 -52.17
CA ASP D 492 29.54 -22.43 -51.68
C ASP D 492 31.01 -22.66 -51.39
N TYR D 493 31.82 -22.45 -52.42
CA TYR D 493 33.26 -22.67 -52.34
C TYR D 493 33.92 -21.72 -51.33
N LEU D 494 33.50 -20.46 -51.39
CA LEU D 494 34.05 -19.41 -50.53
C LEU D 494 33.84 -19.69 -49.05
N LEU D 495 32.69 -20.26 -48.71
CA LEU D 495 32.37 -20.48 -47.30
C LEU D 495 33.12 -21.69 -46.73
N GLU D 496 33.26 -22.76 -47.51
CA GLU D 496 33.93 -23.93 -46.95
C GLU D 496 35.45 -23.78 -46.95
N LEU D 497 35.99 -23.07 -47.93
CA LEU D 497 37.40 -22.72 -47.90
C LEU D 497 37.68 -21.87 -46.65
N TYR D 498 36.71 -21.02 -46.32
CA TYR D 498 36.76 -20.15 -45.14
C TYR D 498 36.90 -20.97 -43.86
N LYS D 499 36.06 -21.99 -43.73
CA LYS D 499 35.99 -22.81 -42.52
C LYS D 499 37.27 -23.62 -42.30
N LYS D 500 37.85 -24.12 -43.38
CA LYS D 500 39.07 -24.92 -43.29
C LYS D 500 40.23 -24.09 -42.78
N ALA D 501 40.31 -22.83 -43.22
CA ALA D 501 41.41 -21.96 -42.86
C ALA D 501 41.19 -21.22 -41.54
N LEU D 502 40.71 -21.92 -40.52
CA LEU D 502 40.51 -21.33 -39.20
C LEU D 502 40.77 -22.32 -38.08
#